data_5BTD
#
_entry.id   5BTD
#
_cell.length_a   107.907
_cell.length_b   83.158
_cell.length_c   129.203
_cell.angle_alpha   90.000
_cell.angle_beta   108.650
_cell.angle_gamma   90.000
#
_symmetry.space_group_name_H-M   'P 1 21 1'
#
loop_
_entity.id
_entity.type
_entity.pdbx_description
1 polymer 'DNA gyrase subunit A'
2 polymer 'DNA gyrase subunit B'
3 polymer 'DNA substrate 24-mer GGTCATGAATGACTATGCACGTAA'
4 polymer 'DNA substrate 24-mer TTACGTGCATAGTCATTCATGACC'
5 non-polymer 'MAGNESIUM ION'
6 non-polymer '1-cyclopropyl-6-fluoro-8-methoxy-7-[(3S)-3-methylpiperazin-1-yl]-4-oxo-1,4-dihydroquinoline-3-carboxylic acid'
7 water water
#
loop_
_entity_poly.entity_id
_entity_poly.type
_entity_poly.pdbx_seq_one_letter_code
_entity_poly.pdbx_strand_id
1 'polypeptide(L)'
;TDTTLPPDDSLDRIEPVDIEQEMQRSYIDYAMSVIVGRALPEVRDGLKPVHRRVLYAMFDSGFRPDRSHAKSARSVAETM
GNYHPHGDASIYDSLVRMAQPWSLRYPLVDGQGNFGSPGNDPPAAMR(PTR)TEARLTPLAMEMLREIDEETVDFIPNYD
GRVQEPTVLPSRFPNLLANGSGGIAVGMATNIPPHNLRELADAVFWALENHDADEEETLAAVMGRVKGPDFPTAGLIVGS
QGTADAYKTGRGSIRMRGVVEVEEDSRGRTSLVITELPYQVNHDNFITSIAEQVRDGKLAGISNIEDQSSDRVGLRIVIE
IKRDAVAKVVINNLYKHTQLQTSFGANMLAIVDGVPRTLRLDQLIRYYVDHQLDVIVRRTTYRLRKANERAHILRGLVKA
LDALDEVIALIRASETVDIARAGLIELLDIDEIQAQAILDMQLRRLAALERQRIIDDLAKIEAEIADLEDILAKPERQRG
IVRDELAEIVDRHGDDRRTRIIAIGSG
;
A,C
2 'polypeptide(L)'
;SNALVRRKSATDIGGLPGKLADCRSTDPRKSELYVVEGDSAGGSAKSGRDSMFQAILPLRGKIINVEKARIDRVLKNTEV
QAIITALGTGIHDEFDIGKLRYHKIVLMADADVDGQHISTLLLTLLFRFMRPLIENGHVFLAQPPLYKLKWQRSDPEFAY
SDRERDGLLEAGLKAGKKINKEDGIQRYKGLGEMDAKELWETTMDPSVRVLRQVTLDDAAAADELFSILMGEDVDARRSF
ITRNAKDVRFLDV
;
B,D
3 'polydeoxyribonucleotide'
;(DG)(DG)(DT)(DC)(DA)(DT)(DG)(DA)(DA)(DT)(DG)(DA)(DC)(DT)(DA)(DT)(DG)(DC)(DA)(DC)
(DG)(DT)(DA)(DA)
;
E,H
4 'polydeoxyribonucleotide'
;(DT)(DT)(DA)(DC)(DG)(DT)(DG)(DC)(DA)(DT)(DA)(DG)(DT)(DC)(DA)(DT)(DT)(DC)(DA)(DT)
(DG)(DA)(DC)(DC)
;
F,G
#
loop_
_chem_comp.id
_chem_comp.type
_chem_comp.name
_chem_comp.formula
DA DNA linking 2'-DEOXYADENOSINE-5'-MONOPHOSPHATE 'C10 H14 N5 O6 P'
DC DNA linking 2'-DEOXYCYTIDINE-5'-MONOPHOSPHATE 'C9 H14 N3 O7 P'
DG DNA linking 2'-DEOXYGUANOSINE-5'-MONOPHOSPHATE 'C10 H14 N5 O7 P'
DT DNA linking THYMIDINE-5'-MONOPHOSPHATE 'C10 H15 N2 O8 P'
GFN non-polymer '1-cyclopropyl-6-fluoro-8-methoxy-7-[(3S)-3-methylpiperazin-1-yl]-4-oxo-1,4-dihydroquinoline-3-carboxylic acid' 'C19 H22 F N3 O4'
MG non-polymer 'MAGNESIUM ION' 'Mg 2'
#
# COMPACT_ATOMS: atom_id res chain seq x y z
N ILE A 14 -32.28 26.81 6.50
CA ILE A 14 -30.86 27.08 6.37
C ILE A 14 -30.40 27.97 7.50
N GLU A 15 -29.38 27.52 8.23
CA GLU A 15 -28.87 28.22 9.40
C GLU A 15 -27.85 29.30 9.02
N PRO A 16 -27.92 30.48 9.66
CA PRO A 16 -26.92 31.52 9.38
C PRO A 16 -25.71 31.43 10.31
N VAL A 17 -24.53 31.74 9.78
CA VAL A 17 -23.30 31.75 10.57
C VAL A 17 -22.45 32.96 10.18
N ASP A 18 -21.91 33.65 11.18
CA ASP A 18 -21.11 34.84 10.92
C ASP A 18 -19.69 34.43 10.52
N ILE A 19 -19.12 35.17 9.57
CA ILE A 19 -17.82 34.80 9.02
C ILE A 19 -16.71 34.83 10.07
N GLU A 20 -16.80 35.75 11.03
CA GLU A 20 -15.79 35.85 12.08
C GLU A 20 -15.83 34.62 12.99
N GLN A 21 -17.03 34.19 13.33
CA GLN A 21 -17.21 32.99 14.14
C GLN A 21 -16.62 31.78 13.44
N GLU A 22 -16.97 31.62 12.16
CA GLU A 22 -16.49 30.49 11.37
C GLU A 22 -14.98 30.49 11.26
N MET A 23 -14.41 31.63 10.86
CA MET A 23 -12.97 31.77 10.67
C MET A 23 -12.18 31.47 11.95
N GLN A 24 -12.58 32.09 13.05
CA GLN A 24 -11.89 31.91 14.31
C GLN A 24 -11.92 30.45 14.76
N ARG A 25 -13.11 29.84 14.75
CA ARG A 25 -13.27 28.47 15.22
C ARG A 25 -12.46 27.51 14.35
N SER A 26 -12.63 27.63 13.04
CA SER A 26 -12.00 26.69 12.11
C SER A 26 -10.49 26.81 12.14
N TYR A 27 -9.96 28.03 12.14
CA TYR A 27 -8.51 28.21 12.08
C TYR A 27 -7.86 27.80 13.39
N ILE A 28 -8.51 28.09 14.51
CA ILE A 28 -7.99 27.69 15.81
C ILE A 28 -7.98 26.16 15.92
N ASP A 29 -9.05 25.53 15.45
CA ASP A 29 -9.13 24.07 15.48
C ASP A 29 -8.01 23.45 14.66
N TYR A 30 -7.71 24.05 13.51
CA TYR A 30 -6.63 23.55 12.66
C TYR A 30 -5.27 23.78 13.32
N ALA A 31 -5.05 25.00 13.80
CA ALA A 31 -3.77 25.34 14.42
C ALA A 31 -3.46 24.42 15.59
N MET A 32 -4.46 24.15 16.43
CA MET A 32 -4.26 23.35 17.63
C MET A 32 -3.93 21.89 17.30
N SER A 33 -4.59 21.34 16.28
CA SER A 33 -4.33 19.95 15.90
C SER A 33 -2.95 19.79 15.28
N VAL A 34 -2.56 20.73 14.43
CA VAL A 34 -1.23 20.74 13.85
C VAL A 34 -0.18 20.87 14.96
N ILE A 35 -0.42 21.78 15.90
CA ILE A 35 0.50 22.01 16.99
C ILE A 35 0.68 20.76 17.84
N VAL A 36 -0.43 20.18 18.28
CA VAL A 36 -0.40 19.10 19.25
C VAL A 36 -0.34 17.72 18.59
N GLY A 37 -0.94 17.59 17.40
CA GLY A 37 -1.12 16.30 16.76
C GLY A 37 -0.64 16.17 15.33
N ARG A 38 0.46 16.85 14.98
CA ARG A 38 1.03 16.69 13.66
C ARG A 38 2.50 17.10 13.55
N ALA A 39 2.78 18.38 13.76
CA ALA A 39 4.07 18.95 13.39
C ALA A 39 5.12 18.85 14.50
N LEU A 40 4.69 18.81 15.75
CA LEU A 40 5.62 18.93 16.87
C LEU A 40 5.75 17.64 17.68
N PRO A 41 6.98 17.35 18.16
CA PRO A 41 7.23 16.11 18.90
C PRO A 41 6.73 16.11 20.35
N GLU A 42 6.21 14.98 20.78
CA GLU A 42 5.97 14.73 22.21
C GLU A 42 7.32 14.68 22.93
N VAL A 43 7.44 15.37 24.05
CA VAL A 43 8.72 15.46 24.74
C VAL A 43 9.23 14.11 25.24
N ARG A 44 8.31 13.23 25.61
CA ARG A 44 8.66 11.98 26.26
C ARG A 44 9.35 10.95 25.34
N ASP A 45 8.87 10.84 24.11
CA ASP A 45 9.45 9.90 23.15
C ASP A 45 9.99 10.63 21.91
N GLY A 46 9.78 11.94 21.84
CA GLY A 46 10.31 12.73 20.74
C GLY A 46 9.67 12.42 19.42
N LEU A 47 8.48 11.84 19.44
CA LEU A 47 7.81 11.39 18.22
C LEU A 47 6.60 12.24 17.87
N LYS A 48 6.40 12.44 16.58
CA LYS A 48 5.16 12.97 16.05
C LYS A 48 4.19 11.81 15.82
N PRO A 49 2.89 12.09 15.71
CA PRO A 49 1.89 11.02 15.58
C PRO A 49 2.19 10.02 14.46
N VAL A 50 2.61 10.52 13.30
CA VAL A 50 2.86 9.63 12.17
C VAL A 50 4.01 8.67 12.45
N HIS A 51 5.05 9.18 13.10
CA HIS A 51 6.19 8.34 13.48
C HIS A 51 5.72 7.23 14.40
N ARG A 52 5.04 7.63 15.48
CA ARG A 52 4.60 6.70 16.50
C ARG A 52 3.73 5.61 15.89
N ARG A 53 2.86 6.01 14.98
CA ARG A 53 1.90 5.09 14.39
C ARG A 53 2.55 4.15 13.39
N VAL A 54 3.52 4.65 12.63
CA VAL A 54 4.28 3.80 11.71
C VAL A 54 5.03 2.73 12.49
N LEU A 55 5.77 3.16 13.52
CA LEU A 55 6.56 2.23 14.31
C LEU A 55 5.70 1.18 15.00
N TYR A 56 4.56 1.60 15.55
CA TYR A 56 3.68 0.66 16.24
C TYR A 56 3.03 -0.30 15.26
N ALA A 57 2.69 0.21 14.07
CA ALA A 57 2.10 -0.64 13.04
C ALA A 57 3.07 -1.75 12.68
N MET A 58 4.31 -1.37 12.43
CA MET A 58 5.36 -2.33 12.07
C MET A 58 5.61 -3.30 13.21
N PHE A 59 5.60 -2.78 14.43
CA PHE A 59 5.81 -3.57 15.62
C PHE A 59 4.73 -4.63 15.77
N ASP A 60 3.49 -4.19 15.72
CA ASP A 60 2.34 -5.06 15.89
C ASP A 60 2.26 -6.08 14.76
N SER A 61 2.73 -5.68 13.58
CA SER A 61 2.72 -6.54 12.40
C SER A 61 3.84 -7.58 12.46
N GLY A 62 4.76 -7.40 13.40
CA GLY A 62 5.86 -8.32 13.58
C GLY A 62 7.06 -8.00 12.70
N PHE A 63 7.05 -6.84 12.06
CA PHE A 63 8.16 -6.43 11.20
C PHE A 63 9.36 -6.01 12.05
N ARG A 64 9.95 -7.00 12.73
CA ARG A 64 11.00 -6.80 13.71
C ARG A 64 12.32 -7.38 13.20
N PRO A 65 13.45 -7.02 13.84
CA PRO A 65 14.77 -7.50 13.39
C PRO A 65 14.94 -9.02 13.44
N ASP A 66 14.06 -9.73 14.16
CA ASP A 66 14.14 -11.18 14.23
C ASP A 66 13.46 -11.85 13.03
N ARG A 67 13.06 -11.04 12.06
CA ARG A 67 12.43 -11.51 10.84
C ARG A 67 12.90 -10.71 9.65
N SER A 68 12.76 -11.27 8.45
CA SER A 68 13.24 -10.62 7.25
C SER A 68 12.45 -9.35 6.99
N HIS A 69 13.04 -8.44 6.23
CA HIS A 69 12.37 -7.19 5.87
C HIS A 69 11.06 -7.49 5.17
N ALA A 70 9.98 -6.87 5.63
CA ALA A 70 8.69 -6.94 4.95
C ALA A 70 8.64 -5.84 3.91
N LYS A 71 7.85 -6.05 2.86
CA LYS A 71 7.64 -5.02 1.85
C LYS A 71 7.10 -3.77 2.53
N SER A 72 7.68 -2.62 2.20
CA SER A 72 7.36 -1.38 2.91
C SER A 72 5.89 -0.99 2.68
N ALA A 73 5.33 -1.45 1.57
CA ALA A 73 3.91 -1.21 1.29
C ALA A 73 3.03 -1.78 2.40
N ARG A 74 3.45 -2.90 2.97
CA ARG A 74 2.70 -3.53 4.04
C ARG A 74 2.73 -2.69 5.31
N SER A 75 3.86 -2.04 5.59
CA SER A 75 3.96 -1.14 6.74
C SER A 75 3.10 0.09 6.53
N VAL A 76 3.14 0.66 5.32
CA VAL A 76 2.32 1.82 5.01
C VAL A 76 0.84 1.49 5.13
N ALA A 77 0.44 0.40 4.49
CA ALA A 77 -0.97 0.00 4.46
C ALA A 77 -1.47 -0.27 5.88
N GLU A 78 -0.64 -0.91 6.71
CA GLU A 78 -1.03 -1.22 8.08
C GLU A 78 -1.16 0.05 8.90
N THR A 79 -0.27 1.01 8.66
CA THR A 79 -0.33 2.28 9.37
C THR A 79 -1.58 3.04 8.94
N MET A 80 -1.79 3.08 7.63
CA MET A 80 -2.91 3.79 7.03
C MET A 80 -4.26 3.21 7.44
N GLY A 81 -4.34 1.88 7.45
CA GLY A 81 -5.60 1.19 7.66
C GLY A 81 -6.09 1.16 9.09
N ASN A 82 -5.18 1.32 10.05
CA ASN A 82 -5.53 1.15 11.47
C ASN A 82 -5.34 2.39 12.35
N TYR A 83 -4.36 3.24 12.01
CA TYR A 83 -3.93 4.29 12.93
C TYR A 83 -3.90 5.68 12.31
N HIS A 84 -3.40 5.78 11.08
CA HIS A 84 -3.15 7.07 10.46
C HIS A 84 -4.07 7.33 9.25
N PRO A 85 -5.19 8.06 9.49
CA PRO A 85 -6.17 8.23 8.41
C PRO A 85 -5.74 9.27 7.38
N HIS A 86 -4.66 8.97 6.66
CA HIS A 86 -4.15 9.89 5.65
C HIS A 86 -3.60 9.13 4.44
N GLY A 87 -2.91 9.85 3.56
CA GLY A 87 -2.48 9.28 2.29
C GLY A 87 -1.28 8.37 2.40
N ASP A 88 -1.22 7.39 1.49
CA ASP A 88 -0.12 6.43 1.47
C ASP A 88 1.21 7.05 1.10
N ALA A 89 1.17 8.06 0.22
CA ALA A 89 2.39 8.69 -0.27
C ALA A 89 3.20 9.32 0.86
N SER A 90 2.60 10.26 1.58
CA SER A 90 3.34 11.02 2.59
C SER A 90 3.71 10.14 3.79
N ILE A 91 2.94 9.09 4.03
CA ILE A 91 3.27 8.14 5.08
C ILE A 91 4.54 7.39 4.71
N TYR A 92 4.64 6.97 3.45
CA TYR A 92 5.84 6.30 2.98
C TYR A 92 7.04 7.23 3.06
N ASP A 93 6.83 8.52 2.77
CA ASP A 93 7.91 9.50 2.88
C ASP A 93 8.45 9.51 4.30
N SER A 94 7.52 9.51 5.27
CA SER A 94 7.90 9.56 6.67
C SER A 94 8.64 8.30 7.10
N LEU A 95 8.18 7.15 6.63
CA LEU A 95 8.84 5.89 6.92
C LEU A 95 10.25 5.87 6.31
N VAL A 96 10.36 6.32 5.07
CA VAL A 96 11.64 6.34 4.40
C VAL A 96 12.64 7.20 5.18
N ARG A 97 12.21 8.40 5.57
CA ARG A 97 13.10 9.33 6.26
C ARG A 97 13.67 8.71 7.53
N MET A 98 12.85 7.96 8.25
CA MET A 98 13.28 7.32 9.49
C MET A 98 14.31 6.21 9.26
N ALA A 99 14.60 5.91 7.99
CA ALA A 99 15.53 4.85 7.64
C ALA A 99 16.85 5.39 7.04
N GLN A 100 16.91 6.69 6.81
CA GLN A 100 18.08 7.31 6.19
C GLN A 100 19.13 7.68 7.23
N PRO A 101 20.37 7.13 7.10
CA PRO A 101 21.40 7.42 8.10
C PRO A 101 21.88 8.87 8.13
N TRP A 102 21.58 9.64 7.08
CA TRP A 102 21.99 11.04 7.02
C TRP A 102 20.88 11.96 7.53
N SER A 103 19.70 11.40 7.75
CA SER A 103 18.56 12.13 8.31
C SER A 103 18.44 11.91 9.81
N LEU A 104 18.38 10.64 10.22
CA LEU A 104 18.31 10.29 11.63
C LEU A 104 19.67 9.88 12.20
N ARG A 105 20.04 10.50 13.31
CA ARG A 105 21.28 10.17 14.01
C ARG A 105 21.27 8.72 14.50
N TYR A 106 20.07 8.23 14.83
CA TYR A 106 19.87 6.84 15.23
C TYR A 106 18.62 6.32 14.54
N PRO A 107 18.79 5.80 13.31
CA PRO A 107 17.67 5.32 12.50
C PRO A 107 16.76 4.36 13.24
N LEU A 108 15.46 4.54 13.05
CA LEU A 108 14.44 3.71 13.70
C LEU A 108 13.89 2.65 12.73
N VAL A 109 14.18 2.83 11.44
CA VAL A 109 13.75 1.89 10.42
C VAL A 109 14.96 1.32 9.70
N ASP A 110 15.00 -0.01 9.63
CA ASP A 110 15.99 -0.73 8.84
C ASP A 110 15.43 -0.90 7.43
N GLY A 111 15.93 -0.08 6.50
CA GLY A 111 15.49 -0.12 5.12
C GLY A 111 16.33 -1.07 4.28
N GLN A 112 15.68 -1.79 3.37
CA GLN A 112 16.39 -2.63 2.41
C GLN A 112 16.02 -2.17 1.00
N GLY A 113 17.02 -1.67 0.28
CA GLY A 113 16.81 -1.19 -1.07
C GLY A 113 17.27 0.24 -1.24
N ASN A 114 16.72 0.92 -2.25
CA ASN A 114 17.06 2.30 -2.51
C ASN A 114 16.19 3.28 -1.73
N PHE A 115 16.77 3.87 -0.70
CA PHE A 115 16.09 4.86 0.12
C PHE A 115 16.63 6.27 -0.14
N GLY A 116 17.25 6.44 -1.30
CA GLY A 116 17.73 7.74 -1.76
C GLY A 116 19.14 8.04 -1.30
N SER A 117 19.52 9.31 -1.42
CA SER A 117 20.86 9.76 -1.01
C SER A 117 20.80 11.16 -0.40
N PRO A 118 21.91 11.62 0.20
CA PRO A 118 21.96 12.99 0.74
C PRO A 118 21.82 14.06 -0.34
N GLY A 119 21.90 13.66 -1.60
CA GLY A 119 21.72 14.56 -2.72
C GLY A 119 20.30 14.56 -3.25
N ASN A 120 20.16 14.78 -4.55
CA ASN A 120 18.85 14.89 -5.18
C ASN A 120 18.32 13.54 -5.70
N ASP A 121 19.07 12.47 -5.45
CA ASP A 121 18.61 11.13 -5.84
C ASP A 121 17.42 10.72 -4.96
N PRO A 122 16.21 10.67 -5.55
CA PRO A 122 15.03 10.36 -4.72
C PRO A 122 14.97 8.90 -4.32
N PRO A 123 14.26 8.58 -3.22
CA PRO A 123 14.12 7.18 -2.83
C PRO A 123 13.36 6.39 -3.87
N ALA A 124 13.54 5.07 -3.91
CA ALA A 124 12.75 4.24 -4.78
C ALA A 124 11.30 4.28 -4.33
N ALA A 125 10.39 3.94 -5.23
CA ALA A 125 8.98 3.90 -4.89
C ALA A 125 8.70 2.76 -3.91
N MET A 126 7.56 2.86 -3.25
CA MET A 126 7.11 1.90 -2.25
C MET A 126 7.28 0.43 -2.70
N ARG A 127 6.95 0.16 -3.95
CA ARG A 127 6.98 -1.20 -4.49
CA ARG A 127 6.96 -1.21 -4.48
C ARG A 127 8.35 -1.87 -4.42
N PTR A 128 9.41 -1.07 -4.46
CA PTR A 128 10.75 -1.63 -4.66
C PTR A 128 11.45 -1.88 -3.37
O PTR A 128 12.47 -2.58 -3.36
CB PTR A 128 11.64 -0.66 -5.44
CG PTR A 128 11.10 -0.40 -6.82
CD1 PTR A 128 10.56 0.86 -7.12
CD2 PTR A 128 11.17 -1.38 -7.79
CE1 PTR A 128 10.08 1.11 -8.39
CE2 PTR A 128 10.67 -1.13 -9.07
CZ PTR A 128 10.13 0.12 -9.37
OH PTR A 128 9.64 0.36 -10.63
P PTR A 128 10.09 1.68 -11.44
O1P PTR A 128 9.78 1.33 -12.88
O2P PTR A 128 9.22 2.76 -10.86
O3P PTR A 128 11.56 1.81 -11.14
HA PTR A 128 10.69 -2.46 -5.16
HB2 PTR A 128 11.70 0.18 -4.96
HB3 PTR A 128 12.52 -1.06 -5.53
HD1 PTR A 128 10.52 1.52 -6.46
HD2 PTR A 128 11.54 -2.21 -7.58
HE1 PTR A 128 9.71 1.94 -8.60
HE2 PTR A 128 10.71 -1.79 -9.72
N THR A 129 10.95 -1.30 -2.28
CA THR A 129 11.69 -1.32 -1.03
C THR A 129 11.05 -2.21 0.03
N GLU A 130 11.89 -2.70 0.94
CA GLU A 130 11.44 -3.46 2.09
C GLU A 130 11.88 -2.73 3.36
N ALA A 131 11.30 -3.09 4.49
CA ALA A 131 11.60 -2.39 5.72
C ALA A 131 11.18 -3.17 6.96
N ARG A 132 11.90 -2.93 8.05
CA ARG A 132 11.58 -3.50 9.35
C ARG A 132 12.09 -2.54 10.41
N LEU A 133 11.76 -2.81 11.66
CA LEU A 133 12.23 -1.98 12.76
C LEU A 133 13.71 -2.27 13.05
N THR A 134 14.43 -1.25 13.53
CA THR A 134 15.80 -1.43 13.97
C THR A 134 15.81 -1.85 15.44
N PRO A 135 16.94 -2.39 15.92
CA PRO A 135 17.07 -2.77 17.33
C PRO A 135 16.77 -1.61 18.29
N LEU A 136 17.20 -0.40 17.97
CA LEU A 136 16.92 0.75 18.81
C LEU A 136 15.43 1.08 18.82
N ALA A 137 14.80 0.95 17.65
CA ALA A 137 13.37 1.19 17.55
C ALA A 137 12.63 0.17 18.41
N MET A 138 13.26 -1.00 18.57
CA MET A 138 12.71 -2.04 19.42
C MET A 138 12.81 -1.62 20.89
N GLU A 139 13.74 -0.72 21.19
CA GLU A 139 13.88 -0.17 22.54
C GLU A 139 12.88 0.96 22.75
N MET A 140 12.41 1.57 21.66
CA MET A 140 11.34 2.56 21.75
C MET A 140 10.05 1.87 22.19
N LEU A 141 9.88 0.62 21.75
CA LEU A 141 8.63 -0.12 21.93
C LEU A 141 8.74 -1.17 23.02
N ARG A 142 9.87 -1.19 23.73
CA ARG A 142 10.13 -2.21 24.74
C ARG A 142 9.05 -2.28 25.82
N GLU A 143 8.43 -3.45 25.92
CA GLU A 143 7.46 -3.74 26.97
C GLU A 143 6.24 -2.84 26.90
N ILE A 144 5.91 -2.39 25.69
CA ILE A 144 4.72 -1.57 25.48
C ILE A 144 3.45 -2.38 25.76
N ASP A 145 3.59 -3.70 25.74
CA ASP A 145 2.46 -4.60 25.96
C ASP A 145 2.28 -4.95 27.43
N GLU A 146 3.02 -4.27 28.30
CA GLU A 146 2.93 -4.49 29.75
C GLU A 146 2.32 -3.27 30.43
N GLU A 147 1.38 -2.63 29.73
CA GLU A 147 0.63 -1.49 30.26
C GLU A 147 1.57 -0.38 30.74
N THR A 148 2.65 -0.16 29.99
CA THR A 148 3.65 0.84 30.34
C THR A 148 3.25 2.24 29.84
N VAL A 149 2.28 2.30 28.94
CA VAL A 149 1.82 3.57 28.39
C VAL A 149 0.31 3.54 28.14
N ASP A 150 -0.31 4.70 28.23
CA ASP A 150 -1.74 4.80 27.97
C ASP A 150 -2.05 4.53 26.52
N PHE A 151 -3.09 3.73 26.29
CA PHE A 151 -3.62 3.49 24.96
C PHE A 151 -4.96 4.18 24.82
N ILE A 152 -5.29 4.56 23.59
CA ILE A 152 -6.61 5.11 23.28
C ILE A 152 -7.15 4.44 22.03
N PRO A 153 -8.47 4.55 21.80
CA PRO A 153 -9.04 4.02 20.56
C PRO A 153 -8.49 4.76 19.34
N ASN A 154 -8.38 4.07 18.20
CA ASN A 154 -7.89 4.68 16.97
C ASN A 154 -8.95 5.61 16.37
N TYR A 155 -8.77 5.99 15.11
CA TYR A 155 -9.59 7.02 14.49
C TYR A 155 -11.04 6.57 14.25
N ASP A 156 -11.31 5.27 14.35
CA ASP A 156 -12.67 4.76 14.18
C ASP A 156 -13.07 3.76 15.28
N GLY A 157 -12.26 3.69 16.33
CA GLY A 157 -12.62 2.91 17.51
C GLY A 157 -12.50 1.40 17.32
N ARG A 158 -12.05 0.97 16.15
CA ARG A 158 -11.87 -0.46 15.89
C ARG A 158 -10.77 -1.09 16.74
N VAL A 159 -9.68 -0.35 16.94
CA VAL A 159 -8.54 -0.86 17.69
C VAL A 159 -7.92 0.21 18.59
N GLN A 160 -7.02 -0.22 19.47
CA GLN A 160 -6.31 0.69 20.37
C GLN A 160 -4.95 1.08 19.80
N GLU A 161 -4.51 2.31 20.08
CA GLU A 161 -3.17 2.74 19.71
C GLU A 161 -2.51 3.43 20.90
N PRO A 162 -1.17 3.40 20.96
CA PRO A 162 -0.45 4.02 22.07
C PRO A 162 -0.38 5.54 21.97
N THR A 163 -0.62 6.22 23.10
CA THR A 163 -0.52 7.67 23.16
C THR A 163 0.93 8.12 23.11
N VAL A 164 1.82 7.28 23.63
CA VAL A 164 3.25 7.54 23.63
C VAL A 164 3.98 6.20 23.72
N LEU A 165 5.23 6.15 23.26
CA LEU A 165 6.01 4.92 23.35
C LEU A 165 6.86 4.92 24.63
N PRO A 166 7.19 3.72 25.14
CA PRO A 166 8.09 3.59 26.29
C PRO A 166 9.40 4.36 26.11
N SER A 167 9.96 4.32 24.91
CA SER A 167 11.14 5.11 24.59
C SER A 167 12.25 4.90 25.61
N ARG A 168 12.85 3.72 25.60
CA ARG A 168 13.84 3.36 26.62
C ARG A 168 15.23 3.94 26.33
N PHE A 169 15.28 4.92 25.43
CA PHE A 169 16.45 5.79 25.28
C PHE A 169 15.92 7.17 24.91
N PRO A 170 16.61 8.24 25.33
CA PRO A 170 16.10 9.61 25.15
C PRO A 170 16.06 10.04 23.69
N ASN A 171 14.99 9.63 23.00
CA ASN A 171 14.92 9.72 21.55
C ASN A 171 14.81 11.14 21.01
N LEU A 172 14.07 12.00 21.72
CA LEU A 172 13.89 13.38 21.25
C LEU A 172 15.22 14.08 21.07
N LEU A 173 16.07 13.99 22.09
CA LEU A 173 17.38 14.63 22.05
C LEU A 173 18.34 13.89 21.12
N ALA A 174 18.20 12.57 21.07
CA ALA A 174 19.11 11.74 20.28
C ALA A 174 18.93 11.99 18.79
N ASN A 175 17.69 11.86 18.32
CA ASN A 175 17.38 12.00 16.89
C ASN A 175 16.91 13.41 16.51
N GLY A 176 16.60 14.21 17.51
CA GLY A 176 16.17 15.58 17.26
C GLY A 176 14.81 15.64 16.59
N SER A 177 14.39 16.85 16.20
CA SER A 177 13.11 17.03 15.54
C SER A 177 13.00 18.40 14.89
N GLY A 178 12.39 18.44 13.72
CA GLY A 178 12.10 19.67 13.02
C GLY A 178 10.65 19.64 12.54
N GLY A 179 9.91 20.71 12.78
CA GLY A 179 8.51 20.74 12.45
C GLY A 179 7.97 22.14 12.32
N ILE A 180 7.20 22.37 11.25
CA ILE A 180 6.55 23.65 11.02
C ILE A 180 5.07 23.50 11.37
N ALA A 181 4.64 24.20 12.41
CA ALA A 181 3.25 24.13 12.87
C ALA A 181 2.53 25.43 12.49
N VAL A 182 1.63 25.88 13.36
CA VAL A 182 0.95 27.15 13.16
C VAL A 182 1.25 28.06 14.34
N GLY A 183 1.77 29.25 14.05
CA GLY A 183 2.15 30.19 15.09
C GLY A 183 3.48 29.85 15.74
N MET A 184 4.04 28.67 15.41
CA MET A 184 5.30 28.23 15.99
C MET A 184 5.89 27.07 15.19
N ALA A 185 7.17 26.79 15.44
CA ALA A 185 7.86 25.68 14.79
C ALA A 185 8.95 25.18 15.72
N THR A 186 9.39 23.94 15.52
CA THR A 186 10.45 23.36 16.33
C THR A 186 11.68 23.04 15.49
N ASN A 187 12.84 23.03 16.15
CA ASN A 187 14.07 22.62 15.50
C ASN A 187 15.08 22.16 16.54
N ILE A 188 14.92 20.92 16.97
CA ILE A 188 15.81 20.31 17.96
C ILE A 188 16.87 19.47 17.26
N PRO A 189 18.15 19.76 17.50
CA PRO A 189 19.19 18.99 16.81
C PRO A 189 19.42 17.63 17.45
N PRO A 190 20.03 16.69 16.71
CA PRO A 190 20.34 15.37 17.29
C PRO A 190 21.55 15.43 18.22
N HIS A 191 21.70 14.42 19.08
CA HIS A 191 22.79 14.39 20.05
C HIS A 191 23.38 12.99 20.16
N ASN A 192 24.58 12.92 20.73
CA ASN A 192 25.25 11.64 20.91
C ASN A 192 24.65 10.86 22.08
N LEU A 193 24.22 9.65 21.80
CA LEU A 193 23.50 8.84 22.79
C LEU A 193 24.29 8.66 24.09
N ARG A 194 25.59 8.39 23.98
CA ARG A 194 26.42 8.17 25.17
C ARG A 194 26.44 9.41 26.08
N GLU A 195 26.48 10.60 25.46
CA GLU A 195 26.51 11.84 26.22
C GLU A 195 25.17 12.07 26.92
N LEU A 196 24.08 11.77 26.21
CA LEU A 196 22.74 11.91 26.77
C LEU A 196 22.56 10.97 27.96
N ALA A 197 23.13 9.76 27.85
CA ALA A 197 23.03 8.78 28.91
C ALA A 197 23.67 9.28 30.20
N ASP A 198 24.86 9.87 30.07
CA ASP A 198 25.56 10.44 31.21
C ASP A 198 24.69 11.50 31.87
N ALA A 199 24.04 12.33 31.06
CA ALA A 199 23.16 13.36 31.57
C ALA A 199 22.01 12.74 32.35
N VAL A 200 21.44 11.66 31.81
CA VAL A 200 20.36 10.95 32.47
C VAL A 200 20.84 10.29 33.76
N PHE A 201 22.02 9.68 33.69
CA PHE A 201 22.60 9.01 34.85
C PHE A 201 22.79 10.00 35.98
N TRP A 202 23.24 11.21 35.66
CA TRP A 202 23.41 12.25 36.66
C TRP A 202 22.06 12.69 37.22
N ALA A 203 21.08 12.84 36.33
CA ALA A 203 19.74 13.26 36.74
C ALA A 203 19.12 12.24 37.69
N LEU A 204 19.43 10.97 37.48
CA LEU A 204 18.91 9.91 38.34
C LEU A 204 19.58 9.91 39.70
N GLU A 205 20.90 10.05 39.69
CA GLU A 205 21.66 10.10 40.94
C GLU A 205 21.31 11.35 41.73
N ASN A 206 21.35 12.49 41.06
CA ASN A 206 20.99 13.77 41.66
C ASN A 206 19.54 14.11 41.37
N HIS A 207 18.64 13.26 41.85
CA HIS A 207 17.21 13.40 41.58
C HIS A 207 16.56 14.57 42.34
N ASP A 208 17.25 15.07 43.36
CA ASP A 208 16.73 16.18 44.17
C ASP A 208 17.32 17.52 43.78
N ALA A 209 18.35 17.48 42.93
CA ALA A 209 19.04 18.71 42.51
C ALA A 209 18.06 19.67 41.87
N ASP A 210 18.23 20.96 42.15
CA ASP A 210 17.37 21.99 41.58
C ASP A 210 17.72 22.20 40.11
N GLU A 211 16.98 23.08 39.44
CA GLU A 211 17.16 23.31 38.02
C GLU A 211 18.53 23.93 37.70
N GLU A 212 18.99 24.84 38.54
CA GLU A 212 20.25 25.53 38.30
C GLU A 212 21.42 24.54 38.28
N GLU A 213 21.46 23.65 39.27
CA GLU A 213 22.50 22.63 39.33
C GLU A 213 22.36 21.62 38.19
N THR A 214 21.12 21.21 37.94
CA THR A 214 20.86 20.20 36.92
C THR A 214 21.26 20.71 35.53
N LEU A 215 20.96 21.97 35.26
CA LEU A 215 21.32 22.56 33.98
C LEU A 215 22.83 22.60 33.81
N ALA A 216 23.54 22.97 34.88
CA ALA A 216 25.00 23.01 34.83
C ALA A 216 25.56 21.62 34.57
N ALA A 217 25.06 20.63 35.31
CA ALA A 217 25.55 19.26 35.22
C ALA A 217 25.30 18.66 33.85
N VAL A 218 24.06 18.81 33.37
CA VAL A 218 23.66 18.23 32.09
C VAL A 218 24.41 18.87 30.92
N MET A 219 24.66 20.18 31.02
CA MET A 219 25.37 20.90 29.97
C MET A 219 26.83 20.48 29.89
N GLY A 220 27.37 20.04 31.02
CA GLY A 220 28.74 19.55 31.07
C GLY A 220 28.92 18.20 30.40
N ARG A 221 27.85 17.40 30.41
CA ARG A 221 27.90 16.06 29.86
C ARG A 221 27.44 16.00 28.40
N VAL A 222 26.43 16.80 28.07
CA VAL A 222 25.99 16.94 26.69
C VAL A 222 26.79 18.06 26.04
N LYS A 223 27.90 17.70 25.42
CA LYS A 223 28.86 18.69 24.93
C LYS A 223 28.30 19.52 23.77
N GLY A 224 27.26 19.01 23.14
CA GLY A 224 26.64 19.70 22.01
C GLY A 224 25.95 18.72 21.10
N PRO A 225 25.29 19.24 20.05
CA PRO A 225 24.65 18.36 19.07
C PRO A 225 25.66 17.42 18.41
N ASP A 226 25.19 16.25 18.02
CA ASP A 226 25.99 15.29 17.28
C ASP A 226 25.23 14.89 16.02
N PHE A 227 25.60 15.48 14.89
CA PHE A 227 24.86 15.26 13.64
C PHE A 227 25.27 13.97 12.95
N PRO A 228 24.31 13.28 12.33
CA PRO A 228 24.63 12.06 11.58
C PRO A 228 25.57 12.32 10.40
N THR A 229 25.61 13.56 9.96
CA THR A 229 26.43 13.94 8.82
C THR A 229 27.83 14.37 9.24
N ALA A 230 28.19 14.11 10.50
CA ALA A 230 29.48 14.48 11.05
C ALA A 230 29.71 15.99 10.95
N GLY A 231 30.80 16.41 10.31
CA GLY A 231 31.09 17.82 10.15
C GLY A 231 31.69 18.44 11.39
N LEU A 232 31.55 19.76 11.52
CA LEU A 232 32.15 20.51 12.62
C LEU A 232 31.16 21.43 13.29
N ILE A 233 31.34 21.64 14.59
CA ILE A 233 30.68 22.73 15.31
C ILE A 233 31.73 23.75 15.72
N VAL A 234 31.54 24.99 15.26
CA VAL A 234 32.47 26.06 15.56
C VAL A 234 31.87 26.97 16.64
N GLY A 235 32.61 27.13 17.74
CA GLY A 235 32.16 27.97 18.84
C GLY A 235 31.32 27.19 19.84
N SER A 236 30.98 27.85 20.94
CA SER A 236 30.25 27.21 22.03
C SER A 236 29.05 28.04 22.50
N GLN A 237 29.00 29.30 22.08
CA GLN A 237 27.98 30.23 22.53
C GLN A 237 26.57 29.76 22.14
N GLY A 238 26.38 29.47 20.86
CA GLY A 238 25.10 29.04 20.33
C GLY A 238 24.57 27.78 21.00
N THR A 239 25.46 26.83 21.25
CA THR A 239 25.10 25.61 21.95
C THR A 239 24.61 25.92 23.35
N ALA A 240 25.37 26.77 24.05
CA ALA A 240 25.02 27.18 25.40
C ALA A 240 23.68 27.90 25.43
N ASP A 241 23.46 28.80 24.47
CA ASP A 241 22.21 29.54 24.37
C ASP A 241 21.03 28.59 24.24
N ALA A 242 21.19 27.60 23.37
CA ALA A 242 20.13 26.62 23.10
C ALA A 242 19.74 25.84 24.35
N TYR A 243 20.73 25.49 25.16
CA TYR A 243 20.50 24.70 26.38
C TYR A 243 19.99 25.55 27.54
N LYS A 244 20.34 26.84 27.54
CA LYS A 244 19.93 27.74 28.62
C LYS A 244 18.64 28.49 28.29
N THR A 245 18.41 28.74 27.01
CA THR A 245 17.29 29.57 26.57
C THR A 245 16.20 28.73 25.90
N GLY A 246 16.62 27.67 25.23
CA GLY A 246 15.75 26.90 24.37
C GLY A 246 15.85 27.42 22.95
N ARG A 247 16.65 28.46 22.75
CA ARG A 247 16.89 29.01 21.42
C ARG A 247 18.37 29.35 21.27
N GLY A 248 18.94 29.04 20.10
CA GLY A 248 20.35 29.29 19.85
C GLY A 248 20.78 28.99 18.42
N SER A 249 21.77 29.75 17.96
CA SER A 249 22.30 29.60 16.61
C SER A 249 23.66 28.87 16.63
N ILE A 250 23.67 27.64 16.16
CA ILE A 250 24.87 26.80 16.19
C ILE A 250 25.56 26.77 14.83
N ARG A 251 26.78 27.28 14.81
CA ARG A 251 27.58 27.34 13.57
C ARG A 251 28.15 25.98 13.21
N MET A 252 27.79 25.49 12.02
CA MET A 252 28.31 24.21 11.52
C MET A 252 29.27 24.43 10.38
N ARG A 253 30.19 23.48 10.20
CA ARG A 253 31.09 23.48 9.05
C ARG A 253 31.32 22.07 8.56
N GLY A 254 31.59 21.95 7.26
CA GLY A 254 32.04 20.70 6.68
C GLY A 254 33.52 20.56 6.91
N VAL A 255 34.11 19.50 6.38
CA VAL A 255 35.54 19.25 6.53
C VAL A 255 36.24 19.44 5.19
N VAL A 256 37.29 20.26 5.20
CA VAL A 256 38.08 20.55 4.01
C VAL A 256 39.52 20.14 4.22
N GLU A 257 40.08 19.47 3.23
CA GLU A 257 41.47 19.02 3.29
C GLU A 257 42.19 19.47 2.03
N VAL A 258 43.20 20.32 2.20
CA VAL A 258 43.96 20.83 1.06
C VAL A 258 44.96 19.78 0.59
N GLU A 259 44.96 19.52 -0.71
CA GLU A 259 45.89 18.58 -1.32
C GLU A 259 46.75 19.27 -2.37
N GLU A 260 48.03 18.92 -2.41
CA GLU A 260 48.95 19.52 -3.37
C GLU A 260 49.33 18.51 -4.45
N ASP A 261 48.95 18.83 -5.69
CA ASP A 261 49.25 17.95 -6.82
C ASP A 261 50.74 17.90 -7.09
N SER A 262 51.12 17.26 -8.19
CA SER A 262 52.53 17.13 -8.56
C SER A 262 52.94 18.27 -9.48
N ARG A 263 51.97 18.82 -10.22
CA ARG A 263 52.24 19.92 -11.14
C ARG A 263 52.07 21.26 -10.45
N GLY A 264 51.92 21.23 -9.13
CA GLY A 264 51.76 22.45 -8.36
C GLY A 264 50.33 22.97 -8.41
N ARG A 265 49.38 22.05 -8.47
CA ARG A 265 47.97 22.41 -8.53
C ARG A 265 47.26 22.05 -7.22
N THR A 266 47.07 23.06 -6.37
CA THR A 266 46.41 22.86 -5.08
C THR A 266 44.90 22.75 -5.26
N SER A 267 44.29 21.81 -4.55
CA SER A 267 42.86 21.59 -4.62
C SER A 267 42.25 21.30 -3.26
N LEU A 268 41.04 21.79 -3.08
CA LEU A 268 40.29 21.60 -1.83
C LEU A 268 39.42 20.36 -1.95
N VAL A 269 39.54 19.45 -0.98
CA VAL A 269 38.75 18.23 -0.95
C VAL A 269 37.77 18.27 0.22
N ILE A 270 36.49 18.40 -0.11
CA ILE A 270 35.42 18.42 0.89
C ILE A 270 34.87 17.02 1.08
N THR A 271 34.99 16.50 2.30
CA THR A 271 34.61 15.11 2.60
C THR A 271 33.42 15.03 3.54
N GLU A 272 33.04 16.15 4.13
CA GLU A 272 31.89 16.21 5.03
C GLU A 272 31.18 17.54 4.84
N LEU A 273 29.87 17.55 5.05
CA LEU A 273 29.09 18.77 4.99
C LEU A 273 28.23 18.92 6.24
N PRO A 274 27.81 20.16 6.55
CA PRO A 274 26.95 20.35 7.72
C PRO A 274 25.59 19.71 7.56
N TYR A 275 24.89 19.54 8.69
CA TYR A 275 23.62 18.84 8.75
C TYR A 275 22.60 19.44 7.77
N GLN A 276 21.92 18.54 7.05
CA GLN A 276 20.83 18.92 6.14
C GLN A 276 21.28 19.81 4.98
N VAL A 277 22.49 19.58 4.48
CA VAL A 277 22.96 20.24 3.25
C VAL A 277 22.98 19.25 2.09
N ASN A 278 22.14 19.52 1.11
CA ASN A 278 22.04 18.68 -0.07
C ASN A 278 23.36 18.72 -0.88
N HIS A 279 23.93 17.54 -1.11
CA HIS A 279 25.22 17.43 -1.79
C HIS A 279 25.16 18.03 -3.19
N ASP A 280 24.11 17.72 -3.92
CA ASP A 280 23.97 18.18 -5.29
C ASP A 280 23.70 19.69 -5.36
N ASN A 281 22.86 20.19 -4.45
CA ASN A 281 22.60 21.62 -4.37
C ASN A 281 23.85 22.39 -3.98
N PHE A 282 24.66 21.78 -3.13
CA PHE A 282 25.91 22.38 -2.69
C PHE A 282 26.88 22.53 -3.87
N ILE A 283 27.02 21.46 -4.65
CA ILE A 283 27.89 21.49 -5.81
C ILE A 283 27.36 22.50 -6.82
N THR A 284 26.04 22.50 -7.03
CA THR A 284 25.42 23.40 -7.98
C THR A 284 25.62 24.86 -7.57
N SER A 285 25.53 25.12 -6.28
CA SER A 285 25.69 26.48 -5.76
C SER A 285 27.09 27.02 -6.05
N ILE A 286 28.10 26.19 -5.82
CA ILE A 286 29.48 26.58 -6.10
C ILE A 286 29.66 26.85 -7.60
N ALA A 287 29.11 25.96 -8.42
CA ALA A 287 29.24 26.05 -9.86
C ALA A 287 28.59 27.31 -10.41
N GLU A 288 27.43 27.65 -9.89
CA GLU A 288 26.70 28.82 -10.37
C GLU A 288 27.31 30.13 -9.88
N GLN A 289 28.06 30.08 -8.81
CA GLN A 289 28.70 31.28 -8.35
C GLN A 289 30.09 31.47 -8.96
N VAL A 290 30.53 30.46 -9.68
CA VAL A 290 31.77 30.53 -10.40
C VAL A 290 31.42 30.85 -11.84
N ARG A 291 30.23 30.44 -12.26
CA ARG A 291 29.67 30.80 -13.55
C ARG A 291 29.59 32.30 -13.47
N ASP A 292 28.69 32.72 -12.61
CA ASP A 292 28.68 34.06 -12.13
C ASP A 292 29.92 34.10 -11.30
N GLY A 293 30.86 34.92 -11.74
CA GLY A 293 32.14 35.03 -11.08
C GLY A 293 32.00 35.72 -9.75
N LYS A 294 31.86 34.94 -8.72
CA LYS A 294 31.86 35.48 -7.39
C LYS A 294 32.60 34.56 -6.42
N LEU A 295 33.37 33.63 -6.98
CA LEU A 295 34.23 32.76 -6.20
C LEU A 295 35.50 32.58 -6.99
N ALA A 296 36.05 33.69 -7.41
CA ALA A 296 37.29 33.61 -8.18
C ALA A 296 38.33 32.83 -7.36
N GLY A 297 39.39 32.40 -8.03
CA GLY A 297 40.40 31.57 -7.39
C GLY A 297 40.11 30.10 -7.61
N ILE A 298 38.85 29.76 -7.85
CA ILE A 298 38.47 28.40 -8.19
C ILE A 298 38.73 28.16 -9.68
N SER A 299 39.40 27.05 -9.96
CA SER A 299 39.75 26.67 -11.33
C SER A 299 38.82 25.60 -11.89
N ASN A 300 38.52 24.59 -11.07
CA ASN A 300 37.71 23.46 -11.52
C ASN A 300 36.99 22.78 -10.36
N ILE A 301 35.77 22.32 -10.61
CA ILE A 301 34.96 21.62 -9.62
C ILE A 301 34.68 20.20 -10.12
N GLU A 302 35.07 19.20 -9.34
CA GLU A 302 34.87 17.80 -9.73
C GLU A 302 34.35 16.97 -8.56
N ASP A 303 33.23 16.29 -8.80
CA ASP A 303 32.60 15.43 -7.80
C ASP A 303 33.13 14.01 -7.94
N GLN A 304 34.14 13.68 -7.13
CA GLN A 304 34.74 12.35 -7.15
C GLN A 304 34.09 11.45 -6.11
N SER A 305 32.84 11.74 -5.76
CA SER A 305 32.13 10.95 -4.77
C SER A 305 31.78 9.58 -5.33
N SER A 306 31.69 8.59 -4.45
CA SER A 306 31.23 7.26 -4.81
C SER A 306 30.71 6.55 -3.58
N ASP A 307 30.04 5.42 -3.78
CA ASP A 307 29.52 4.63 -2.67
C ASP A 307 30.64 4.07 -1.79
N ARG A 308 31.87 4.11 -2.31
CA ARG A 308 33.00 3.48 -1.62
C ARG A 308 33.92 4.45 -0.87
N VAL A 309 33.98 5.70 -1.31
CA VAL A 309 34.80 6.73 -0.64
C VAL A 309 33.94 7.77 0.07
N GLY A 310 32.63 7.70 -0.15
CA GLY A 310 31.71 8.66 0.43
C GLY A 310 31.76 9.99 -0.30
N LEU A 311 31.44 11.06 0.42
CA LEU A 311 31.50 12.40 -0.14
C LEU A 311 32.95 12.79 -0.44
N ARG A 312 33.16 13.30 -1.65
CA ARG A 312 34.49 13.74 -2.06
C ARG A 312 34.39 14.72 -3.21
N ILE A 313 34.24 15.99 -2.86
CA ILE A 313 34.15 17.07 -3.84
C ILE A 313 35.50 17.77 -3.93
N VAL A 314 36.14 17.66 -5.09
CA VAL A 314 37.46 18.24 -5.32
C VAL A 314 37.34 19.60 -5.99
N ILE A 315 37.84 20.64 -5.33
CA ILE A 315 37.83 22.01 -5.86
C ILE A 315 39.26 22.46 -6.12
N GLU A 316 39.71 22.29 -7.37
CA GLU A 316 41.01 22.77 -7.79
C GLU A 316 40.99 24.29 -7.88
N ILE A 317 41.97 24.95 -7.26
CA ILE A 317 42.05 26.41 -7.28
C ILE A 317 43.20 26.91 -8.14
N LYS A 318 43.10 28.15 -8.60
CA LYS A 318 44.12 28.73 -9.45
C LYS A 318 45.43 28.93 -8.70
N ARG A 319 46.51 29.08 -9.44
CA ARG A 319 47.84 29.20 -8.86
C ARG A 319 48.06 30.52 -8.13
N ASP A 320 47.43 31.59 -8.62
CA ASP A 320 47.53 32.89 -7.97
C ASP A 320 46.42 33.06 -6.95
N ALA A 321 46.10 31.98 -6.26
CA ALA A 321 45.02 31.97 -5.27
C ALA A 321 45.47 31.25 -4.01
N VAL A 322 45.13 31.83 -2.86
CA VAL A 322 45.47 31.24 -1.57
C VAL A 322 44.34 30.31 -1.14
N ALA A 323 44.70 29.12 -0.69
CA ALA A 323 43.73 28.10 -0.31
C ALA A 323 42.78 28.61 0.79
N LYS A 324 43.35 29.20 1.83
CA LYS A 324 42.57 29.69 2.97
C LYS A 324 41.60 30.78 2.57
N VAL A 325 41.99 31.62 1.62
CA VAL A 325 41.12 32.67 1.10
C VAL A 325 39.89 32.06 0.42
N VAL A 326 40.12 31.05 -0.41
CA VAL A 326 39.05 30.37 -1.12
C VAL A 326 38.11 29.63 -0.16
N ILE A 327 38.69 29.00 0.86
CA ILE A 327 37.89 28.27 1.84
C ILE A 327 36.98 29.22 2.62
N ASN A 328 37.52 30.38 3.01
CA ASN A 328 36.71 31.40 3.68
C ASN A 328 35.61 31.90 2.76
N ASN A 329 35.95 32.07 1.48
CA ASN A 329 34.97 32.48 0.49
C ASN A 329 33.86 31.43 0.39
N LEU A 330 34.25 30.17 0.51
CA LEU A 330 33.28 29.07 0.52
C LEU A 330 32.43 29.09 1.80
N TYR A 331 33.06 29.40 2.93
CA TYR A 331 32.34 29.52 4.19
C TYR A 331 31.29 30.63 4.08
N LYS A 332 31.69 31.75 3.49
CA LYS A 332 30.82 32.92 3.38
C LYS A 332 29.67 32.72 2.41
N HIS A 333 29.99 32.23 1.21
CA HIS A 333 29.03 32.25 0.10
C HIS A 333 28.42 30.90 -0.25
N THR A 334 28.71 29.88 0.56
CA THR A 334 28.09 28.56 0.38
C THR A 334 27.77 27.94 1.72
N GLN A 335 27.06 26.82 1.68
CA GLN A 335 26.63 26.13 2.90
C GLN A 335 27.72 25.22 3.45
N LEU A 336 28.95 25.40 2.97
CA LEU A 336 30.10 24.72 3.57
C LEU A 336 30.20 25.17 5.03
N GLN A 337 29.77 26.41 5.28
CA GLN A 337 29.51 26.90 6.63
C GLN A 337 28.08 27.40 6.66
N THR A 338 27.28 26.83 7.56
CA THR A 338 25.87 27.19 7.69
C THR A 338 25.44 26.97 9.13
N SER A 339 24.46 27.74 9.57
CA SER A 339 24.03 27.73 10.97
C SER A 339 22.76 26.90 11.18
N PHE A 340 22.73 26.19 12.31
CA PHE A 340 21.54 25.45 12.73
C PHE A 340 20.74 26.31 13.69
N GLY A 341 19.53 26.70 13.29
CA GLY A 341 18.69 27.53 14.13
C GLY A 341 17.94 26.71 15.16
N ALA A 342 18.56 26.48 16.31
CA ALA A 342 17.96 25.65 17.34
C ALA A 342 16.78 26.35 18.01
N ASN A 343 15.67 25.64 18.12
CA ASN A 343 14.48 26.11 18.81
C ASN A 343 13.83 24.92 19.51
N MET A 344 14.16 24.74 20.78
CA MET A 344 13.85 23.52 21.50
C MET A 344 12.37 23.45 21.89
N LEU A 345 11.50 23.31 20.90
CA LEU A 345 10.06 23.28 21.12
C LEU A 345 9.53 21.85 21.09
N ALA A 346 8.79 21.49 22.14
CA ALA A 346 8.19 20.17 22.23
C ALA A 346 6.85 20.24 22.94
N ILE A 347 6.02 19.22 22.73
CA ILE A 347 4.74 19.14 23.41
C ILE A 347 4.93 18.50 24.79
N VAL A 348 4.53 19.23 25.82
CA VAL A 348 4.59 18.73 27.19
C VAL A 348 3.18 18.69 27.74
N ASP A 349 2.69 17.48 28.00
CA ASP A 349 1.36 17.28 28.53
C ASP A 349 0.29 17.95 27.66
N GLY A 350 0.44 17.82 26.35
CA GLY A 350 -0.53 18.37 25.42
C GLY A 350 -0.37 19.86 25.19
N VAL A 351 0.72 20.43 25.68
CA VAL A 351 0.98 21.87 25.55
C VAL A 351 2.36 22.12 24.92
N PRO A 352 2.43 23.01 23.91
CA PRO A 352 3.73 23.30 23.31
C PRO A 352 4.59 24.12 24.24
N ARG A 353 5.85 23.72 24.42
CA ARG A 353 6.73 24.42 25.34
C ARG A 353 8.18 24.45 24.89
N THR A 354 8.79 25.62 25.04
CA THR A 354 10.22 25.79 24.81
C THR A 354 10.95 25.37 26.07
N LEU A 355 11.91 24.46 25.94
CA LEU A 355 12.50 23.79 27.10
C LEU A 355 14.01 23.98 27.19
N ARG A 356 14.51 24.16 28.42
CA ARG A 356 15.94 24.12 28.66
C ARG A 356 16.39 22.66 28.59
N LEU A 357 17.69 22.46 28.47
CA LEU A 357 18.23 21.11 28.37
C LEU A 357 17.95 20.31 29.64
N ASP A 358 17.94 20.97 30.79
CA ASP A 358 17.66 20.28 32.05
C ASP A 358 16.20 19.83 32.11
N GLN A 359 15.33 20.62 31.49
CA GLN A 359 13.91 20.28 31.45
C GLN A 359 13.68 19.08 30.53
N LEU A 360 14.36 19.07 29.39
CA LEU A 360 14.25 17.98 28.43
C LEU A 360 14.69 16.64 29.03
N ILE A 361 15.82 16.66 29.74
CA ILE A 361 16.30 15.46 30.43
C ILE A 361 15.34 15.02 31.53
N ARG A 362 14.99 15.95 32.41
CA ARG A 362 14.12 15.66 33.54
C ARG A 362 12.78 15.08 33.10
N TYR A 363 12.17 15.70 32.09
CA TYR A 363 10.89 15.22 31.58
C TYR A 363 11.04 13.81 31.02
N TYR A 364 12.20 13.52 30.42
CA TYR A 364 12.44 12.19 29.91
C TYR A 364 12.63 11.19 31.05
N VAL A 365 13.40 11.57 32.06
CA VAL A 365 13.62 10.71 33.21
C VAL A 365 12.29 10.40 33.91
N ASP A 366 11.46 11.42 34.05
CA ASP A 366 10.13 11.26 34.64
C ASP A 366 9.35 10.19 33.89
N HIS A 367 9.41 10.26 32.56
CA HIS A 367 8.71 9.29 31.71
C HIS A 367 9.24 7.88 31.93
N GLN A 368 10.55 7.74 32.07
CA GLN A 368 11.16 6.43 32.26
C GLN A 368 10.72 5.83 33.60
N LEU A 369 10.74 6.64 34.66
CA LEU A 369 10.28 6.19 35.96
C LEU A 369 8.81 5.78 35.92
N ASP A 370 8.00 6.53 35.20
CA ASP A 370 6.60 6.17 35.03
C ASP A 370 6.52 4.79 34.39
N VAL A 371 7.26 4.60 33.30
CA VAL A 371 7.27 3.32 32.57
C VAL A 371 7.65 2.16 33.47
N ILE A 372 8.70 2.33 34.27
CA ILE A 372 9.19 1.24 35.11
C ILE A 372 8.20 0.91 36.23
N VAL A 373 7.60 1.94 36.83
CA VAL A 373 6.61 1.72 37.88
C VAL A 373 5.39 1.01 37.33
N ARG A 374 4.92 1.45 36.17
CA ARG A 374 3.76 0.84 35.52
C ARG A 374 4.05 -0.61 35.13
N ARG A 375 5.23 -0.85 34.56
CA ARG A 375 5.65 -2.20 34.21
C ARG A 375 5.66 -3.10 35.43
N THR A 376 6.23 -2.60 36.52
CA THR A 376 6.32 -3.35 37.77
C THR A 376 4.93 -3.68 38.30
N THR A 377 4.02 -2.71 38.24
CA THR A 377 2.66 -2.92 38.71
C THR A 377 1.98 -4.02 37.90
N TYR A 378 2.11 -3.94 36.58
CA TYR A 378 1.53 -4.94 35.69
C TYR A 378 2.08 -6.33 35.98
N ARG A 379 3.40 -6.43 36.14
CA ARG A 379 4.05 -7.70 36.42
C ARG A 379 3.62 -8.25 37.77
N LEU A 380 3.45 -7.36 38.74
CA LEU A 380 3.02 -7.75 40.07
C LEU A 380 1.59 -8.30 40.02
N ARG A 381 0.71 -7.64 39.28
CA ARG A 381 -0.65 -8.12 39.14
C ARG A 381 -0.66 -9.51 38.49
N LYS A 382 0.05 -9.65 37.38
CA LYS A 382 0.12 -10.93 36.68
C LYS A 382 0.77 -12.02 37.54
N ALA A 383 1.80 -11.64 38.29
CA ALA A 383 2.47 -12.58 39.18
C ALA A 383 1.50 -13.12 40.22
N ASN A 384 0.67 -12.24 40.77
CA ASN A 384 -0.33 -12.61 41.77
C ASN A 384 -1.36 -13.58 41.21
N GLU A 385 -1.79 -13.32 39.97
CA GLU A 385 -2.78 -14.17 39.32
C GLU A 385 -2.29 -15.60 39.13
N ARG A 386 -1.08 -15.76 38.60
CA ARG A 386 -0.50 -17.08 38.40
C ARG A 386 -0.22 -17.77 39.73
N ALA A 387 0.32 -17.01 40.68
CA ALA A 387 0.54 -17.54 42.03
C ALA A 387 -0.79 -18.05 42.60
N HIS A 388 -1.84 -17.27 42.39
CA HIS A 388 -3.17 -17.60 42.87
C HIS A 388 -3.61 -18.95 42.30
N ILE A 389 -3.39 -19.13 41.00
CA ILE A 389 -3.73 -20.39 40.34
C ILE A 389 -2.81 -21.52 40.78
N LEU A 390 -1.52 -21.23 40.92
CA LEU A 390 -0.55 -22.23 41.34
C LEU A 390 -0.88 -22.77 42.73
N ARG A 391 -1.32 -21.88 43.62
CA ARG A 391 -1.73 -22.29 44.96
C ARG A 391 -2.85 -23.34 44.87
N GLY A 392 -3.74 -23.15 43.89
CA GLY A 392 -4.81 -24.09 43.65
C GLY A 392 -4.28 -25.45 43.22
N LEU A 393 -3.32 -25.42 42.29
CA LEU A 393 -2.72 -26.65 41.78
C LEU A 393 -2.02 -27.45 42.88
N VAL A 394 -1.26 -26.76 43.73
CA VAL A 394 -0.54 -27.42 44.81
C VAL A 394 -1.52 -28.13 45.76
N LYS A 395 -2.65 -27.49 46.03
CA LYS A 395 -3.69 -28.10 46.85
C LYS A 395 -4.20 -29.37 46.19
N ALA A 396 -4.33 -29.34 44.87
CA ALA A 396 -4.80 -30.50 44.11
C ALA A 396 -3.79 -31.65 44.20
N LEU A 397 -2.51 -31.31 44.09
CA LEU A 397 -1.45 -32.31 44.14
C LEU A 397 -1.35 -32.97 45.52
N ASP A 398 -1.55 -32.20 46.57
CA ASP A 398 -1.49 -32.71 47.93
C ASP A 398 -2.62 -33.70 48.21
N ALA A 399 -3.73 -33.53 47.51
CA ALA A 399 -4.88 -34.41 47.63
C ALA A 399 -5.26 -34.99 46.27
N LEU A 400 -4.24 -35.42 45.52
CA LEU A 400 -4.42 -35.87 44.14
C LEU A 400 -5.36 -37.06 44.00
N ASP A 401 -5.28 -38.03 44.91
CA ASP A 401 -6.15 -39.20 44.89
C ASP A 401 -7.62 -38.77 44.92
N GLU A 402 -7.91 -37.78 45.76
CA GLU A 402 -9.27 -37.30 45.96
C GLU A 402 -9.80 -36.49 44.78
N VAL A 403 -8.93 -35.67 44.20
CA VAL A 403 -9.30 -34.81 43.08
C VAL A 403 -9.90 -35.62 41.92
N ILE A 404 -9.22 -36.70 41.55
CA ILE A 404 -9.65 -37.52 40.42
C ILE A 404 -10.98 -38.21 40.67
N ALA A 405 -11.11 -38.87 41.82
CA ALA A 405 -12.34 -39.58 42.17
C ALA A 405 -13.56 -38.68 42.10
N LEU A 406 -13.39 -37.43 42.51
CA LEU A 406 -14.49 -36.46 42.54
C LEU A 406 -14.98 -36.12 41.14
N ILE A 407 -14.04 -35.83 40.25
CA ILE A 407 -14.36 -35.44 38.89
C ILE A 407 -15.09 -36.57 38.17
N ARG A 408 -14.69 -37.80 38.46
CA ARG A 408 -15.27 -38.98 37.81
C ARG A 408 -16.77 -39.09 38.00
N ALA A 409 -17.23 -38.90 39.24
CA ALA A 409 -18.63 -39.13 39.59
C ALA A 409 -19.56 -37.99 39.17
N SER A 410 -19.02 -36.97 38.51
CA SER A 410 -19.82 -35.80 38.13
C SER A 410 -20.52 -35.96 36.77
N GLU A 411 -21.80 -35.62 36.74
CA GLU A 411 -22.60 -35.69 35.53
C GLU A 411 -22.14 -34.62 34.54
N THR A 412 -21.70 -33.49 35.07
CA THR A 412 -21.15 -32.41 34.25
C THR A 412 -19.77 -32.07 34.78
N VAL A 413 -19.17 -31.02 34.23
CA VAL A 413 -17.90 -30.52 34.73
C VAL A 413 -18.17 -29.53 35.86
N ASP A 414 -19.38 -28.95 35.84
CA ASP A 414 -19.79 -28.01 36.86
C ASP A 414 -19.94 -28.68 38.23
N ILE A 415 -20.51 -29.88 38.25
CA ILE A 415 -20.61 -30.66 39.48
C ILE A 415 -19.21 -31.00 39.98
N ALA A 416 -18.32 -31.36 39.05
CA ALA A 416 -16.93 -31.66 39.40
C ALA A 416 -16.24 -30.43 39.98
N ARG A 417 -16.42 -29.28 39.37
CA ARG A 417 -15.81 -28.05 39.84
C ARG A 417 -16.33 -27.69 41.24
N ALA A 418 -17.64 -27.52 41.34
CA ALA A 418 -18.28 -27.18 42.61
C ALA A 418 -17.76 -28.05 43.75
N GLY A 419 -17.52 -29.33 43.44
CA GLY A 419 -16.95 -30.24 44.41
C GLY A 419 -15.52 -29.87 44.80
N LEU A 420 -14.72 -29.49 43.80
CA LEU A 420 -13.33 -29.12 44.04
C LEU A 420 -13.24 -27.92 44.97
N ILE A 421 -14.15 -26.97 44.80
CA ILE A 421 -14.24 -25.83 45.71
C ILE A 421 -14.46 -26.32 47.13
N GLU A 422 -15.35 -27.30 47.29
CA GLU A 422 -15.67 -27.82 48.60
C GLU A 422 -14.53 -28.66 49.16
N LEU A 423 -13.88 -29.43 48.28
CA LEU A 423 -12.81 -30.34 48.71
C LEU A 423 -11.60 -29.59 49.25
N LEU A 424 -11.12 -28.62 48.47
CA LEU A 424 -9.85 -27.96 48.74
C LEU A 424 -9.99 -26.49 49.14
N ASP A 425 -11.23 -26.02 49.29
CA ASP A 425 -11.50 -24.63 49.61
C ASP A 425 -10.85 -23.72 48.56
N ILE A 426 -11.45 -23.70 47.37
CA ILE A 426 -10.86 -23.07 46.19
C ILE A 426 -11.80 -22.07 45.53
N ASP A 427 -11.20 -21.10 44.84
CA ASP A 427 -11.92 -20.14 44.00
C ASP A 427 -12.53 -20.84 42.78
N GLU A 428 -13.30 -20.11 41.98
CA GLU A 428 -13.80 -20.67 40.73
C GLU A 428 -12.71 -20.66 39.67
N ILE A 429 -11.80 -19.69 39.77
CA ILE A 429 -10.70 -19.55 38.81
C ILE A 429 -9.71 -20.70 38.96
N GLN A 430 -9.32 -20.98 40.20
CA GLN A 430 -8.38 -22.05 40.49
C GLN A 430 -8.93 -23.43 40.13
N ALA A 431 -10.18 -23.68 40.49
CA ALA A 431 -10.82 -24.95 40.20
C ALA A 431 -10.88 -25.17 38.70
N GLN A 432 -11.14 -24.10 37.97
CA GLN A 432 -11.18 -24.15 36.51
C GLN A 432 -9.79 -24.50 35.97
N ALA A 433 -8.76 -23.98 36.62
CA ALA A 433 -7.39 -24.23 36.20
C ALA A 433 -7.01 -25.68 36.46
N ILE A 434 -7.45 -26.22 37.58
CA ILE A 434 -7.25 -27.63 37.90
C ILE A 434 -7.92 -28.48 36.82
N LEU A 435 -9.14 -28.07 36.45
CA LEU A 435 -9.91 -28.77 35.43
C LEU A 435 -9.19 -28.76 34.09
N ASP A 436 -8.60 -27.62 33.75
CA ASP A 436 -7.90 -27.47 32.48
C ASP A 436 -6.54 -28.16 32.48
N MET A 437 -6.14 -28.70 33.63
CA MET A 437 -4.83 -29.34 33.76
C MET A 437 -4.75 -30.62 32.95
N GLN A 438 -3.63 -30.81 32.27
CA GLN A 438 -3.40 -32.01 31.47
C GLN A 438 -2.81 -33.13 32.31
N LEU A 439 -3.03 -34.37 31.88
CA LEU A 439 -2.46 -35.53 32.56
C LEU A 439 -0.93 -35.50 32.49
N ARG A 440 -0.40 -34.76 31.52
CA ARG A 440 1.04 -34.55 31.38
C ARG A 440 1.68 -34.13 32.69
N ARG A 441 1.05 -33.20 33.38
CA ARG A 441 1.64 -32.59 34.57
C ARG A 441 1.54 -33.45 35.83
N LEU A 442 0.97 -34.65 35.71
CA LEU A 442 0.85 -35.56 36.85
C LEU A 442 2.10 -36.43 37.00
N ALA A 443 3.03 -36.31 36.05
CA ALA A 443 4.31 -36.99 36.15
C ALA A 443 5.11 -36.37 37.30
N ALA A 444 6.04 -37.15 37.86
CA ALA A 444 6.78 -36.73 39.05
C ALA A 444 7.46 -35.37 38.90
N LEU A 445 8.32 -35.24 37.89
CA LEU A 445 9.06 -34.01 37.70
C LEU A 445 8.13 -32.84 37.42
N GLU A 446 6.98 -33.12 36.79
CA GLU A 446 6.02 -32.07 36.47
C GLU A 446 5.28 -31.60 37.72
N ARG A 447 4.98 -32.52 38.62
CA ARG A 447 4.40 -32.15 39.90
C ARG A 447 5.37 -31.27 40.68
N GLN A 448 6.65 -31.64 40.64
CA GLN A 448 7.70 -30.88 41.32
C GLN A 448 7.87 -29.51 40.67
N ARG A 449 7.69 -29.48 39.35
CA ARG A 449 7.84 -28.24 38.59
C ARG A 449 6.78 -27.23 39.01
N ILE A 450 5.58 -27.71 39.27
CA ILE A 450 4.49 -26.87 39.76
C ILE A 450 4.86 -26.28 41.12
N ILE A 451 5.38 -27.11 42.01
CA ILE A 451 5.83 -26.67 43.32
C ILE A 451 6.87 -25.56 43.21
N ASP A 452 7.94 -25.85 42.49
CA ASP A 452 9.04 -24.91 42.33
C ASP A 452 8.59 -23.61 41.66
N ASP A 453 7.66 -23.74 40.72
CA ASP A 453 7.11 -22.56 40.03
C ASP A 453 6.41 -21.62 40.99
N LEU A 454 5.64 -22.19 41.93
CA LEU A 454 4.99 -21.38 42.96
C LEU A 454 6.05 -20.66 43.78
N ALA A 455 7.07 -21.41 44.20
CA ALA A 455 8.18 -20.85 44.96
C ALA A 455 8.87 -19.72 44.18
N LYS A 456 9.06 -19.93 42.88
CA LYS A 456 9.69 -18.92 42.04
C LYS A 456 8.86 -17.64 41.98
N ILE A 457 7.56 -17.77 41.74
CA ILE A 457 6.71 -16.60 41.57
C ILE A 457 6.64 -15.82 42.88
N GLU A 458 6.46 -16.52 44.01
CA GLU A 458 6.40 -15.86 45.30
C GLU A 458 7.69 -15.07 45.56
N ALA A 459 8.81 -15.59 45.06
CA ALA A 459 10.07 -14.88 45.13
C ALA A 459 10.05 -13.65 44.22
N GLU A 460 9.50 -13.81 43.02
CA GLU A 460 9.39 -12.69 42.09
C GLU A 460 8.43 -11.63 42.64
N ILE A 461 7.35 -12.07 43.26
CA ILE A 461 6.39 -11.13 43.85
C ILE A 461 7.06 -10.30 44.93
N ALA A 462 7.93 -10.93 45.71
CA ALA A 462 8.64 -10.23 46.77
C ALA A 462 9.57 -9.18 46.18
N ASP A 463 10.25 -9.55 45.11
CA ASP A 463 11.11 -8.62 44.39
C ASP A 463 10.30 -7.43 43.87
N LEU A 464 9.19 -7.74 43.20
CA LEU A 464 8.34 -6.72 42.60
C LEU A 464 7.78 -5.75 43.63
N GLU A 465 7.29 -6.27 44.75
CA GLU A 465 6.80 -5.43 45.85
C GLU A 465 7.89 -4.50 46.36
N ASP A 466 9.12 -5.02 46.44
CA ASP A 466 10.25 -4.24 46.93
C ASP A 466 10.53 -3.06 46.00
N ILE A 467 10.44 -3.32 44.70
CA ILE A 467 10.70 -2.26 43.72
C ILE A 467 9.72 -1.11 43.89
N LEU A 468 8.43 -1.43 44.01
CA LEU A 468 7.39 -0.40 44.13
C LEU A 468 7.55 0.44 45.39
N ALA A 469 8.10 -0.14 46.45
CA ALA A 469 8.23 0.54 47.74
C ALA A 469 9.48 1.40 47.84
N LYS A 470 10.42 1.22 46.92
CA LYS A 470 11.71 1.90 46.97
C LYS A 470 12.02 2.64 45.67
N PRO A 471 11.88 3.98 45.69
CA PRO A 471 12.25 4.78 44.52
C PRO A 471 13.71 4.58 44.10
N GLU A 472 14.55 4.22 45.06
CA GLU A 472 15.97 3.98 44.80
C GLU A 472 16.15 2.89 43.74
N ARG A 473 15.45 1.78 43.91
CA ARG A 473 15.53 0.67 42.96
C ARG A 473 14.96 1.07 41.61
N GLN A 474 13.87 1.82 41.63
CA GLN A 474 13.22 2.26 40.39
C GLN A 474 14.19 3.06 39.54
N ARG A 475 14.88 3.99 40.17
CA ARG A 475 15.91 4.77 39.48
C ARG A 475 17.05 3.86 39.01
N GLY A 476 17.42 2.89 39.85
CA GLY A 476 18.45 1.93 39.50
C GLY A 476 18.11 1.12 38.28
N ILE A 477 16.83 0.75 38.15
CA ILE A 477 16.38 -0.02 37.00
C ILE A 477 16.53 0.78 35.72
N VAL A 478 16.12 2.05 35.74
CA VAL A 478 16.24 2.91 34.58
C VAL A 478 17.70 3.03 34.16
N ARG A 479 18.56 3.28 35.16
CA ARG A 479 19.99 3.40 34.93
C ARG A 479 20.60 2.15 34.29
N ASP A 480 20.40 1.01 34.94
CA ASP A 480 21.02 -0.23 34.50
C ASP A 480 20.54 -0.67 33.12
N GLU A 481 19.23 -0.56 32.90
CA GLU A 481 18.63 -0.96 31.64
C GLU A 481 19.07 -0.03 30.52
N LEU A 482 19.10 1.27 30.80
CA LEU A 482 19.54 2.25 29.82
C LEU A 482 21.01 2.01 29.50
N ALA A 483 21.80 1.79 30.54
CA ALA A 483 23.23 1.56 30.38
C ALA A 483 23.46 0.38 29.44
N GLU A 484 22.71 -0.69 29.64
CA GLU A 484 22.79 -1.87 28.77
C GLU A 484 22.52 -1.50 27.32
N ILE A 485 21.52 -0.65 27.10
CA ILE A 485 21.17 -0.19 25.76
C ILE A 485 22.30 0.61 25.15
N VAL A 486 22.88 1.52 25.93
CA VAL A 486 23.96 2.38 25.43
C VAL A 486 25.21 1.57 25.12
N ASP A 487 25.53 0.61 25.97
CA ASP A 487 26.68 -0.24 25.73
C ASP A 487 26.56 -0.98 24.41
N ARG A 488 25.35 -1.36 24.04
CA ARG A 488 25.13 -2.17 22.86
C ARG A 488 24.95 -1.31 21.60
N HIS A 489 24.25 -0.19 21.73
CA HIS A 489 23.84 0.61 20.56
C HIS A 489 24.46 2.00 20.53
N GLY A 490 25.27 2.33 21.53
CA GLY A 490 25.94 3.61 21.55
C GLY A 490 27.09 3.62 20.57
N ASP A 491 27.39 4.79 20.01
CA ASP A 491 28.48 4.94 19.07
C ASP A 491 29.35 6.17 19.36
N ASP A 492 30.46 6.29 18.62
CA ASP A 492 31.34 7.45 18.76
C ASP A 492 30.65 8.73 18.34
N ARG A 493 31.20 9.85 18.79
CA ARG A 493 30.75 11.16 18.32
C ARG A 493 31.20 11.36 16.89
N ARG A 494 30.35 12.00 16.09
CA ARG A 494 30.66 12.26 14.69
C ARG A 494 31.02 13.72 14.46
N THR A 495 30.20 14.62 14.96
CA THR A 495 30.45 16.03 14.83
C THR A 495 31.54 16.46 15.81
N ARG A 496 32.61 17.03 15.28
CA ARG A 496 33.72 17.50 16.10
C ARG A 496 33.47 18.92 16.58
N ILE A 497 33.72 19.17 17.86
CA ILE A 497 33.52 20.48 18.46
C ILE A 497 34.87 21.20 18.62
N ILE A 498 35.00 22.36 17.98
CA ILE A 498 36.22 23.16 18.04
C ILE A 498 35.92 24.59 18.51
N ALA A 499 36.97 25.30 18.91
CA ALA A 499 36.82 26.67 19.40
C ALA A 499 36.96 27.66 18.25
N ILE A 500 36.76 28.94 18.54
CA ILE A 500 36.83 29.98 17.53
C ILE A 500 38.22 30.06 16.92
N ALA B 3 -29.57 35.14 -17.85
CA ALA B 3 -29.18 33.77 -18.19
C ALA B 3 -27.75 33.75 -18.75
N LEU B 4 -27.06 32.62 -18.52
CA LEU B 4 -25.67 32.46 -18.97
C LEU B 4 -25.42 31.06 -19.52
N VAL B 5 -24.56 30.96 -20.53
CA VAL B 5 -24.28 29.69 -21.18
C VAL B 5 -23.47 28.76 -20.29
N ARG B 6 -23.85 27.49 -20.29
CA ARG B 6 -23.10 26.45 -19.60
C ARG B 6 -22.27 25.64 -20.60
N ARG B 7 -21.13 25.13 -20.17
CA ARG B 7 -20.25 24.38 -21.06
C ARG B 7 -20.85 23.02 -21.41
N LYS B 8 -20.77 22.65 -22.69
CA LYS B 8 -21.24 21.34 -23.14
C LYS B 8 -20.44 20.87 -24.36
N GLY B 15 -14.80 27.93 -22.68
CA GLY B 15 -14.17 29.07 -22.03
C GLY B 15 -14.28 29.03 -20.52
N LEU B 16 -14.38 27.83 -19.97
CA LEU B 16 -14.48 27.63 -18.52
C LEU B 16 -13.46 26.58 -18.08
N PRO B 17 -13.19 26.50 -16.77
CA PRO B 17 -12.18 25.54 -16.28
C PRO B 17 -12.46 24.11 -16.70
N GLY B 18 -11.41 23.37 -17.05
CA GLY B 18 -11.56 22.00 -17.49
C GLY B 18 -12.09 21.10 -16.40
N LYS B 19 -11.79 21.47 -15.15
CA LYS B 19 -12.20 20.68 -14.00
C LYS B 19 -13.69 20.88 -13.68
N LEU B 20 -14.26 21.97 -14.18
CA LEU B 20 -15.63 22.33 -13.88
C LEU B 20 -16.65 21.39 -14.53
N ALA B 21 -17.49 20.78 -13.70
CA ALA B 21 -18.64 20.02 -14.16
C ALA B 21 -19.86 20.92 -14.04
N ASP B 22 -20.12 21.68 -15.09
CA ASP B 22 -21.14 22.72 -15.07
C ASP B 22 -22.54 22.13 -14.98
N CYS B 23 -23.51 22.95 -14.60
CA CYS B 23 -24.90 22.52 -14.55
C CYS B 23 -25.56 22.74 -15.91
N ARG B 24 -26.82 22.31 -16.03
CA ARG B 24 -27.56 22.40 -17.28
C ARG B 24 -28.46 23.63 -17.31
N SER B 25 -28.96 24.03 -16.16
CA SER B 25 -29.81 25.22 -16.04
C SER B 25 -29.01 26.48 -16.36
N THR B 26 -29.53 27.29 -17.29
CA THR B 26 -28.85 28.51 -17.71
C THR B 26 -29.19 29.72 -16.83
N ASP B 27 -29.98 29.49 -15.78
CA ASP B 27 -30.38 30.57 -14.87
C ASP B 27 -29.51 30.55 -13.61
N PRO B 28 -28.66 31.58 -13.44
CA PRO B 28 -27.82 31.64 -12.24
C PRO B 28 -28.63 31.64 -10.94
N ARG B 29 -29.82 32.24 -10.98
CA ARG B 29 -30.67 32.31 -9.80
C ARG B 29 -31.05 30.91 -9.31
N LYS B 30 -31.14 29.96 -10.24
CA LYS B 30 -31.52 28.59 -9.91
C LYS B 30 -30.30 27.68 -9.78
N SER B 31 -29.13 28.20 -10.14
CA SER B 31 -27.92 27.38 -10.19
C SER B 31 -27.14 27.38 -8.88
N GLU B 32 -26.37 26.31 -8.68
CA GLU B 32 -25.53 26.15 -7.51
C GLU B 32 -24.17 25.62 -7.92
N LEU B 33 -23.11 26.17 -7.30
CA LEU B 33 -21.75 25.68 -7.50
C LEU B 33 -21.23 25.04 -6.22
N TYR B 34 -20.96 23.74 -6.27
CA TYR B 34 -20.35 23.05 -5.15
C TYR B 34 -18.84 23.05 -5.32
N VAL B 35 -18.17 23.84 -4.49
CA VAL B 35 -16.72 23.86 -4.44
C VAL B 35 -16.25 22.76 -3.49
N VAL B 36 -15.65 21.72 -4.06
CA VAL B 36 -15.38 20.48 -3.32
C VAL B 36 -13.90 20.23 -3.10
N GLU B 37 -13.58 19.70 -1.91
CA GLU B 37 -12.22 19.33 -1.57
C GLU B 37 -11.89 17.95 -2.10
N GLY B 38 -10.97 17.88 -3.06
CA GLY B 38 -10.44 16.62 -3.55
C GLY B 38 -11.06 16.12 -4.84
N ASP B 39 -10.26 15.39 -5.60
CA ASP B 39 -10.70 14.85 -6.88
C ASP B 39 -11.71 13.73 -6.67
N SER B 40 -11.47 12.90 -5.66
CA SER B 40 -12.37 11.78 -5.36
C SER B 40 -13.76 12.27 -5.00
N ALA B 41 -13.84 13.15 -4.01
CA ALA B 41 -15.12 13.68 -3.57
C ALA B 41 -15.80 14.41 -4.73
N GLY B 42 -15.02 15.18 -5.49
CA GLY B 42 -15.55 15.90 -6.62
C GLY B 42 -16.08 14.95 -7.67
N GLY B 43 -15.41 13.81 -7.83
CA GLY B 43 -15.86 12.79 -8.75
C GLY B 43 -17.20 12.21 -8.32
N SER B 44 -17.32 11.86 -7.05
CA SER B 44 -18.57 11.32 -6.51
C SER B 44 -19.69 12.35 -6.56
N ALA B 45 -19.33 13.60 -6.26
CA ALA B 45 -20.29 14.70 -6.28
C ALA B 45 -20.84 14.89 -7.68
N LYS B 46 -19.96 14.84 -8.68
CA LYS B 46 -20.36 15.01 -10.08
C LYS B 46 -21.41 13.98 -10.49
N SER B 47 -21.38 12.81 -9.85
CA SER B 47 -22.29 11.72 -10.19
C SER B 47 -23.60 11.79 -9.40
N GLY B 48 -23.49 12.17 -8.12
CA GLY B 48 -24.63 12.19 -7.23
C GLY B 48 -25.42 13.49 -7.28
N ARG B 49 -24.85 14.51 -7.94
CA ARG B 49 -25.50 15.82 -8.04
C ARG B 49 -26.80 15.75 -8.82
N ASP B 50 -27.55 16.85 -8.78
CA ASP B 50 -28.63 17.08 -9.73
C ASP B 50 -28.05 17.93 -10.86
N SER B 51 -27.71 17.30 -11.97
CA SER B 51 -27.01 17.96 -13.07
C SER B 51 -27.79 19.15 -13.63
N MET B 52 -29.06 19.27 -13.27
CA MET B 52 -29.87 20.37 -13.76
C MET B 52 -29.47 21.70 -13.13
N PHE B 53 -29.29 21.70 -11.80
CA PHE B 53 -29.09 22.95 -11.05
C PHE B 53 -27.76 23.02 -10.29
N GLN B 54 -27.06 21.89 -10.21
CA GLN B 54 -25.83 21.81 -9.42
C GLN B 54 -24.60 21.54 -10.26
N ALA B 55 -23.61 22.42 -10.12
CA ALA B 55 -22.32 22.26 -10.78
C ALA B 55 -21.26 21.93 -9.75
N ILE B 56 -20.20 21.24 -10.18
CA ILE B 56 -19.12 20.82 -9.30
C ILE B 56 -17.78 21.37 -9.76
N LEU B 57 -17.07 22.02 -8.84
CA LEU B 57 -15.70 22.45 -9.11
C LEU B 57 -14.75 21.84 -8.08
N PRO B 58 -14.13 20.72 -8.41
CA PRO B 58 -13.18 20.14 -7.45
C PRO B 58 -11.92 20.98 -7.32
N LEU B 59 -11.51 21.25 -6.09
CA LEU B 59 -10.26 21.95 -5.81
C LEU B 59 -9.24 20.97 -5.26
N ARG B 60 -8.03 21.03 -5.80
CA ARG B 60 -6.96 20.13 -5.40
C ARG B 60 -5.92 20.82 -4.53
N GLY B 61 -5.67 20.25 -3.36
CA GLY B 61 -4.64 20.74 -2.47
C GLY B 61 -5.03 21.96 -1.66
N LYS B 62 -4.13 22.38 -0.78
CA LYS B 62 -4.34 23.57 0.03
C LYS B 62 -4.42 24.80 -0.88
N ILE B 63 -5.46 25.61 -0.69
CA ILE B 63 -5.62 26.82 -1.47
C ILE B 63 -4.58 27.85 -1.06
N ILE B 64 -4.10 28.62 -2.02
CA ILE B 64 -3.08 29.63 -1.74
C ILE B 64 -3.67 30.75 -0.87
N ASN B 65 -2.89 31.15 0.14
CA ASN B 65 -3.31 32.21 1.05
C ASN B 65 -3.13 33.57 0.39
N VAL B 66 -4.25 34.17 -0.03
CA VAL B 66 -4.21 35.44 -0.73
C VAL B 66 -3.82 36.59 0.20
N GLU B 67 -3.90 36.35 1.50
CA GLU B 67 -3.49 37.34 2.49
C GLU B 67 -1.96 37.47 2.51
N LYS B 68 -1.28 36.33 2.37
CA LYS B 68 0.18 36.29 2.42
C LYS B 68 0.82 36.47 1.04
N ALA B 69 0.27 35.77 0.06
CA ALA B 69 0.84 35.74 -1.29
C ALA B 69 0.64 37.05 -2.04
N ARG B 70 1.62 37.37 -2.88
CA ARG B 70 1.56 38.56 -3.73
C ARG B 70 0.45 38.38 -4.76
N ILE B 71 -0.10 39.50 -5.23
CA ILE B 71 -1.30 39.44 -6.08
C ILE B 71 -1.05 38.68 -7.38
N ASP B 72 0.07 38.97 -8.04
CA ASP B 72 0.39 38.34 -9.32
C ASP B 72 0.54 36.83 -9.18
N ARG B 73 1.10 36.40 -8.05
CA ARG B 73 1.32 34.98 -7.82
C ARG B 73 0.00 34.25 -7.63
N VAL B 74 -0.94 34.93 -6.98
CA VAL B 74 -2.27 34.36 -6.75
C VAL B 74 -2.98 34.14 -8.09
N LEU B 75 -2.81 35.08 -9.00
CA LEU B 75 -3.47 34.99 -10.30
C LEU B 75 -2.86 33.91 -11.17
N LYS B 76 -1.64 33.46 -10.84
CA LYS B 76 -1.01 32.36 -11.56
C LYS B 76 -1.47 31.02 -11.03
N ASN B 77 -2.08 31.02 -9.85
CA ASN B 77 -2.55 29.77 -9.25
C ASN B 77 -3.71 29.17 -10.01
N THR B 78 -3.55 27.93 -10.44
CA THR B 78 -4.55 27.26 -11.27
C THR B 78 -5.89 27.11 -10.55
N GLU B 79 -5.86 26.83 -9.26
CA GLU B 79 -7.08 26.61 -8.50
C GLU B 79 -7.86 27.91 -8.31
N VAL B 80 -7.14 29.00 -8.07
CA VAL B 80 -7.79 30.30 -7.92
C VAL B 80 -8.44 30.73 -9.23
N GLN B 81 -7.70 30.58 -10.33
CA GLN B 81 -8.23 30.92 -11.64
C GLN B 81 -9.52 30.15 -11.92
N ALA B 82 -9.54 28.89 -11.50
CA ALA B 82 -10.70 28.04 -11.69
C ALA B 82 -11.93 28.61 -10.98
N ILE B 83 -11.73 29.07 -9.75
CA ILE B 83 -12.80 29.66 -8.97
C ILE B 83 -13.28 30.97 -9.60
N ILE B 84 -12.34 31.88 -9.85
CA ILE B 84 -12.67 33.17 -10.42
C ILE B 84 -13.38 33.00 -11.76
N THR B 85 -12.85 32.11 -12.61
CA THR B 85 -13.42 31.89 -13.93
C THR B 85 -14.81 31.26 -13.86
N ALA B 86 -14.98 30.30 -12.96
CA ALA B 86 -16.26 29.59 -12.82
C ALA B 86 -17.36 30.49 -12.26
N LEU B 87 -16.99 31.36 -11.32
CA LEU B 87 -17.97 32.26 -10.71
C LEU B 87 -18.41 33.35 -11.69
N GLY B 88 -17.60 33.61 -12.71
CA GLY B 88 -17.95 34.55 -13.76
C GLY B 88 -17.70 36.00 -13.39
N THR B 89 -17.74 36.29 -12.09
CA THR B 89 -17.47 37.63 -11.59
C THR B 89 -15.99 37.97 -11.70
N GLY B 90 -15.69 39.26 -11.76
CA GLY B 90 -14.31 39.72 -11.70
C GLY B 90 -13.81 39.66 -10.28
N ILE B 91 -12.78 40.47 -9.98
CA ILE B 91 -12.24 40.55 -8.64
C ILE B 91 -11.91 42.01 -8.29
N HIS B 92 -11.93 42.32 -7.00
CA HIS B 92 -11.60 43.65 -6.50
C HIS B 92 -12.48 44.71 -7.16
N ASP B 93 -11.85 45.69 -7.80
CA ASP B 93 -12.59 46.82 -8.37
C ASP B 93 -13.36 46.41 -9.62
N GLU B 94 -12.89 45.36 -10.29
CA GLU B 94 -13.53 44.88 -11.50
C GLU B 94 -14.61 43.83 -11.20
N PHE B 95 -15.02 43.77 -9.94
CA PHE B 95 -16.09 42.86 -9.50
C PHE B 95 -17.45 43.32 -10.02
N ASP B 96 -18.18 42.40 -10.64
CA ASP B 96 -19.52 42.68 -11.15
C ASP B 96 -20.48 41.54 -10.81
N ILE B 97 -21.26 41.73 -9.75
CA ILE B 97 -22.15 40.67 -9.27
C ILE B 97 -23.17 40.25 -10.32
N GLY B 98 -23.40 41.12 -11.30
CA GLY B 98 -24.33 40.84 -12.37
C GLY B 98 -23.93 39.63 -13.21
N LYS B 99 -22.63 39.33 -13.24
CA LYS B 99 -22.11 38.22 -14.04
C LYS B 99 -21.96 36.95 -13.22
N LEU B 100 -22.48 36.95 -12.00
CA LEU B 100 -22.40 35.78 -11.14
C LEU B 100 -23.16 34.61 -11.77
N ARG B 101 -22.46 33.52 -12.02
CA ARG B 101 -23.05 32.39 -12.75
C ARG B 101 -23.77 31.41 -11.84
N TYR B 102 -23.54 31.53 -10.54
CA TYR B 102 -24.24 30.71 -9.56
C TYR B 102 -24.59 31.56 -8.34
N HIS B 103 -25.87 31.60 -8.01
CA HIS B 103 -26.33 32.40 -6.87
C HIS B 103 -26.20 31.62 -5.57
N LYS B 104 -25.71 30.39 -5.66
CA LYS B 104 -25.38 29.59 -4.49
C LYS B 104 -23.99 28.98 -4.64
N ILE B 105 -23.07 29.40 -3.78
CA ILE B 105 -21.71 28.90 -3.78
C ILE B 105 -21.46 28.07 -2.52
N VAL B 106 -21.63 26.76 -2.63
CA VAL B 106 -21.49 25.87 -1.50
C VAL B 106 -20.06 25.33 -1.38
N LEU B 107 -19.38 25.69 -0.31
CA LEU B 107 -18.07 25.13 0.00
C LEU B 107 -18.26 23.81 0.75
N MET B 108 -17.74 22.73 0.18
CA MET B 108 -17.87 21.41 0.77
C MET B 108 -16.50 20.77 0.99
N ALA B 109 -16.08 20.72 2.25
CA ALA B 109 -14.79 20.16 2.64
C ALA B 109 -14.96 19.04 3.66
N ASP B 110 -13.89 18.29 3.91
CA ASP B 110 -13.93 17.23 4.91
C ASP B 110 -14.24 17.80 6.29
N ALA B 111 -14.83 16.98 7.15
CA ALA B 111 -15.14 17.38 8.51
C ALA B 111 -13.86 17.52 9.35
N ASP B 112 -12.75 17.00 8.84
CA ASP B 112 -11.48 17.07 9.57
C ASP B 112 -10.89 18.49 9.57
N VAL B 113 -9.76 18.65 10.25
CA VAL B 113 -9.14 19.97 10.42
C VAL B 113 -8.62 20.58 9.13
N ASP B 114 -8.16 19.73 8.22
CA ASP B 114 -7.61 20.22 6.96
C ASP B 114 -8.73 20.74 6.07
N GLY B 115 -9.92 20.20 6.25
CA GLY B 115 -11.10 20.71 5.58
C GLY B 115 -11.48 22.06 6.15
N GLN B 116 -11.40 22.18 7.47
CA GLN B 116 -11.63 23.46 8.14
C GLN B 116 -10.64 24.49 7.65
N HIS B 117 -9.39 24.08 7.50
CA HIS B 117 -8.33 24.97 7.03
C HIS B 117 -8.61 25.45 5.61
N ILE B 118 -9.02 24.53 4.75
CA ILE B 118 -9.31 24.88 3.36
C ILE B 118 -10.49 25.86 3.31
N SER B 119 -11.43 25.72 4.25
CA SER B 119 -12.55 26.64 4.34
C SER B 119 -12.05 28.06 4.60
N THR B 120 -11.15 28.21 5.57
CA THR B 120 -10.64 29.53 5.94
C THR B 120 -9.88 30.16 4.77
N LEU B 121 -9.20 29.34 3.99
CA LEU B 121 -8.45 29.81 2.83
C LEU B 121 -9.39 30.27 1.72
N LEU B 122 -10.48 29.53 1.51
CA LEU B 122 -11.50 29.91 0.53
C LEU B 122 -12.26 31.16 0.97
N LEU B 123 -12.65 31.19 2.24
CA LEU B 123 -13.35 32.36 2.79
C LEU B 123 -12.45 33.60 2.73
N THR B 124 -11.14 33.41 2.85
CA THR B 124 -10.19 34.51 2.76
C THR B 124 -10.11 35.01 1.32
N LEU B 125 -10.09 34.09 0.38
CA LEU B 125 -10.12 34.46 -1.04
C LEU B 125 -11.39 35.24 -1.34
N LEU B 126 -12.52 34.72 -0.89
CA LEU B 126 -13.81 35.35 -1.15
C LEU B 126 -13.93 36.72 -0.51
N PHE B 127 -13.50 36.84 0.75
CA PHE B 127 -13.63 38.10 1.47
C PHE B 127 -12.75 39.21 0.90
N ARG B 128 -11.61 38.83 0.33
CA ARG B 128 -10.64 39.80 -0.17
C ARG B 128 -10.83 40.17 -1.64
N PHE B 129 -11.28 39.22 -2.44
CA PHE B 129 -11.38 39.40 -3.88
C PHE B 129 -12.82 39.61 -4.35
N MET B 130 -13.77 39.02 -3.63
CA MET B 130 -15.16 38.97 -4.05
C MET B 130 -16.12 39.13 -2.88
N ARG B 131 -15.91 40.17 -2.08
CA ARG B 131 -16.64 40.34 -0.82
C ARG B 131 -18.17 40.37 -0.99
N PRO B 132 -18.68 41.04 -2.03
CA PRO B 132 -20.14 41.13 -2.19
C PRO B 132 -20.83 39.77 -2.23
N LEU B 133 -20.11 38.73 -2.64
CA LEU B 133 -20.67 37.38 -2.66
C LEU B 133 -21.05 36.94 -1.25
N ILE B 134 -20.26 37.37 -0.27
CA ILE B 134 -20.54 37.07 1.13
C ILE B 134 -21.64 37.97 1.66
N GLU B 135 -21.53 39.26 1.34
CA GLU B 135 -22.44 40.27 1.84
C GLU B 135 -23.87 39.99 1.40
N ASN B 136 -24.02 39.45 0.20
CA ASN B 136 -25.34 39.18 -0.36
C ASN B 136 -25.79 37.73 -0.13
N GLY B 137 -25.05 37.02 0.71
CA GLY B 137 -25.44 35.69 1.14
C GLY B 137 -25.41 34.63 0.04
N HIS B 138 -24.45 34.73 -0.85
CA HIS B 138 -24.29 33.74 -1.92
C HIS B 138 -23.33 32.63 -1.52
N VAL B 139 -22.67 32.79 -0.38
CA VAL B 139 -21.70 31.80 0.09
C VAL B 139 -22.31 30.94 1.19
N PHE B 140 -22.21 29.62 1.02
CA PHE B 140 -22.72 28.68 1.99
C PHE B 140 -21.67 27.63 2.34
N LEU B 141 -21.86 26.95 3.47
CA LEU B 141 -21.00 25.85 3.88
C LEU B 141 -21.82 24.58 4.07
N ALA B 142 -21.47 23.54 3.33
CA ALA B 142 -22.12 22.24 3.48
C ALA B 142 -21.52 21.51 4.67
N GLN B 143 -22.38 20.92 5.50
CA GLN B 143 -21.94 20.16 6.66
C GLN B 143 -21.99 18.67 6.34
N PRO B 144 -20.82 18.03 6.11
CA PRO B 144 -20.84 16.62 5.75
C PRO B 144 -21.25 15.71 6.91
N PRO B 145 -21.72 14.49 6.60
CA PRO B 145 -22.02 13.55 7.67
C PRO B 145 -20.75 13.02 8.35
N LEU B 146 -20.88 12.57 9.58
CA LEU B 146 -19.77 11.98 10.32
C LEU B 146 -19.99 10.47 10.50
N TYR B 147 -21.25 10.06 10.59
CA TYR B 147 -21.60 8.68 10.83
C TYR B 147 -22.73 8.22 9.92
N LYS B 148 -22.72 6.92 9.62
CA LYS B 148 -23.83 6.26 8.92
C LYS B 148 -24.25 5.04 9.72
N LEU B 149 -25.43 5.09 10.32
CA LEU B 149 -25.96 3.97 11.09
C LEU B 149 -26.61 2.97 10.13
N LYS B 150 -26.10 1.75 10.14
CA LYS B 150 -26.56 0.71 9.22
C LYS B 150 -27.41 -0.33 9.94
N TRP B 151 -28.70 -0.04 10.10
CA TRP B 151 -29.61 -0.94 10.78
C TRP B 151 -29.80 -2.23 9.97
N GLN B 152 -30.02 -3.34 10.66
CA GLN B 152 -30.11 -4.65 10.01
C GLN B 152 -31.28 -4.76 9.03
N ARG B 153 -32.41 -4.16 9.40
CA ARG B 153 -33.63 -4.30 8.63
C ARG B 153 -34.12 -2.94 8.12
N SER B 154 -33.79 -1.89 8.85
CA SER B 154 -34.31 -0.57 8.55
C SER B 154 -33.41 0.20 7.59
N ASP B 155 -33.92 1.31 7.08
CA ASP B 155 -33.14 2.20 6.22
C ASP B 155 -31.99 2.80 7.03
N PRO B 156 -30.84 3.06 6.38
CA PRO B 156 -29.69 3.63 7.08
C PRO B 156 -29.88 5.11 7.41
N GLU B 157 -29.35 5.54 8.55
CA GLU B 157 -29.46 6.92 9.01
C GLU B 157 -28.09 7.58 9.05
N PHE B 158 -28.06 8.88 8.77
CA PHE B 158 -26.82 9.65 8.80
C PHE B 158 -26.81 10.60 10.00
N ALA B 159 -25.63 10.77 10.60
CA ALA B 159 -25.46 11.67 11.74
C ALA B 159 -24.35 12.68 11.46
N TYR B 160 -24.57 13.91 11.89
CA TYR B 160 -23.63 15.00 11.64
C TYR B 160 -22.85 15.40 12.89
N SER B 161 -23.00 14.63 13.96
CA SER B 161 -22.27 14.88 15.19
C SER B 161 -22.27 13.63 16.06
N ASP B 162 -21.37 13.60 17.05
CA ASP B 162 -21.32 12.49 17.99
C ASP B 162 -22.62 12.39 18.78
N ARG B 163 -23.18 13.55 19.13
CA ARG B 163 -24.42 13.59 19.90
C ARG B 163 -25.58 12.99 19.11
N GLU B 164 -25.73 13.43 17.86
CA GLU B 164 -26.80 12.93 17.00
C GLU B 164 -26.66 11.43 16.79
N ARG B 165 -25.42 10.97 16.66
CA ARG B 165 -25.13 9.54 16.55
C ARG B 165 -25.71 8.79 17.76
N ASP B 166 -25.36 9.27 18.96
CA ASP B 166 -25.82 8.65 20.19
C ASP B 166 -27.35 8.66 20.28
N GLY B 167 -27.93 9.77 19.84
CA GLY B 167 -29.38 9.94 19.89
C GLY B 167 -30.11 9.00 18.96
N LEU B 168 -29.67 8.97 17.70
CA LEU B 168 -30.31 8.13 16.70
C LEU B 168 -30.10 6.66 17.05
N LEU B 169 -28.96 6.35 17.65
CA LEU B 169 -28.68 4.99 18.10
C LEU B 169 -29.63 4.60 19.20
N GLU B 170 -29.75 5.49 20.20
CA GLU B 170 -30.63 5.26 21.35
C GLU B 170 -32.08 5.11 20.90
N ALA B 171 -32.52 6.02 20.04
CA ALA B 171 -33.90 6.01 19.55
C ALA B 171 -34.22 4.71 18.83
N GLY B 172 -33.34 4.31 17.93
CA GLY B 172 -33.53 3.10 17.16
C GLY B 172 -33.60 1.85 18.02
N LEU B 173 -32.67 1.73 18.96
CA LEU B 173 -32.66 0.56 19.86
C LEU B 173 -33.94 0.52 20.67
N LYS B 174 -34.37 1.68 21.14
CA LYS B 174 -35.61 1.80 21.91
C LYS B 174 -36.81 1.43 21.05
N ALA B 175 -36.69 1.68 19.76
CA ALA B 175 -37.76 1.38 18.80
C ALA B 175 -37.74 -0.09 18.36
N GLY B 176 -36.76 -0.85 18.85
CA GLY B 176 -36.68 -2.27 18.57
C GLY B 176 -35.80 -2.64 17.38
N LYS B 177 -35.13 -1.65 16.79
CA LYS B 177 -34.22 -1.91 15.69
C LYS B 177 -32.90 -2.49 16.19
N LYS B 178 -32.11 -3.05 15.28
CA LYS B 178 -30.84 -3.69 15.65
C LYS B 178 -29.74 -3.42 14.63
N ILE B 179 -28.50 -3.33 15.12
CA ILE B 179 -27.33 -3.13 14.27
C ILE B 179 -26.29 -4.23 14.48
N ASN B 180 -25.55 -4.56 13.42
CA ASN B 180 -24.40 -5.44 13.56
C ASN B 180 -23.32 -4.72 14.35
N LYS B 181 -22.52 -5.46 15.11
CA LYS B 181 -21.45 -4.85 15.89
C LYS B 181 -20.14 -4.88 15.11
N GLU B 182 -20.19 -5.43 13.90
CA GLU B 182 -19.04 -5.47 13.00
C GLU B 182 -19.13 -4.33 12.00
N ASP B 183 -20.06 -4.45 11.05
CA ASP B 183 -20.34 -3.38 10.10
C ASP B 183 -20.73 -2.14 10.89
N GLY B 184 -21.84 -2.25 11.61
CA GLY B 184 -22.26 -1.25 12.57
C GLY B 184 -22.38 0.17 12.05
N ILE B 185 -21.79 1.09 12.80
CA ILE B 185 -21.82 2.49 12.47
C ILE B 185 -20.58 2.86 11.66
N GLN B 186 -20.77 3.14 10.38
CA GLN B 186 -19.65 3.59 9.54
C GLN B 186 -19.33 5.02 9.89
N ARG B 187 -18.04 5.29 10.10
CA ARG B 187 -17.56 6.63 10.37
C ARG B 187 -16.84 7.22 9.18
N TYR B 188 -17.32 8.37 8.72
CA TYR B 188 -16.70 9.08 7.62
C TYR B 188 -15.54 9.92 8.11
N LYS B 189 -14.40 9.78 7.43
CA LYS B 189 -13.23 10.58 7.76
C LYS B 189 -12.95 11.59 6.64
N GLY B 190 -13.85 11.65 5.67
CA GLY B 190 -13.73 12.59 4.57
C GLY B 190 -14.72 12.33 3.46
N LEU B 191 -14.96 13.35 2.64
CA LEU B 191 -15.86 13.27 1.50
C LEU B 191 -15.38 12.23 0.48
N GLY B 192 -14.07 12.02 0.42
CA GLY B 192 -13.47 11.10 -0.54
C GLY B 192 -13.87 9.67 -0.31
N GLU B 193 -14.32 9.36 0.90
CA GLU B 193 -14.72 8.00 1.26
C GLU B 193 -16.16 7.68 0.86
N MET B 194 -16.91 8.72 0.52
CA MET B 194 -18.32 8.57 0.20
C MET B 194 -18.53 8.27 -1.27
N ASP B 195 -19.64 7.59 -1.58
CA ASP B 195 -20.02 7.35 -2.96
C ASP B 195 -21.01 8.44 -3.39
N ALA B 196 -21.51 8.34 -4.62
CA ALA B 196 -22.43 9.34 -5.16
C ALA B 196 -23.73 9.40 -4.36
N LYS B 197 -24.31 8.23 -4.08
CA LYS B 197 -25.58 8.16 -3.37
C LYS B 197 -25.51 8.82 -2.01
N GLU B 198 -24.48 8.47 -1.24
CA GLU B 198 -24.29 9.00 0.11
C GLU B 198 -24.16 10.51 0.13
N LEU B 199 -23.43 11.06 -0.84
CA LEU B 199 -23.25 12.50 -0.92
C LEU B 199 -24.56 13.20 -1.24
N TRP B 200 -25.34 12.62 -2.15
CA TRP B 200 -26.62 13.18 -2.51
C TRP B 200 -27.53 13.28 -1.29
N GLU B 201 -27.64 12.16 -0.58
CA GLU B 201 -28.60 12.04 0.51
C GLU B 201 -28.15 12.72 1.81
N THR B 202 -27.05 13.47 1.76
CA THR B 202 -26.51 14.12 2.96
C THR B 202 -26.02 15.55 2.76
N THR B 203 -25.61 15.90 1.54
CA THR B 203 -25.01 17.21 1.31
C THR B 203 -25.53 17.93 0.06
N MET B 204 -26.18 17.20 -0.85
CA MET B 204 -26.59 17.79 -2.13
C MET B 204 -28.10 17.75 -2.38
N ASP B 205 -28.78 16.78 -1.80
CA ASP B 205 -30.24 16.75 -1.89
C ASP B 205 -30.77 17.96 -1.12
N PRO B 206 -31.41 18.92 -1.84
CA PRO B 206 -31.80 20.17 -1.18
C PRO B 206 -32.84 20.02 -0.07
N SER B 207 -33.51 18.86 0.01
CA SER B 207 -34.55 18.64 1.00
C SER B 207 -34.01 18.05 2.31
N VAL B 208 -32.72 17.75 2.34
CA VAL B 208 -32.11 17.13 3.52
C VAL B 208 -30.71 17.69 3.84
N ARG B 209 -30.10 18.38 2.88
CA ARG B 209 -28.75 18.90 3.08
C ARG B 209 -28.71 19.96 4.18
N VAL B 210 -27.60 19.98 4.92
CA VAL B 210 -27.39 20.96 5.98
C VAL B 210 -26.39 22.03 5.54
N LEU B 211 -26.93 23.17 5.09
CA LEU B 211 -26.09 24.28 4.64
C LEU B 211 -26.06 25.38 5.69
N ARG B 212 -24.94 26.08 5.77
CA ARG B 212 -24.83 27.26 6.61
C ARG B 212 -24.50 28.47 5.75
N GLN B 213 -25.33 29.50 5.83
CA GLN B 213 -25.12 30.71 5.05
C GLN B 213 -24.15 31.67 5.75
N VAL B 214 -23.04 31.96 5.09
CA VAL B 214 -22.05 32.86 5.65
C VAL B 214 -22.56 34.30 5.62
N THR B 215 -22.67 34.89 6.81
CA THR B 215 -23.10 36.28 6.94
C THR B 215 -21.92 37.16 7.37
N LEU B 216 -21.96 38.43 6.97
CA LEU B 216 -20.92 39.39 7.31
C LEU B 216 -21.52 40.59 8.03
N ASP B 217 -21.30 40.66 9.33
CA ASP B 217 -21.84 41.75 10.15
C ASP B 217 -20.89 42.95 10.18
N ASP B 218 -19.84 42.86 10.99
CA ASP B 218 -18.86 43.93 11.11
C ASP B 218 -17.71 43.72 10.13
N ALA B 219 -17.69 44.53 9.08
CA ALA B 219 -16.67 44.41 8.03
C ALA B 219 -15.28 44.77 8.54
N ALA B 220 -15.21 45.81 9.37
CA ALA B 220 -13.94 46.26 9.92
C ALA B 220 -13.36 45.23 10.88
N ALA B 221 -14.21 44.65 11.72
CA ALA B 221 -13.78 43.61 12.64
C ALA B 221 -13.29 42.37 11.88
N ALA B 222 -14.05 42.00 10.84
CA ALA B 222 -13.69 40.87 10.00
C ALA B 222 -12.34 41.11 9.32
N ASP B 223 -12.18 42.32 8.77
CA ASP B 223 -10.94 42.71 8.11
C ASP B 223 -9.73 42.47 9.02
N GLU B 224 -9.87 42.85 10.28
CA GLU B 224 -8.77 42.70 11.23
C GLU B 224 -8.51 41.23 11.54
N LEU B 225 -9.58 40.48 11.75
CA LEU B 225 -9.46 39.06 12.09
C LEU B 225 -8.81 38.28 10.96
N PHE B 226 -9.20 38.58 9.73
CA PHE B 226 -8.61 37.93 8.57
C PHE B 226 -7.11 38.20 8.51
N SER B 227 -6.73 39.45 8.74
CA SER B 227 -5.33 39.84 8.69
C SER B 227 -4.53 39.19 9.81
N ILE B 228 -5.12 39.07 11.00
CA ILE B 228 -4.43 38.45 12.13
C ILE B 228 -4.18 36.97 11.85
N LEU B 229 -5.25 36.26 11.52
CA LEU B 229 -5.18 34.81 11.34
C LEU B 229 -4.44 34.40 10.06
N MET B 230 -4.63 35.16 8.99
CA MET B 230 -4.12 34.75 7.68
C MET B 230 -2.90 35.56 7.24
N GLY B 231 -2.58 36.64 7.95
CA GLY B 231 -1.51 37.52 7.53
C GLY B 231 -0.11 36.96 7.75
N GLU B 232 0.90 37.74 7.40
CA GLU B 232 2.29 37.32 7.53
C GLU B 232 2.81 37.46 8.95
N ASP B 233 2.16 38.30 9.75
CA ASP B 233 2.59 38.52 11.12
C ASP B 233 2.31 37.27 11.96
N VAL B 234 3.37 36.52 12.24
CA VAL B 234 3.25 35.29 12.99
C VAL B 234 2.95 35.57 14.46
N ASP B 235 3.66 36.52 15.03
CA ASP B 235 3.54 36.87 16.44
C ASP B 235 2.08 37.18 16.80
N ALA B 236 1.45 38.03 15.99
CA ALA B 236 0.06 38.39 16.20
C ALA B 236 -0.83 37.16 16.19
N ARG B 237 -0.58 36.27 15.24
CA ARG B 237 -1.34 35.03 15.13
C ARG B 237 -1.06 34.11 16.31
N ARG B 238 0.21 34.01 16.69
CA ARG B 238 0.61 33.15 17.80
C ARG B 238 -0.08 33.58 19.10
N SER B 239 -0.02 34.86 19.41
CA SER B 239 -0.63 35.38 20.64
C SER B 239 -2.15 35.28 20.60
N PHE B 240 -2.72 35.45 19.41
CA PHE B 240 -4.16 35.33 19.23
C PHE B 240 -4.65 33.92 19.55
N ILE B 241 -3.91 32.92 19.06
CA ILE B 241 -4.29 31.53 19.28
C ILE B 241 -4.17 31.18 20.75
N THR B 242 -3.03 31.50 21.36
CA THR B 242 -2.81 31.22 22.77
C THR B 242 -3.83 31.97 23.62
N ARG B 243 -4.32 33.10 23.13
CA ARG B 243 -5.30 33.92 23.86
C ARG B 243 -6.72 33.38 23.72
N ASN B 244 -7.09 32.89 22.54
CA ASN B 244 -8.48 32.58 22.23
C ASN B 244 -8.80 31.09 22.00
N ALA B 245 -7.77 30.27 21.84
CA ALA B 245 -8.00 28.83 21.65
C ALA B 245 -8.55 28.21 22.92
N LYS B 246 -8.15 28.79 24.05
CA LYS B 246 -8.59 28.32 25.35
C LYS B 246 -10.11 28.38 25.50
N ASP B 247 -10.75 29.25 24.73
CA ASP B 247 -12.19 29.53 24.85
C ASP B 247 -12.96 29.29 23.56
N VAL B 248 -12.42 28.45 22.67
CA VAL B 248 -13.03 28.21 21.38
C VAL B 248 -14.34 27.44 21.50
N ARG B 249 -14.42 26.57 22.51
CA ARG B 249 -15.61 25.76 22.75
C ARG B 249 -16.82 26.58 23.15
N PHE B 250 -16.59 27.75 23.73
CA PHE B 250 -17.65 28.51 24.38
C PHE B 250 -18.10 29.71 23.55
N LEU B 251 -17.88 29.64 22.24
CA LEU B 251 -18.24 30.73 21.35
C LEU B 251 -19.75 30.83 21.13
N ASP B 252 -20.45 29.70 21.22
CA ASP B 252 -21.88 29.64 20.95
C ASP B 252 -22.71 29.29 22.20
N VAL B 253 -22.07 29.27 23.37
CA VAL B 253 -22.78 28.98 24.61
C VAL B 253 -23.67 30.16 25.00
N ILE C 14 34.66 -11.99 -20.74
CA ILE C 14 33.40 -11.62 -21.37
C ILE C 14 32.93 -12.72 -22.30
N GLU C 15 31.73 -13.23 -22.06
CA GLU C 15 31.17 -14.30 -22.88
C GLU C 15 30.47 -13.73 -24.11
N PRO C 16 30.65 -14.36 -25.28
CA PRO C 16 29.92 -13.89 -26.45
C PRO C 16 28.57 -14.58 -26.58
N VAL C 17 27.56 -13.86 -27.06
CA VAL C 17 26.24 -14.43 -27.30
C VAL C 17 25.68 -13.87 -28.60
N ASP C 18 25.11 -14.74 -29.43
CA ASP C 18 24.61 -14.32 -30.73
C ASP C 18 23.25 -13.65 -30.58
N ILE C 19 23.01 -12.63 -31.37
CA ILE C 19 21.80 -11.84 -31.26
C ILE C 19 20.56 -12.68 -31.56
N GLU C 20 20.69 -13.65 -32.48
CA GLU C 20 19.57 -14.51 -32.83
C GLU C 20 19.17 -15.41 -31.66
N GLN C 21 20.17 -16.00 -31.00
CA GLN C 21 19.92 -16.82 -29.82
C GLN C 21 19.25 -16.02 -28.72
N GLU C 22 19.81 -14.85 -28.45
CA GLU C 22 19.32 -13.98 -27.39
C GLU C 22 17.88 -13.53 -27.66
N MET C 23 17.63 -13.03 -28.86
CA MET C 23 16.31 -12.55 -29.25
C MET C 23 15.26 -13.64 -29.12
N GLN C 24 15.55 -14.79 -29.72
CA GLN C 24 14.62 -15.91 -29.73
C GLN C 24 14.31 -16.37 -28.31
N ARG C 25 15.35 -16.58 -27.52
CA ARG C 25 15.19 -17.11 -26.17
C ARG C 25 14.39 -16.13 -25.32
N SER C 26 14.79 -14.86 -25.35
CA SER C 26 14.18 -13.85 -24.50
C SER C 26 12.72 -13.58 -24.87
N TYR C 27 12.43 -13.44 -26.17
CA TYR C 27 11.08 -13.11 -26.58
C TYR C 27 10.12 -14.28 -26.36
N ILE C 28 10.59 -15.50 -26.60
CA ILE C 28 9.78 -16.67 -26.35
C ILE C 28 9.47 -16.80 -24.86
N ASP C 29 10.46 -16.53 -24.01
CA ASP C 29 10.25 -16.55 -22.57
C ASP C 29 9.18 -15.55 -22.16
N TYR C 30 9.20 -14.38 -22.78
CA TYR C 30 8.22 -13.35 -22.50
C TYR C 30 6.84 -13.76 -23.00
N ALA C 31 6.78 -14.17 -24.25
CA ALA C 31 5.51 -14.56 -24.84
C ALA C 31 4.83 -15.68 -24.05
N MET C 32 5.60 -16.69 -23.66
CA MET C 32 5.02 -17.85 -23.00
C MET C 32 4.45 -17.56 -21.61
N SER C 33 5.17 -16.77 -20.82
CA SER C 33 4.71 -16.44 -19.47
C SER C 33 3.52 -15.47 -19.53
N VAL C 34 3.56 -14.53 -20.46
CA VAL C 34 2.43 -13.64 -20.68
C VAL C 34 1.19 -14.45 -21.05
N ILE C 35 1.37 -15.42 -21.94
CA ILE C 35 0.28 -16.27 -22.39
C ILE C 35 -0.29 -17.09 -21.24
N VAL C 36 0.59 -17.77 -20.52
CA VAL C 36 0.18 -18.73 -19.50
C VAL C 36 0.03 -18.10 -18.12
N GLY C 37 0.80 -17.04 -17.87
CA GLY C 37 0.88 -16.44 -16.54
C GLY C 37 0.67 -14.94 -16.45
N ARG C 38 -0.21 -14.37 -17.27
CA ARG C 38 -0.55 -12.95 -17.15
C ARG C 38 -1.88 -12.55 -17.78
N ALA C 39 -1.98 -12.67 -19.10
CA ALA C 39 -3.08 -12.07 -19.83
C ALA C 39 -4.31 -12.97 -19.99
N LEU C 40 -4.13 -14.29 -19.94
CA LEU C 40 -5.20 -15.22 -20.28
C LEU C 40 -5.73 -16.01 -19.09
N PRO C 41 -7.06 -16.24 -19.07
CA PRO C 41 -7.70 -16.95 -17.94
C PRO C 41 -7.48 -18.46 -17.95
N GLU C 42 -7.28 -19.01 -16.75
CA GLU C 42 -7.35 -20.44 -16.53
C GLU C 42 -8.79 -20.91 -16.78
N VAL C 43 -8.97 -21.99 -17.53
CA VAL C 43 -10.30 -22.44 -17.91
C VAL C 43 -11.14 -22.85 -16.70
N ARG C 44 -10.48 -23.37 -15.68
CA ARG C 44 -11.18 -23.95 -14.54
C ARG C 44 -11.86 -22.92 -13.62
N ASP C 45 -11.20 -21.79 -13.37
CA ASP C 45 -11.76 -20.74 -12.53
C ASP C 45 -11.91 -19.41 -13.28
N GLY C 46 -11.44 -19.37 -14.51
CA GLY C 46 -11.58 -18.18 -15.33
C GLY C 46 -10.78 -16.99 -14.86
N LEU C 47 -9.76 -17.24 -14.04
CA LEU C 47 -8.99 -16.18 -13.43
C LEU C 47 -7.58 -16.03 -14.01
N LYS C 48 -7.13 -14.79 -14.10
CA LYS C 48 -5.72 -14.50 -14.37
C LYS C 48 -4.97 -14.46 -13.03
N PRO C 49 -3.64 -14.61 -13.08
CA PRO C 49 -2.83 -14.65 -11.85
C PRO C 49 -3.09 -13.47 -10.92
N VAL C 50 -3.23 -12.27 -11.46
CA VAL C 50 -3.43 -11.10 -10.61
C VAL C 50 -4.77 -11.22 -9.90
N HIS C 51 -5.80 -11.67 -10.60
CA HIS C 51 -7.11 -11.86 -10.01
C HIS C 51 -7.04 -12.86 -8.86
N ARG C 52 -6.49 -14.03 -9.16
CA ARG C 52 -6.41 -15.12 -8.21
C ARG C 52 -5.65 -14.69 -6.96
N ARG C 53 -4.57 -13.95 -7.15
CA ARG C 53 -3.71 -13.57 -6.04
C ARG C 53 -4.33 -12.48 -5.16
N VAL C 54 -5.06 -11.55 -5.79
CA VAL C 54 -5.80 -10.54 -5.05
C VAL C 54 -6.84 -11.20 -4.16
N LEU C 55 -7.67 -12.05 -4.77
CA LEU C 55 -8.76 -12.69 -4.06
C LEU C 55 -8.25 -13.56 -2.91
N TYR C 56 -7.17 -14.30 -3.12
CA TYR C 56 -6.64 -15.16 -2.08
C TYR C 56 -6.01 -14.33 -0.96
N ALA C 57 -5.37 -13.23 -1.32
CA ALA C 57 -4.79 -12.34 -0.34
C ALA C 57 -5.87 -11.80 0.58
N MET C 58 -6.96 -11.32 -0.02
CA MET C 58 -8.07 -10.78 0.73
C MET C 58 -8.71 -11.87 1.59
N PHE C 59 -8.83 -13.05 1.02
CA PHE C 59 -9.40 -14.20 1.71
C PHE C 59 -8.57 -14.55 2.93
N ASP C 60 -7.27 -14.73 2.71
CA ASP C 60 -6.35 -15.12 3.77
C ASP C 60 -6.28 -14.03 4.84
N SER C 61 -6.45 -12.78 4.42
CA SER C 61 -6.41 -11.63 5.33
C SER C 61 -7.69 -11.51 6.15
N GLY C 62 -8.71 -12.27 5.77
CA GLY C 62 -9.98 -12.27 6.48
C GLY C 62 -10.91 -11.17 6.02
N PHE C 63 -10.57 -10.51 4.92
CA PHE C 63 -11.40 -9.44 4.38
C PHE C 63 -12.62 -10.03 3.70
N ARG C 64 -13.50 -10.59 4.52
CA ARG C 64 -14.65 -11.37 4.04
C ARG C 64 -15.94 -10.61 4.35
N PRO C 65 -17.06 -10.99 3.70
CA PRO C 65 -18.31 -10.26 3.92
C PRO C 65 -18.82 -10.33 5.36
N ASP C 66 -18.29 -11.25 6.17
CA ASP C 66 -18.72 -11.38 7.55
C ASP C 66 -18.01 -10.37 8.46
N ARG C 67 -17.23 -9.47 7.87
CA ARG C 67 -16.57 -8.42 8.62
C ARG C 67 -16.59 -7.15 7.79
N SER C 68 -16.38 -6.01 8.43
CA SER C 68 -16.48 -4.73 7.76
C SER C 68 -15.37 -4.58 6.73
N HIS C 69 -15.60 -3.72 5.74
CA HIS C 69 -14.61 -3.46 4.69
C HIS C 69 -13.28 -3.03 5.27
N ALA C 70 -12.21 -3.68 4.82
CA ALA C 70 -10.86 -3.26 5.16
C ALA C 70 -10.42 -2.20 4.15
N LYS C 71 -9.51 -1.33 4.55
CA LYS C 71 -8.95 -0.34 3.61
C LYS C 71 -8.32 -1.07 2.43
N SER C 72 -8.63 -0.61 1.23
CA SER C 72 -8.24 -1.34 0.02
C SER C 72 -6.73 -1.39 -0.13
N ALA C 73 -6.04 -0.42 0.47
CA ALA C 73 -4.57 -0.39 0.49
C ALA C 73 -4.02 -1.66 1.13
N ARG C 74 -4.72 -2.16 2.14
CA ARG C 74 -4.28 -3.36 2.83
C ARG C 74 -4.37 -4.59 1.94
N SER C 75 -5.40 -4.65 1.10
CA SER C 75 -5.55 -5.76 0.16
C SER C 75 -4.45 -5.71 -0.89
N VAL C 76 -4.18 -4.50 -1.40
CA VAL C 76 -3.11 -4.32 -2.39
C VAL C 76 -1.75 -4.69 -1.81
N ALA C 77 -1.44 -4.16 -0.63
CA ALA C 77 -0.14 -4.38 -0.01
C ALA C 77 0.08 -5.86 0.31
N GLU C 78 -0.98 -6.53 0.75
CA GLU C 78 -0.89 -7.95 1.08
C GLU C 78 -0.66 -8.78 -0.18
N THR C 79 -1.30 -8.39 -1.26
CA THR C 79 -1.14 -9.08 -2.53
C THR C 79 0.30 -8.90 -3.02
N MET C 80 0.80 -7.68 -2.93
CA MET C 80 2.16 -7.35 -3.35
C MET C 80 3.21 -8.10 -2.54
N GLY C 81 3.02 -8.13 -1.24
CA GLY C 81 4.03 -8.63 -0.32
C GLY C 81 4.20 -10.14 -0.29
N ASN C 82 3.16 -10.86 -0.69
CA ASN C 82 3.15 -12.31 -0.55
C ASN C 82 3.01 -13.09 -1.85
N TYR C 83 2.32 -12.51 -2.84
CA TYR C 83 1.94 -13.29 -4.03
C TYR C 83 2.29 -12.66 -5.38
N HIS C 84 2.04 -11.36 -5.51
CA HIS C 84 2.15 -10.70 -6.81
C HIS C 84 3.29 -9.67 -6.81
N PRO C 85 4.49 -10.08 -7.28
CA PRO C 85 5.65 -9.19 -7.20
C PRO C 85 5.64 -8.10 -8.28
N HIS C 86 4.67 -7.21 -8.21
CA HIS C 86 4.54 -6.13 -9.18
C HIS C 86 4.06 -4.85 -8.49
N GLY C 87 3.70 -3.85 -9.28
CA GLY C 87 3.40 -2.53 -8.74
C GLY C 87 2.04 -2.44 -8.08
N ASP C 88 1.95 -1.57 -7.06
CA ASP C 88 0.72 -1.38 -6.31
C ASP C 88 -0.37 -0.72 -7.17
N ALA C 89 0.04 0.16 -8.08
CA ALA C 89 -0.91 0.90 -8.91
C ALA C 89 -1.78 -0.02 -9.75
N SER C 90 -1.15 -0.85 -10.59
CA SER C 90 -1.90 -1.69 -11.52
C SER C 90 -2.63 -2.82 -10.77
N ILE C 91 -2.12 -3.20 -9.61
CA ILE C 91 -2.81 -4.18 -8.78
C ILE C 91 -4.09 -3.57 -8.24
N TYR C 92 -4.03 -2.31 -7.82
CA TYR C 92 -5.22 -1.62 -7.36
C TYR C 92 -6.24 -1.51 -8.49
N ASP C 93 -5.76 -1.27 -9.72
CA ASP C 93 -6.66 -1.20 -10.87
C ASP C 93 -7.43 -2.51 -11.04
N SER C 94 -6.73 -3.63 -10.92
CA SER C 94 -7.35 -4.93 -11.10
C SER C 94 -8.38 -5.20 -10.01
N LEU C 95 -8.05 -4.81 -8.78
CA LEU C 95 -8.98 -4.95 -7.66
C LEU C 95 -10.22 -4.10 -7.91
N VAL C 96 -10.01 -2.87 -8.35
CA VAL C 96 -11.11 -1.95 -8.59
C VAL C 96 -12.05 -2.54 -9.64
N ARG C 97 -11.49 -3.04 -10.73
CA ARG C 97 -12.31 -3.62 -11.79
C ARG C 97 -13.22 -4.73 -11.28
N MET C 98 -12.69 -5.57 -10.41
CA MET C 98 -13.46 -6.70 -9.89
C MET C 98 -14.60 -6.25 -8.97
N ALA C 99 -14.69 -4.95 -8.71
CA ALA C 99 -15.71 -4.40 -7.83
C ALA C 99 -16.76 -3.57 -8.59
N GLN C 100 -16.54 -3.35 -9.89
CA GLN C 100 -17.44 -2.54 -10.69
C GLN C 100 -18.59 -3.37 -11.28
N PRO C 101 -19.85 -3.01 -10.96
CA PRO C 101 -20.98 -3.80 -11.47
C PRO C 101 -21.19 -3.72 -12.98
N TRP C 102 -20.59 -2.73 -13.63
CA TRP C 102 -20.73 -2.55 -15.08
C TRP C 102 -19.60 -3.24 -15.84
N SER C 103 -18.60 -3.70 -15.09
CA SER C 103 -17.48 -4.44 -15.67
C SER C 103 -17.68 -5.95 -15.50
N LEU C 104 -17.90 -6.38 -14.26
CA LEU C 104 -18.15 -7.79 -13.97
C LEU C 104 -19.64 -8.09 -13.84
N ARG C 105 -20.09 -9.13 -14.54
CA ARG C 105 -21.47 -9.58 -14.45
C ARG C 105 -21.80 -10.08 -13.04
N TYR C 106 -20.78 -10.61 -12.36
CA TYR C 106 -20.91 -11.06 -10.98
C TYR C 106 -19.68 -10.61 -10.20
N PRO C 107 -19.72 -9.40 -9.63
CA PRO C 107 -18.59 -8.82 -8.91
C PRO C 107 -17.99 -9.75 -7.85
N LEU C 108 -16.67 -9.79 -7.78
CA LEU C 108 -15.95 -10.61 -6.82
C LEU C 108 -15.43 -9.79 -5.64
N VAL C 109 -15.45 -8.47 -5.81
CA VAL C 109 -15.03 -7.54 -4.75
C VAL C 109 -16.16 -6.61 -4.39
N ASP C 110 -16.47 -6.54 -3.10
CA ASP C 110 -17.42 -5.58 -2.57
C ASP C 110 -16.71 -4.28 -2.24
N GLY C 111 -16.85 -3.28 -3.11
CA GLY C 111 -16.19 -2.01 -2.92
C GLY C 111 -17.02 -1.03 -2.13
N GLN C 112 -16.36 -0.27 -1.26
CA GLN C 112 -16.99 0.80 -0.51
C GLN C 112 -16.28 2.11 -0.82
N GLY C 113 -17.01 3.03 -1.44
CA GLY C 113 -16.47 4.32 -1.82
C GLY C 113 -16.64 4.61 -3.30
N ASN C 114 -15.79 5.48 -3.81
CA ASN C 114 -15.83 5.85 -5.22
C ASN C 114 -14.97 4.92 -6.07
N PHE C 115 -15.63 4.03 -6.81
CA PHE C 115 -14.96 3.09 -7.71
C PHE C 115 -15.17 3.46 -9.18
N GLY C 116 -15.48 4.73 -9.43
CA GLY C 116 -15.61 5.24 -10.79
C GLY C 116 -17.00 5.10 -11.35
N SER C 117 -17.11 5.27 -12.66
CA SER C 117 -18.39 5.16 -13.36
C SER C 117 -18.19 4.51 -14.74
N PRO C 118 -19.30 4.17 -15.42
CA PRO C 118 -19.20 3.64 -16.79
C PRO C 118 -18.64 4.67 -17.78
N GLY C 119 -18.53 5.91 -17.33
CA GLY C 119 -17.97 6.98 -18.14
C GLY C 119 -16.49 7.20 -17.85
N ASN C 120 -16.06 8.44 -18.00
CA ASN C 120 -14.64 8.79 -17.84
C ASN C 120 -14.29 9.20 -16.40
N ASP C 121 -15.26 9.14 -15.49
CA ASP C 121 -14.99 9.44 -14.09
C ASP C 121 -14.09 8.37 -13.48
N PRO C 122 -12.82 8.71 -13.21
CA PRO C 122 -11.94 7.65 -12.71
C PRO C 122 -12.25 7.26 -11.28
N PRO C 123 -11.89 6.04 -10.88
CA PRO C 123 -12.10 5.65 -9.47
C PRO C 123 -11.25 6.48 -8.52
N ALA C 124 -11.67 6.57 -7.26
CA ALA C 124 -10.87 7.26 -6.26
C ALA C 124 -9.58 6.51 -6.00
N ALA C 125 -8.60 7.23 -5.45
CA ALA C 125 -7.32 6.64 -5.14
C ALA C 125 -7.45 5.62 -4.02
N MET C 126 -6.44 4.76 -3.94
CA MET C 126 -6.37 3.68 -2.96
C MET C 126 -6.74 4.13 -1.54
N ARG C 127 -6.27 5.30 -1.14
CA ARG C 127 -6.44 5.79 0.21
CA ARG C 127 -6.44 5.79 0.21
C ARG C 127 -7.90 5.98 0.59
N PTR C 128 -8.75 6.26 -0.40
CA PTR C 128 -10.11 6.69 -0.11
C PTR C 128 -11.05 5.53 -0.05
O PTR C 128 -12.13 5.64 0.57
CB PTR C 128 -10.64 7.59 -1.21
CG PTR C 128 -9.81 8.84 -1.33
CD1 PTR C 128 -9.04 9.03 -2.46
CD2 PTR C 128 -9.82 9.79 -0.32
CE1 PTR C 128 -8.26 10.17 -2.59
CE2 PTR C 128 -9.04 10.93 -0.44
CZ PTR C 128 -8.26 11.12 -1.57
OH PTR C 128 -7.51 12.24 -1.71
P PTR C 128 -7.86 13.22 -2.94
O1P PTR C 128 -7.18 14.52 -2.60
O2P PTR C 128 -7.31 12.51 -4.14
O3P PTR C 128 -9.37 13.28 -2.90
HA PTR C 128 -10.15 7.18 0.74
HB2 PTR C 128 -10.62 7.12 -2.06
HB3 PTR C 128 -11.56 7.86 -1.00
HD1 PTR C 128 -9.04 8.39 -3.14
HD2 PTR C 128 -10.34 9.65 0.45
HE1 PTR C 128 -7.75 10.31 -3.35
HE2 PTR C 128 -9.05 11.57 0.24
N THR C 129 -10.69 4.42 -0.67
CA THR C 129 -11.63 3.31 -0.84
C THR C 129 -11.38 2.16 0.13
N GLU C 130 -12.44 1.43 0.42
CA GLU C 130 -12.36 0.20 1.20
C GLU C 130 -12.87 -0.96 0.35
N ALA C 131 -12.59 -2.19 0.77
CA ALA C 131 -12.95 -3.34 -0.04
C ALA C 131 -12.91 -4.63 0.76
N ARG C 132 -13.75 -5.57 0.33
CA ARG C 132 -13.76 -6.91 0.88
C ARG C 132 -14.28 -7.83 -0.21
N LEU C 133 -14.24 -9.14 0.07
CA LEU C 133 -14.76 -10.13 -0.87
C LEU C 133 -16.28 -10.14 -0.86
N THR C 134 -16.88 -10.47 -2.01
CA THR C 134 -18.32 -10.66 -2.10
C THR C 134 -18.69 -12.11 -1.76
N PRO C 135 -19.96 -12.35 -1.45
CA PRO C 135 -20.42 -13.73 -1.18
C PRO C 135 -20.10 -14.71 -2.29
N LEU C 136 -20.22 -14.31 -3.56
CA LEU C 136 -19.87 -15.21 -4.67
C LEU C 136 -18.38 -15.49 -4.71
N ALA C 137 -17.57 -14.47 -4.42
CA ALA C 137 -16.13 -14.64 -4.38
C ALA C 137 -15.78 -15.63 -3.28
N MET C 138 -16.64 -15.70 -2.27
CA MET C 138 -16.44 -16.64 -1.17
C MET C 138 -16.67 -18.07 -1.66
N GLU C 139 -17.46 -18.20 -2.71
CA GLU C 139 -17.71 -19.51 -3.33
C GLU C 139 -16.57 -19.88 -4.28
N MET C 140 -15.82 -18.87 -4.74
CA MET C 140 -14.63 -19.13 -5.53
C MET C 140 -13.60 -19.84 -4.66
N LEU C 141 -13.58 -19.47 -3.38
CA LEU C 141 -12.55 -19.89 -2.45
C LEU C 141 -13.05 -20.95 -1.45
N ARG C 142 -14.28 -21.42 -1.67
CA ARG C 142 -14.92 -22.36 -0.75
C ARG C 142 -14.07 -23.61 -0.53
N GLU C 143 -13.70 -23.83 0.73
CA GLU C 143 -12.98 -25.04 1.16
C GLU C 143 -11.62 -25.19 0.48
N ILE C 144 -11.00 -24.05 0.16
CA ILE C 144 -9.68 -24.06 -0.44
C ILE C 144 -8.64 -24.60 0.55
N ASP C 145 -9.02 -24.61 1.83
CA ASP C 145 -8.13 -25.07 2.88
C ASP C 145 -8.26 -26.59 3.16
N GLU C 146 -9.01 -27.28 2.31
CA GLU C 146 -9.19 -28.72 2.45
C GLU C 146 -8.50 -29.48 1.31
N GLU C 147 -7.37 -28.94 0.87
CA GLU C 147 -6.55 -29.58 -0.15
C GLU C 147 -7.35 -29.85 -1.42
N THR C 148 -8.24 -28.93 -1.75
CA THR C 148 -9.10 -29.06 -2.92
C THR C 148 -8.40 -28.59 -4.20
N VAL C 149 -7.28 -27.90 -4.04
CA VAL C 149 -6.50 -27.41 -5.17
C VAL C 149 -5.01 -27.49 -4.87
N ASP C 150 -4.20 -27.66 -5.90
CA ASP C 150 -2.76 -27.65 -5.73
C ASP C 150 -2.27 -26.27 -5.33
N PHE C 151 -1.38 -26.25 -4.34
CA PHE C 151 -0.69 -25.03 -3.95
C PHE C 151 0.77 -25.13 -4.38
N ILE C 152 1.39 -23.99 -4.66
CA ILE C 152 2.82 -23.93 -4.95
C ILE C 152 3.44 -22.79 -4.14
N PRO C 153 4.77 -22.83 -3.96
CA PRO C 153 5.43 -21.71 -3.27
C PRO C 153 5.30 -20.40 -4.04
N ASN C 154 5.26 -19.29 -3.32
CA ASN C 154 5.14 -17.99 -3.94
C ASN C 154 6.45 -17.57 -4.62
N TYR C 155 6.58 -16.29 -4.94
CA TYR C 155 7.70 -15.83 -5.75
C TYR C 155 9.04 -15.88 -5.00
N ASP C 156 9.01 -16.04 -3.68
CA ASP C 156 10.24 -16.14 -2.90
C ASP C 156 10.20 -17.31 -1.90
N GLY C 157 9.20 -18.18 -2.04
CA GLY C 157 9.15 -19.41 -1.29
C GLY C 157 8.82 -19.29 0.18
N ARG C 158 8.56 -18.08 0.65
CA ARG C 158 8.20 -17.88 2.05
C ARG C 158 6.85 -18.51 2.38
N VAL C 159 5.90 -18.42 1.45
CA VAL C 159 4.55 -18.92 1.68
C VAL C 159 3.97 -19.63 0.44
N GLN C 160 2.85 -20.31 0.66
CA GLN C 160 2.15 -21.03 -0.41
C GLN C 160 1.03 -20.20 -1.01
N GLU C 161 0.79 -20.39 -2.31
CA GLU C 161 -0.33 -19.77 -3.00
C GLU C 161 -1.05 -20.81 -3.85
N PRO C 162 -2.36 -20.62 -4.07
CA PRO C 162 -3.12 -21.59 -4.87
C PRO C 162 -2.85 -21.47 -6.36
N THR C 163 -2.70 -22.61 -7.04
CA THR C 163 -2.53 -22.64 -8.48
C THR C 163 -3.83 -22.33 -9.19
N VAL C 164 -4.93 -22.70 -8.58
CA VAL C 164 -6.27 -22.46 -9.12
C VAL C 164 -7.24 -22.45 -7.95
N LEU C 165 -8.37 -21.76 -8.09
CA LEU C 165 -9.36 -21.72 -7.01
C LEU C 165 -10.42 -22.81 -7.22
N PRO C 166 -11.06 -23.25 -6.11
CA PRO C 166 -12.17 -24.22 -6.20
C PRO C 166 -13.25 -23.78 -7.18
N SER C 167 -13.56 -22.49 -7.18
CA SER C 167 -14.49 -21.91 -8.16
C SER C 167 -15.78 -22.72 -8.23
N ARG C 168 -16.59 -22.63 -7.17
CA ARG C 168 -17.79 -23.46 -7.06
C ARG C 168 -18.96 -22.89 -7.88
N PHE C 169 -18.65 -21.98 -8.79
CA PHE C 169 -19.58 -21.59 -9.84
C PHE C 169 -18.76 -21.28 -11.09
N PRO C 170 -19.32 -21.53 -12.28
CA PRO C 170 -18.55 -21.40 -13.51
C PRO C 170 -18.15 -19.94 -13.80
N ASN C 171 -17.07 -19.48 -13.17
CA ASN C 171 -16.74 -18.06 -13.18
C ASN C 171 -16.28 -17.57 -14.54
N LEU C 172 -15.55 -18.40 -15.27
CA LEU C 172 -15.05 -18.00 -16.58
C LEU C 172 -16.20 -17.60 -17.50
N LEU C 173 -17.20 -18.46 -17.59
CA LEU C 173 -18.35 -18.18 -18.45
C LEU C 173 -19.23 -17.09 -17.85
N ALA C 174 -19.35 -17.06 -16.53
CA ALA C 174 -20.24 -16.09 -15.86
C ALA C 174 -19.73 -14.66 -16.02
N ASN C 175 -18.48 -14.42 -15.64
CA ASN C 175 -17.89 -13.09 -15.68
C ASN C 175 -17.10 -12.81 -16.96
N GLY C 176 -16.81 -13.84 -17.74
CA GLY C 176 -16.07 -13.66 -18.96
C GLY C 176 -14.63 -13.27 -18.71
N SER C 177 -13.92 -12.95 -19.79
CA SER C 177 -12.54 -12.53 -19.70
C SER C 177 -12.07 -11.88 -21.00
N GLY C 178 -11.25 -10.85 -20.88
CA GLY C 178 -10.64 -10.19 -22.02
C GLY C 178 -9.17 -9.98 -21.72
N GLY C 179 -8.30 -10.35 -22.65
CA GLY C 179 -6.87 -10.27 -22.43
C GLY C 179 -6.04 -10.27 -23.71
N ILE C 180 -5.06 -9.36 -23.76
CA ILE C 180 -4.14 -9.27 -24.88
C ILE C 180 -2.81 -9.89 -24.49
N ALA C 181 -2.45 -11.00 -25.14
CA ALA C 181 -1.22 -11.71 -24.83
C ALA C 181 -0.20 -11.47 -25.95
N VAL C 182 0.60 -12.49 -26.26
CA VAL C 182 1.54 -12.42 -27.37
C VAL C 182 1.21 -13.51 -28.38
N GLY C 183 0.98 -13.11 -29.62
CA GLY C 183 0.58 -14.04 -30.66
C GLY C 183 -0.89 -14.41 -30.59
N MET C 184 -1.57 -13.98 -29.54
CA MET C 184 -2.99 -14.30 -29.36
C MET C 184 -3.64 -13.42 -28.30
N ALA C 185 -4.97 -13.43 -28.29
CA ALA C 185 -5.75 -12.67 -27.32
C ALA C 185 -7.06 -13.42 -27.04
N THR C 186 -7.68 -13.12 -25.90
CA THR C 186 -8.95 -13.75 -25.55
C THR C 186 -10.04 -12.68 -25.42
N ASN C 187 -11.29 -13.10 -25.64
CA ASN C 187 -12.43 -12.22 -25.42
C ASN C 187 -13.69 -13.03 -25.19
N ILE C 188 -13.85 -13.51 -23.96
CA ILE C 188 -15.01 -14.31 -23.57
C ILE C 188 -16.06 -13.43 -22.91
N PRO C 189 -17.30 -13.44 -23.44
CA PRO C 189 -18.34 -12.58 -22.84
C PRO C 189 -18.91 -13.17 -21.57
N PRO C 190 -19.55 -12.34 -20.73
CA PRO C 190 -20.18 -12.87 -19.51
C PRO C 190 -21.51 -13.56 -19.82
N HIS C 191 -21.97 -14.39 -18.90
CA HIS C 191 -23.20 -15.16 -19.10
C HIS C 191 -24.05 -15.18 -17.83
N ASN C 192 -25.31 -15.53 -17.99
CA ASN C 192 -26.23 -15.63 -16.88
C ASN C 192 -25.98 -16.89 -16.06
N LEU C 193 -25.78 -16.73 -14.76
CA LEU C 193 -25.44 -17.84 -13.89
C LEU C 193 -26.46 -18.99 -13.96
N ARG C 194 -27.74 -18.65 -13.94
CA ARG C 194 -28.80 -19.66 -13.96
C ARG C 194 -28.75 -20.50 -15.23
N GLU C 195 -28.46 -19.87 -16.36
CA GLU C 195 -28.39 -20.58 -17.63
C GLU C 195 -27.20 -21.52 -17.66
N LEU C 196 -26.07 -21.02 -17.16
CA LEU C 196 -24.85 -21.83 -17.06
C LEU C 196 -25.07 -23.02 -16.14
N ALA C 197 -25.84 -22.79 -15.08
CA ALA C 197 -26.13 -23.84 -14.12
C ALA C 197 -26.89 -24.98 -14.78
N ASP C 198 -27.91 -24.63 -15.58
CA ASP C 198 -28.68 -25.63 -16.31
C ASP C 198 -27.76 -26.47 -17.19
N ALA C 199 -26.82 -25.78 -17.86
CA ALA C 199 -25.86 -26.46 -18.71
C ALA C 199 -25.02 -27.44 -17.91
N VAL C 200 -24.59 -27.01 -16.72
CA VAL C 200 -23.79 -27.87 -15.84
C VAL C 200 -24.62 -29.04 -15.33
N PHE C 201 -25.87 -28.75 -14.95
CA PHE C 201 -26.76 -29.78 -14.45
C PHE C 201 -26.98 -30.86 -15.51
N TRP C 202 -27.11 -30.44 -16.77
CA TRP C 202 -27.28 -31.38 -17.87
C TRP C 202 -26.01 -32.21 -18.08
N ALA C 203 -24.87 -31.53 -18.01
CA ALA C 203 -23.58 -32.19 -18.20
C ALA C 203 -23.34 -33.25 -17.14
N LEU C 204 -23.85 -33.01 -15.94
CA LEU C 204 -23.69 -33.95 -14.83
C LEU C 204 -24.58 -35.17 -15.00
N GLU C 205 -25.84 -34.93 -15.38
CA GLU C 205 -26.78 -36.02 -15.60
C GLU C 205 -26.32 -36.86 -16.78
N ASN C 206 -26.00 -36.18 -17.88
CA ASN C 206 -25.51 -36.82 -19.09
C ASN C 206 -23.99 -36.82 -19.15
N HIS C 207 -23.36 -37.49 -18.19
CA HIS C 207 -21.90 -37.49 -18.08
C HIS C 207 -21.23 -38.33 -19.18
N ASP C 208 -22.00 -39.18 -19.86
CA ASP C 208 -21.47 -40.02 -20.93
C ASP C 208 -21.73 -39.46 -22.33
N ALA C 209 -22.56 -38.44 -22.41
CA ALA C 209 -22.91 -37.86 -23.71
C ALA C 209 -21.66 -37.36 -24.42
N ASP C 210 -21.61 -37.59 -25.73
CA ASP C 210 -20.47 -37.17 -26.53
C ASP C 210 -20.51 -35.66 -26.77
N GLU C 211 -19.50 -35.16 -27.46
CA GLU C 211 -19.35 -33.73 -27.70
C GLU C 211 -20.49 -33.18 -28.56
N GLU C 212 -20.91 -33.97 -29.54
CA GLU C 212 -21.98 -33.56 -30.45
C GLU C 212 -23.31 -33.31 -29.72
N GLU C 213 -23.69 -34.27 -28.89
CA GLU C 213 -24.91 -34.15 -28.09
C GLU C 213 -24.77 -33.06 -27.03
N THR C 214 -23.61 -33.05 -26.38
CA THR C 214 -23.35 -32.12 -25.28
C THR C 214 -23.43 -30.67 -25.75
N LEU C 215 -22.87 -30.40 -26.93
CA LEU C 215 -22.91 -29.06 -27.49
C LEU C 215 -24.35 -28.62 -27.77
N ALA C 216 -25.15 -29.54 -28.32
CA ALA C 216 -26.54 -29.25 -28.63
C ALA C 216 -27.32 -28.91 -27.35
N ALA C 217 -27.12 -29.72 -26.31
CA ALA C 217 -27.82 -29.54 -25.05
C ALA C 217 -27.43 -28.23 -24.38
N VAL C 218 -26.13 -27.99 -24.29
CA VAL C 218 -25.61 -26.80 -23.61
C VAL C 218 -26.01 -25.52 -24.35
N MET C 219 -26.01 -25.57 -25.67
CA MET C 219 -26.36 -24.39 -26.46
C MET C 219 -27.84 -24.05 -26.30
N GLY C 220 -28.65 -25.06 -26.02
CA GLY C 220 -30.07 -24.86 -25.80
C GLY C 220 -30.35 -24.17 -24.47
N ARG C 221 -29.45 -24.38 -23.50
CA ARG C 221 -29.62 -23.84 -22.16
C ARG C 221 -28.91 -22.50 -21.96
N VAL C 222 -27.73 -22.36 -22.56
CA VAL C 222 -27.03 -21.07 -22.55
C VAL C 222 -27.46 -20.28 -23.77
N LYS C 223 -28.49 -19.45 -23.59
CA LYS C 223 -29.13 -18.78 -24.71
C LYS C 223 -28.22 -17.75 -25.38
N GLY C 224 -27.20 -17.33 -24.65
CA GLY C 224 -26.27 -16.35 -25.17
C GLY C 224 -25.62 -15.59 -24.03
N PRO C 225 -24.67 -14.71 -24.35
CA PRO C 225 -24.04 -13.90 -23.31
C PRO C 225 -25.06 -13.04 -22.58
N ASP C 226 -24.78 -12.76 -21.31
CA ASP C 226 -25.62 -11.88 -20.50
C ASP C 226 -24.73 -10.78 -19.91
N PHE C 227 -24.80 -9.60 -20.52
CA PHE C 227 -23.92 -8.50 -20.13
C PHE C 227 -24.45 -7.73 -18.90
N PRO C 228 -23.54 -7.27 -18.03
CA PRO C 228 -23.95 -6.48 -16.86
C PRO C 228 -24.63 -5.17 -17.20
N THR C 229 -24.41 -4.68 -18.43
CA THR C 229 -24.97 -3.41 -18.86
C THR C 229 -26.33 -3.56 -19.55
N ALA C 230 -26.91 -4.75 -19.44
CA ALA C 230 -28.18 -5.07 -20.09
C ALA C 230 -28.08 -4.90 -21.61
N GLY C 231 -28.94 -4.08 -22.19
CA GLY C 231 -28.91 -3.85 -23.62
C GLY C 231 -29.59 -4.96 -24.41
N LEU C 232 -29.21 -5.09 -25.68
CA LEU C 232 -29.84 -6.04 -26.58
C LEU C 232 -28.80 -6.87 -27.34
N ILE C 233 -29.15 -8.12 -27.63
CA ILE C 233 -28.43 -8.93 -28.58
C ILE C 233 -29.31 -9.16 -29.80
N VAL C 234 -28.82 -8.75 -30.97
CA VAL C 234 -29.56 -8.88 -32.21
C VAL C 234 -29.00 -10.05 -33.02
N GLY C 235 -29.87 -10.99 -33.39
CA GLY C 235 -29.47 -12.15 -34.16
C GLY C 235 -29.01 -13.29 -33.28
N SER C 236 -28.75 -14.44 -33.90
CA SER C 236 -28.36 -15.65 -33.17
C SER C 236 -27.14 -16.33 -33.78
N GLN C 237 -26.77 -15.93 -34.99
CA GLN C 237 -25.67 -16.57 -35.71
C GLN C 237 -24.33 -16.40 -35.00
N GLY C 238 -24.00 -15.16 -34.65
CA GLY C 238 -22.74 -14.86 -33.99
C GLY C 238 -22.58 -15.61 -32.68
N THR C 239 -23.68 -15.71 -31.93
CA THR C 239 -23.68 -16.47 -30.69
C THR C 239 -23.40 -17.94 -30.98
N ALA C 240 -24.10 -18.48 -31.99
CA ALA C 240 -23.93 -19.86 -32.42
C ALA C 240 -22.51 -20.12 -32.90
N ASP C 241 -21.96 -19.17 -33.65
CA ASP C 241 -20.60 -19.28 -34.15
C ASP C 241 -19.60 -19.41 -32.99
N ALA C 242 -19.74 -18.53 -32.00
CA ALA C 242 -18.85 -18.51 -30.85
C ALA C 242 -18.87 -19.82 -30.07
N TYR C 243 -20.05 -20.42 -29.94
CA TYR C 243 -20.19 -21.66 -29.19
C TYR C 243 -19.75 -22.89 -29.98
N LYS C 244 -19.84 -22.83 -31.31
CA LYS C 244 -19.46 -23.96 -32.16
C LYS C 244 -18.01 -23.86 -32.63
N THR C 245 -17.52 -22.64 -32.79
CA THR C 245 -16.20 -22.37 -33.36
C THR C 245 -15.20 -21.89 -32.33
N GLY C 246 -15.69 -21.16 -31.34
CA GLY C 246 -14.83 -20.45 -30.40
C GLY C 246 -14.59 -19.04 -30.88
N ARG C 247 -15.17 -18.71 -32.03
CA ARG C 247 -15.10 -17.38 -32.62
C ARG C 247 -16.48 -16.97 -33.13
N GLY C 248 -16.86 -15.72 -32.90
CA GLY C 248 -18.14 -15.23 -33.34
C GLY C 248 -18.33 -13.74 -33.08
N SER C 249 -19.05 -13.08 -33.98
CA SER C 249 -19.33 -11.65 -33.86
C SER C 249 -20.77 -11.43 -33.42
N ILE C 250 -20.94 -11.00 -32.17
CA ILE C 250 -22.26 -10.83 -31.58
C ILE C 250 -22.68 -9.37 -31.62
N ARG C 251 -23.73 -9.08 -32.37
CA ARG C 251 -24.24 -7.73 -32.51
C ARG C 251 -25.01 -7.30 -31.26
N MET C 252 -24.55 -6.22 -30.63
CA MET C 252 -25.20 -5.68 -29.45
C MET C 252 -25.89 -4.37 -29.77
N ARG C 253 -26.92 -4.05 -28.99
CA ARG C 253 -27.58 -2.75 -29.09
C ARG C 253 -27.98 -2.24 -27.71
N GLY C 254 -28.03 -0.92 -27.57
CA GLY C 254 -28.60 -0.31 -26.39
C GLY C 254 -30.11 -0.28 -26.57
N VAL C 255 -30.82 0.32 -25.61
CA VAL C 255 -32.27 0.42 -25.71
C VAL C 255 -32.68 1.89 -25.89
N VAL C 256 -33.52 2.13 -26.89
CA VAL C 256 -33.99 3.48 -27.18
C VAL C 256 -35.50 3.55 -27.06
N GLU C 257 -35.98 4.61 -26.41
CA GLU C 257 -37.41 4.81 -26.21
C GLU C 257 -37.78 6.21 -26.68
N VAL C 258 -38.65 6.28 -27.69
CA VAL C 258 -39.07 7.55 -28.25
C VAL C 258 -40.11 8.23 -27.37
N GLU C 259 -39.88 9.51 -27.08
CA GLU C 259 -40.80 10.32 -26.28
C GLU C 259 -41.29 11.52 -27.08
N GLU C 260 -42.57 11.85 -26.90
CA GLU C 260 -43.19 13.00 -27.53
C GLU C 260 -43.32 14.14 -26.52
N ASP C 261 -43.42 15.37 -27.02
CA ASP C 261 -43.41 16.57 -26.19
C ASP C 261 -44.76 17.27 -26.29
N SER C 262 -45.00 18.19 -25.36
CA SER C 262 -46.24 18.97 -25.35
C SER C 262 -46.37 19.76 -26.63
N ARG C 263 -45.26 20.32 -27.10
CA ARG C 263 -45.24 21.06 -28.35
C ARG C 263 -45.53 20.10 -29.50
N GLY C 264 -45.14 18.84 -29.29
CA GLY C 264 -45.27 17.80 -30.29
C GLY C 264 -43.92 17.41 -30.85
N ARG C 265 -42.86 17.96 -30.26
CA ARG C 265 -41.51 17.55 -30.62
C ARG C 265 -41.23 16.16 -30.09
N THR C 266 -40.45 15.38 -30.85
CA THR C 266 -40.04 14.05 -30.41
C THR C 266 -38.59 14.05 -29.92
N SER C 267 -38.29 13.15 -28.98
CA SER C 267 -36.95 13.00 -28.46
C SER C 267 -36.64 11.54 -28.19
N LEU C 268 -35.41 11.11 -28.46
CA LEU C 268 -34.99 9.74 -28.22
C LEU C 268 -34.31 9.65 -26.85
N VAL C 269 -34.74 8.69 -26.03
CA VAL C 269 -34.15 8.49 -24.72
C VAL C 269 -33.40 7.15 -24.66
N ILE C 270 -32.07 7.23 -24.54
CA ILE C 270 -31.21 6.06 -24.44
C ILE C 270 -30.94 5.75 -22.96
N THR C 271 -31.37 4.58 -22.50
CA THR C 271 -31.26 4.20 -21.09
C THR C 271 -30.29 3.04 -20.86
N GLU C 272 -29.88 2.40 -21.95
CA GLU C 272 -28.92 1.29 -21.87
C GLU C 272 -27.99 1.36 -23.06
N LEU C 273 -26.75 0.89 -22.86
CA LEU C 273 -25.78 0.82 -23.94
C LEU C 273 -25.15 -0.58 -23.97
N PRO C 274 -24.58 -0.95 -25.12
CA PRO C 274 -23.95 -2.28 -25.17
C PRO C 274 -22.73 -2.37 -24.27
N TYR C 275 -22.31 -3.60 -24.01
CA TYR C 275 -21.22 -3.89 -23.09
C TYR C 275 -19.94 -3.15 -23.47
N GLN C 276 -19.31 -2.57 -22.46
CA GLN C 276 -18.01 -1.91 -22.60
C GLN C 276 -18.04 -0.70 -23.52
N VAL C 277 -19.15 0.05 -23.49
CA VAL C 277 -19.23 1.32 -24.19
C VAL C 277 -19.20 2.46 -23.18
N ASN C 278 -18.17 3.27 -23.24
CA ASN C 278 -18.01 4.41 -22.35
C ASN C 278 -19.12 5.44 -22.59
N HIS C 279 -19.87 5.75 -21.53
CA HIS C 279 -21.01 6.65 -21.63
C HIS C 279 -20.59 8.03 -22.14
N ASP C 280 -19.51 8.57 -21.59
CA ASP C 280 -19.04 9.91 -21.94
C ASP C 280 -18.49 9.96 -23.37
N ASN C 281 -17.73 8.93 -23.76
CA ASN C 281 -17.21 8.86 -25.12
C ASN C 281 -18.35 8.73 -26.11
N PHE C 282 -19.41 8.03 -25.70
CA PHE C 282 -20.58 7.85 -26.55
C PHE C 282 -21.28 9.18 -26.81
N ILE C 283 -21.48 9.97 -25.76
CA ILE C 283 -22.09 11.28 -25.89
C ILE C 283 -21.22 12.22 -26.73
N THR C 284 -19.92 12.19 -26.47
CA THR C 284 -18.98 13.05 -27.19
C THR C 284 -18.96 12.71 -28.67
N SER C 285 -19.04 11.42 -28.99
CA SER C 285 -19.01 10.96 -30.37
C SER C 285 -20.21 11.50 -31.15
N ILE C 286 -21.39 11.43 -30.54
CA ILE C 286 -22.60 11.96 -31.16
C ILE C 286 -22.46 13.47 -31.33
N ALA C 287 -21.95 14.14 -30.31
CA ALA C 287 -21.79 15.59 -30.35
C ALA C 287 -20.86 16.00 -31.48
N GLU C 288 -19.80 15.24 -31.62
CA GLU C 288 -18.77 15.54 -32.58
C GLU C 288 -19.23 15.23 -33.97
N GLN C 289 -20.35 14.54 -34.10
CA GLN C 289 -20.79 14.13 -35.40
C GLN C 289 -21.95 14.97 -35.85
N VAL C 290 -22.64 15.57 -34.91
CA VAL C 290 -23.76 16.41 -35.23
C VAL C 290 -23.19 17.75 -35.66
N ARG C 291 -22.52 18.42 -34.72
CA ARG C 291 -21.93 19.73 -35.00
C ARG C 291 -21.09 19.68 -36.28
N ASP C 292 -20.54 18.51 -36.57
CA ASP C 292 -19.71 18.33 -37.76
C ASP C 292 -20.58 18.13 -38.99
N GLY C 293 -21.86 17.85 -38.77
CA GLY C 293 -22.80 17.65 -39.86
C GLY C 293 -22.76 16.23 -40.39
N LYS C 294 -23.03 15.26 -39.52
CA LYS C 294 -23.02 13.87 -39.92
C LYS C 294 -24.34 13.19 -39.57
N LEU C 295 -24.91 13.57 -38.43
CA LEU C 295 -26.17 13.00 -37.98
C LEU C 295 -27.27 14.06 -37.93
N ALA C 296 -27.67 14.54 -39.10
CA ALA C 296 -28.71 15.55 -39.19
C ALA C 296 -30.02 14.97 -38.67
N GLY C 297 -30.98 15.84 -38.40
CA GLY C 297 -32.23 15.42 -37.82
C GLY C 297 -32.20 15.54 -36.31
N ILE C 298 -30.99 15.49 -35.75
CA ILE C 298 -30.82 15.70 -34.31
C ILE C 298 -30.80 17.20 -34.06
N SER C 299 -31.59 17.62 -33.07
CA SER C 299 -31.71 19.04 -32.72
C SER C 299 -30.88 19.39 -31.49
N ASN C 300 -30.91 18.53 -30.50
CA ASN C 300 -30.24 18.78 -29.24
C ASN C 300 -29.86 17.50 -28.50
N ILE C 301 -28.70 17.53 -27.85
CA ILE C 301 -28.21 16.40 -27.06
C ILE C 301 -28.07 16.82 -25.61
N GLU C 302 -28.78 16.13 -24.72
CA GLU C 302 -28.77 16.46 -23.30
C GLU C 302 -28.66 15.20 -22.45
N ASP C 303 -27.67 15.19 -21.56
CA ASP C 303 -27.45 14.06 -20.67
C ASP C 303 -28.19 14.29 -19.35
N GLN C 304 -29.38 13.71 -19.23
CA GLN C 304 -30.21 13.84 -18.05
C GLN C 304 -29.97 12.70 -17.06
N SER C 305 -28.78 12.11 -17.13
CA SER C 305 -28.43 10.99 -16.25
C SER C 305 -28.24 11.45 -14.81
N SER C 306 -28.49 10.54 -13.88
CA SER C 306 -28.22 10.77 -12.47
C SER C 306 -28.07 9.44 -11.76
N ASP C 307 -27.59 9.48 -10.52
CA ASP C 307 -27.43 8.26 -9.72
C ASP C 307 -28.78 7.60 -9.43
N ARG C 308 -29.86 8.34 -9.64
CA ARG C 308 -31.21 7.86 -9.28
C ARG C 308 -32.02 7.34 -10.46
N VAL C 309 -31.75 7.83 -11.67
CA VAL C 309 -32.48 7.38 -12.87
C VAL C 309 -31.61 6.53 -13.77
N GLY C 310 -30.33 6.43 -13.44
CA GLY C 310 -29.39 5.67 -14.24
C GLY C 310 -29.04 6.41 -15.52
N LEU C 311 -28.66 5.65 -16.56
CA LEU C 311 -28.36 6.24 -17.86
C LEU C 311 -29.61 6.85 -18.46
N ARG C 312 -29.49 8.08 -18.97
CA ARG C 312 -30.61 8.77 -19.61
C ARG C 312 -30.12 9.87 -20.54
N ILE C 313 -29.82 9.49 -21.78
CA ILE C 313 -29.37 10.44 -22.79
C ILE C 313 -30.53 10.83 -23.70
N VAL C 314 -30.91 12.10 -23.64
CA VAL C 314 -32.04 12.60 -24.42
C VAL C 314 -31.59 13.23 -25.74
N ILE C 315 -32.09 12.68 -26.85
CA ILE C 315 -31.77 13.17 -28.18
C ILE C 315 -33.01 13.77 -28.83
N GLU C 316 -33.17 15.08 -28.69
CA GLU C 316 -34.26 15.79 -29.34
C GLU C 316 -34.00 15.87 -30.84
N ILE C 317 -34.99 15.46 -31.65
CA ILE C 317 -34.83 15.50 -33.10
C ILE C 317 -35.76 16.55 -33.72
N LYS C 318 -35.38 16.99 -34.92
CA LYS C 318 -36.10 18.03 -35.64
C LYS C 318 -37.51 17.58 -36.04
N ARG C 319 -38.37 18.53 -36.40
CA ARG C 319 -39.74 18.21 -36.75
C ARG C 319 -39.82 17.45 -38.07
N ASP C 320 -38.88 17.76 -38.96
CA ASP C 320 -38.81 17.10 -40.27
C ASP C 320 -37.88 15.89 -40.21
N ALA C 321 -37.95 15.14 -39.10
CA ALA C 321 -37.10 13.98 -38.89
C ALA C 321 -37.90 12.78 -38.38
N VAL C 322 -37.61 11.62 -38.94
CA VAL C 322 -38.23 10.36 -38.53
C VAL C 322 -37.41 9.71 -37.42
N ALA C 323 -38.08 9.25 -36.37
CA ALA C 323 -37.40 8.68 -35.22
C ALA C 323 -36.51 7.50 -35.58
N LYS C 324 -37.06 6.52 -36.29
CA LYS C 324 -36.31 5.32 -36.65
C LYS C 324 -35.13 5.61 -37.58
N VAL C 325 -35.29 6.60 -38.46
CA VAL C 325 -34.21 6.99 -39.35
C VAL C 325 -33.01 7.49 -38.53
N VAL C 326 -33.29 8.34 -37.54
CA VAL C 326 -32.24 8.85 -36.67
C VAL C 326 -31.66 7.72 -35.81
N ILE C 327 -32.52 6.82 -35.36
CA ILE C 327 -32.09 5.68 -34.55
C ILE C 327 -31.20 4.76 -35.39
N ASN C 328 -31.59 4.51 -36.63
CA ASN C 328 -30.77 3.69 -37.51
C ASN C 328 -29.42 4.35 -37.77
N ASN C 329 -29.44 5.67 -37.97
CA ASN C 329 -28.21 6.42 -38.17
C ASN C 329 -27.31 6.32 -36.94
N LEU C 330 -27.91 6.29 -35.76
CA LEU C 330 -27.15 6.11 -34.52
C LEU C 330 -26.56 4.71 -34.46
N TYR C 331 -27.34 3.72 -34.90
CA TYR C 331 -26.86 2.35 -34.96
C TYR C 331 -25.65 2.28 -35.89
N LYS C 332 -25.75 2.96 -37.03
CA LYS C 332 -24.70 2.93 -38.04
C LYS C 332 -23.43 3.64 -37.58
N HIS C 333 -23.59 4.87 -37.09
CA HIS C 333 -22.44 5.76 -36.89
C HIS C 333 -22.02 5.95 -35.43
N THR C 334 -22.61 5.20 -34.52
CA THR C 334 -22.18 5.23 -33.13
C THR C 334 -22.22 3.84 -32.52
N GLN C 335 -21.70 3.73 -31.30
CA GLN C 335 -21.64 2.45 -30.61
C GLN C 335 -22.96 2.11 -29.92
N LEU C 336 -24.03 2.83 -30.27
CA LEU C 336 -25.36 2.47 -29.82
C LEU C 336 -25.67 1.07 -30.34
N GLN C 337 -25.10 0.77 -31.50
CA GLN C 337 -25.02 -0.59 -32.00
C GLN C 337 -23.55 -0.91 -32.26
N THR C 338 -23.04 -1.94 -31.59
CA THR C 338 -21.64 -2.32 -31.72
C THR C 338 -21.53 -3.82 -31.45
N SER C 339 -20.54 -4.46 -32.08
CA SER C 339 -20.41 -5.91 -32.02
C SER C 339 -19.35 -6.36 -31.02
N PHE C 340 -19.64 -7.45 -30.33
CA PHE C 340 -18.69 -8.08 -29.42
C PHE C 340 -17.93 -9.18 -30.15
N GLY C 341 -16.62 -9.00 -30.29
CA GLY C 341 -15.78 -9.96 -30.98
C GLY C 341 -15.39 -11.12 -30.10
N ALA C 342 -16.24 -12.14 -30.07
CA ALA C 342 -16.01 -13.29 -29.21
C ALA C 342 -14.85 -14.15 -29.72
N ASN C 343 -13.94 -14.48 -28.80
CA ASN C 343 -12.83 -15.37 -29.08
C ASN C 343 -12.54 -16.22 -27.84
N MET C 344 -13.08 -17.43 -27.81
CA MET C 344 -13.10 -18.23 -26.58
C MET C 344 -11.76 -18.86 -26.25
N LEU C 345 -10.79 -18.02 -25.89
CA LEU C 345 -9.44 -18.50 -25.59
C LEU C 345 -9.21 -18.59 -24.07
N ALA C 346 -8.76 -19.76 -23.62
CA ALA C 346 -8.42 -19.95 -22.21
C ALA C 346 -7.27 -20.94 -22.07
N ILE C 347 -6.60 -20.91 -20.92
CA ILE C 347 -5.51 -21.85 -20.65
C ILE C 347 -6.07 -23.16 -20.12
N VAL C 348 -5.75 -24.24 -20.82
CA VAL C 348 -6.16 -25.58 -20.43
C VAL C 348 -4.91 -26.41 -20.15
N ASP C 349 -4.74 -26.78 -18.89
CA ASP C 349 -3.60 -27.57 -18.46
C ASP C 349 -2.27 -26.91 -18.88
N GLY C 350 -2.20 -25.60 -18.71
CA GLY C 350 -0.99 -24.85 -19.02
C GLY C 350 -0.80 -24.55 -20.49
N VAL C 351 -1.81 -24.82 -21.30
CA VAL C 351 -1.75 -24.61 -22.75
C VAL C 351 -2.92 -23.74 -23.22
N PRO C 352 -2.64 -22.71 -24.05
CA PRO C 352 -3.74 -21.90 -24.57
C PRO C 352 -4.56 -22.66 -25.58
N ARG C 353 -5.88 -22.63 -25.45
CA ARG C 353 -6.73 -23.37 -26.37
C ARG C 353 -8.04 -22.65 -26.64
N THR C 354 -8.44 -22.63 -27.90
CA THR C 354 -9.74 -22.10 -28.30
C THR C 354 -10.76 -23.22 -28.10
N LEU C 355 -11.82 -22.91 -27.35
CA LEU C 355 -12.75 -23.94 -26.88
C LEU C 355 -14.18 -23.72 -27.34
N ARG C 356 -14.84 -24.83 -27.68
CA ARG C 356 -16.27 -24.85 -27.89
C ARG C 356 -17.00 -24.73 -26.55
N LEU C 357 -18.27 -24.37 -26.58
CA LEU C 357 -19.03 -24.16 -25.35
C LEU C 357 -19.14 -25.44 -24.52
N ASP C 358 -19.26 -26.58 -25.18
CA ASP C 358 -19.36 -27.85 -24.48
C ASP C 358 -18.02 -28.16 -23.80
N GLN C 359 -16.94 -27.73 -24.42
CA GLN C 359 -15.61 -27.95 -23.86
C GLN C 359 -15.43 -27.08 -22.62
N LEU C 360 -15.91 -25.84 -22.68
CA LEU C 360 -15.85 -24.93 -21.54
C LEU C 360 -16.64 -25.48 -20.35
N ILE C 361 -17.85 -25.96 -20.61
CA ILE C 361 -18.67 -26.56 -19.55
C ILE C 361 -18.01 -27.83 -19.02
N ARG C 362 -17.67 -28.75 -19.92
CA ARG C 362 -17.06 -30.02 -19.52
C ARG C 362 -15.79 -29.84 -18.69
N TYR C 363 -14.90 -28.96 -19.13
CA TYR C 363 -13.66 -28.70 -18.39
C TYR C 363 -13.96 -28.14 -17.00
N TYR C 364 -15.03 -27.37 -16.89
CA TYR C 364 -15.42 -26.83 -15.60
C TYR C 364 -15.99 -27.92 -14.70
N VAL C 365 -16.85 -28.77 -15.27
CA VAL C 365 -17.44 -29.86 -14.51
C VAL C 365 -16.35 -30.78 -13.99
N ASP C 366 -15.38 -31.08 -14.85
CA ASP C 366 -14.23 -31.90 -14.48
C ASP C 366 -13.52 -31.29 -13.27
N HIS C 367 -13.35 -29.98 -13.29
CA HIS C 367 -12.69 -29.29 -12.18
C HIS C 367 -13.47 -29.44 -10.89
N GLN C 368 -14.80 -29.34 -10.99
CA GLN C 368 -15.66 -29.46 -9.82
C GLN C 368 -15.60 -30.86 -9.22
N LEU C 369 -15.66 -31.87 -10.07
CA LEU C 369 -15.56 -33.25 -9.61
C LEU C 369 -14.22 -33.49 -8.92
N ASP C 370 -13.17 -32.91 -9.48
CA ASP C 370 -11.84 -33.00 -8.89
C ASP C 370 -11.86 -32.41 -7.48
N VAL C 371 -12.44 -31.22 -7.37
CA VAL C 371 -12.53 -30.52 -6.09
C VAL C 371 -13.28 -31.37 -5.05
N ILE C 372 -14.40 -31.96 -5.46
CA ILE C 372 -15.23 -32.72 -4.54
C ILE C 372 -14.52 -34.01 -4.10
N VAL C 373 -13.85 -34.67 -5.04
CA VAL C 373 -13.10 -35.88 -4.70
C VAL C 373 -11.95 -35.58 -3.75
N ARG C 374 -11.21 -34.51 -4.05
CA ARG C 374 -10.08 -34.10 -3.20
C ARG C 374 -10.56 -33.68 -1.80
N ARG C 375 -11.64 -32.91 -1.75
CA ARG C 375 -12.22 -32.51 -0.47
C ARG C 375 -12.60 -33.75 0.34
N THR C 376 -13.24 -34.69 -0.34
CA THR C 376 -13.65 -35.94 0.29
C THR C 376 -12.44 -36.71 0.80
N THR C 377 -11.38 -36.73 -0.01
CA THR C 377 -10.15 -37.42 0.35
C THR C 377 -9.55 -36.79 1.61
N TYR C 378 -9.49 -35.46 1.62
CA TYR C 378 -8.95 -34.73 2.77
C TYR C 378 -9.76 -35.01 4.04
N ARG C 379 -11.07 -34.93 3.93
CA ARG C 379 -11.95 -35.16 5.06
C ARG C 379 -11.84 -36.59 5.56
N LEU C 380 -11.68 -37.52 4.63
CA LEU C 380 -11.53 -38.92 4.98
C LEU C 380 -10.23 -39.17 5.74
N ARG C 381 -9.14 -38.56 5.27
CA ARG C 381 -7.86 -38.70 5.95
C ARG C 381 -7.95 -38.14 7.35
N LYS C 382 -8.47 -36.92 7.46
CA LYS C 382 -8.58 -36.26 8.77
C LYS C 382 -9.51 -37.03 9.70
N ALA C 383 -10.59 -37.58 9.16
CA ALA C 383 -11.53 -38.36 9.97
C ALA C 383 -10.83 -39.57 10.58
N ASN C 384 -10.01 -40.24 9.79
CA ASN C 384 -9.25 -41.40 10.26
C ASN C 384 -8.29 -41.04 11.37
N GLU C 385 -7.63 -39.90 11.23
CA GLU C 385 -6.69 -39.42 12.25
C GLU C 385 -7.41 -39.19 13.57
N ARG C 386 -8.57 -38.54 13.51
CA ARG C 386 -9.37 -38.26 14.70
C ARG C 386 -9.84 -39.57 15.32
N ALA C 387 -10.33 -40.47 14.47
CA ALA C 387 -10.76 -41.79 14.91
C ALA C 387 -9.60 -42.54 15.56
N HIS C 388 -8.42 -42.46 14.95
CA HIS C 388 -7.23 -43.11 15.47
C HIS C 388 -6.91 -42.66 16.88
N ILE C 389 -6.95 -41.35 17.11
CA ILE C 389 -6.66 -40.81 18.43
C ILE C 389 -7.76 -41.17 19.41
N LEU C 390 -9.01 -41.10 18.96
CA LEU C 390 -10.15 -41.41 19.82
C LEU C 390 -10.09 -42.85 20.30
N ARG C 391 -9.72 -43.77 19.41
CA ARG C 391 -9.56 -45.17 19.79
C ARG C 391 -8.53 -45.31 20.91
N GLY C 392 -7.47 -44.50 20.83
CA GLY C 392 -6.45 -44.50 21.85
C GLY C 392 -7.01 -44.04 23.19
N LEU C 393 -7.80 -42.97 23.16
CA LEU C 393 -8.40 -42.44 24.38
C LEU C 393 -9.33 -43.46 25.02
N VAL C 394 -10.15 -44.12 24.21
CA VAL C 394 -11.10 -45.12 24.71
C VAL C 394 -10.37 -46.25 25.44
N LYS C 395 -9.23 -46.67 24.90
CA LYS C 395 -8.41 -47.68 25.54
C LYS C 395 -7.94 -47.22 26.91
N ALA C 396 -7.61 -45.94 27.01
CA ALA C 396 -7.16 -45.36 28.27
C ALA C 396 -8.28 -45.37 29.31
N LEU C 397 -9.50 -45.05 28.87
CA LEU C 397 -10.63 -44.98 29.78
C LEU C 397 -10.98 -46.35 30.37
N ASP C 398 -10.89 -47.40 29.54
CA ASP C 398 -11.18 -48.75 29.99
C ASP C 398 -10.19 -49.23 31.05
N ALA C 399 -8.98 -48.68 31.01
CA ALA C 399 -7.95 -49.00 31.98
C ALA C 399 -7.47 -47.72 32.66
N LEU C 400 -8.42 -46.83 32.96
CA LEU C 400 -8.11 -45.50 33.47
C LEU C 400 -7.35 -45.55 34.79
N ASP C 401 -7.75 -46.47 35.67
CA ASP C 401 -7.08 -46.63 36.95
C ASP C 401 -5.59 -46.90 36.74
N GLU C 402 -5.28 -47.76 35.78
CA GLU C 402 -3.90 -48.14 35.51
C GLU C 402 -3.15 -47.01 34.81
N VAL C 403 -3.81 -46.37 33.84
CA VAL C 403 -3.20 -45.27 33.09
C VAL C 403 -2.72 -44.15 34.00
N ILE C 404 -3.59 -43.71 34.91
CA ILE C 404 -3.25 -42.61 35.81
C ILE C 404 -2.14 -43.03 36.76
N ALA C 405 -2.29 -44.21 37.35
CA ALA C 405 -1.28 -44.74 38.26
C ALA C 405 0.07 -44.81 37.55
N LEU C 406 0.04 -45.16 36.27
CA LEU C 406 1.26 -45.27 35.47
C LEU C 406 1.93 -43.91 35.30
N ILE C 407 1.16 -42.91 34.90
CA ILE C 407 1.70 -41.57 34.66
C ILE C 407 2.24 -40.98 35.95
N ARG C 408 1.51 -41.19 37.04
CA ARG C 408 1.93 -40.67 38.35
C ARG C 408 3.26 -41.28 38.78
N ALA C 409 3.40 -42.59 38.61
CA ALA C 409 4.58 -43.29 39.07
C ALA C 409 5.78 -43.09 38.14
N SER C 410 5.59 -42.33 37.08
CA SER C 410 6.66 -42.06 36.11
C SER C 410 7.45 -40.83 36.54
N GLU C 411 8.77 -40.93 36.51
CA GLU C 411 9.63 -39.81 36.91
C GLU C 411 9.59 -38.66 35.90
N THR C 412 9.45 -39.00 34.62
CA THR C 412 9.32 -37.99 33.57
C THR C 412 8.06 -38.22 32.75
N VAL C 413 7.88 -37.42 31.70
CA VAL C 413 6.75 -37.62 30.80
C VAL C 413 7.13 -38.59 29.69
N ASP C 414 8.42 -38.69 29.41
CA ASP C 414 8.92 -39.65 28.42
C ASP C 414 8.76 -41.06 28.96
N ILE C 415 9.06 -41.24 30.23
CA ILE C 415 8.87 -42.53 30.91
C ILE C 415 7.39 -42.87 30.93
N ALA C 416 6.57 -41.86 31.22
CA ALA C 416 5.12 -42.05 31.24
C ALA C 416 4.60 -42.43 29.85
N ARG C 417 5.08 -41.75 28.82
CA ARG C 417 4.67 -42.03 27.46
C ARG C 417 5.07 -43.45 27.08
N ALA C 418 6.38 -43.72 27.12
CA ALA C 418 6.91 -45.05 26.80
C ALA C 418 6.15 -46.16 27.52
N GLY C 419 5.74 -45.90 28.76
CA GLY C 419 4.94 -46.84 29.51
C GLY C 419 3.56 -47.03 28.91
N LEU C 420 2.93 -45.93 28.52
CA LEU C 420 1.59 -45.97 27.93
C LEU C 420 1.56 -46.81 26.65
N ILE C 421 2.60 -46.69 25.83
CA ILE C 421 2.71 -47.51 24.63
C ILE C 421 2.66 -48.99 24.98
N GLU C 422 3.42 -49.38 26.01
CA GLU C 422 3.49 -50.77 26.43
C GLU C 422 2.22 -51.22 27.16
N LEU C 423 1.65 -50.34 27.97
CA LEU C 423 0.50 -50.67 28.81
C LEU C 423 -0.74 -51.03 27.98
N LEU C 424 -1.08 -50.17 27.02
CA LEU C 424 -2.35 -50.29 26.31
C LEU C 424 -2.19 -50.72 24.85
N ASP C 425 -0.95 -51.02 24.46
CA ASP C 425 -0.65 -51.37 23.08
C ASP C 425 -1.14 -50.26 22.15
N ILE C 426 -0.47 -49.12 22.23
CA ILE C 426 -0.92 -47.91 21.56
C ILE C 426 0.24 -47.24 20.82
N ASP C 427 -0.09 -46.45 19.79
CA ASP C 427 0.88 -45.66 19.06
C ASP C 427 1.48 -44.57 19.96
N GLU C 428 2.50 -43.88 19.46
CA GLU C 428 3.09 -42.77 20.19
C GLU C 428 2.22 -41.52 20.05
N ILE C 429 1.54 -41.41 18.91
CA ILE C 429 0.67 -40.27 18.64
C ILE C 429 -0.53 -40.34 19.57
N GLN C 430 -1.11 -41.54 19.65
CA GLN C 430 -2.26 -41.79 20.51
C GLN C 430 -1.87 -41.61 21.97
N ALA C 431 -0.72 -42.14 22.34
CA ALA C 431 -0.21 -42.04 23.71
C ALA C 431 -0.01 -40.57 24.08
N GLN C 432 0.47 -39.79 23.12
CA GLN C 432 0.68 -38.36 23.32
C GLN C 432 -0.65 -37.66 23.61
N ALA C 433 -1.71 -38.14 22.95
CA ALA C 433 -3.03 -37.54 23.12
C ALA C 433 -3.57 -37.82 24.52
N ILE C 434 -3.32 -39.02 25.03
CA ILE C 434 -3.70 -39.37 26.39
C ILE C 434 -3.01 -38.43 27.36
N LEU C 435 -1.72 -38.20 27.13
CA LEU C 435 -0.95 -37.29 27.97
C LEU C 435 -1.50 -35.86 27.88
N ASP C 436 -1.87 -35.45 26.67
CA ASP C 436 -2.40 -34.10 26.45
C ASP C 436 -3.84 -33.97 26.92
N MET C 437 -4.44 -35.07 27.36
CA MET C 437 -5.83 -35.07 27.79
C MET C 437 -5.99 -34.26 29.07
N GLN C 438 -7.07 -33.48 29.15
CA GLN C 438 -7.34 -32.68 30.33
C GLN C 438 -8.11 -33.48 31.38
N LEU C 439 -7.99 -33.08 32.65
CA LEU C 439 -8.75 -33.73 33.72
C LEU C 439 -10.25 -33.54 33.53
N ARG C 440 -10.62 -32.48 32.80
CA ARG C 440 -12.01 -32.27 32.40
C ARG C 440 -12.61 -33.51 31.75
N ARG C 441 -11.85 -34.14 30.88
CA ARG C 441 -12.37 -35.22 30.05
C ARG C 441 -12.54 -36.52 30.85
N LEU C 442 -12.21 -36.49 32.13
CA LEU C 442 -12.35 -37.67 32.99
C LEU C 442 -13.71 -37.70 33.69
N ALA C 443 -14.52 -36.65 33.51
CA ALA C 443 -15.87 -36.64 34.07
C ALA C 443 -16.74 -37.67 33.36
N ALA C 444 -17.78 -38.13 34.04
CA ALA C 444 -18.62 -39.21 33.53
C ALA C 444 -19.15 -38.89 32.13
N LEU C 445 -19.85 -37.77 32.00
CA LEU C 445 -20.43 -37.37 30.72
C LEU C 445 -19.36 -37.09 29.69
N GLU C 446 -18.20 -36.63 30.16
CA GLU C 446 -17.10 -36.31 29.26
C GLU C 446 -16.44 -37.56 28.70
N ARG C 447 -16.36 -38.61 29.52
CA ARG C 447 -15.90 -39.90 29.04
C ARG C 447 -16.84 -40.41 27.95
N GLN C 448 -18.14 -40.19 28.16
CA GLN C 448 -19.17 -40.66 27.24
C GLN C 448 -19.10 -39.98 25.88
N ARG C 449 -18.74 -38.70 25.86
CA ARG C 449 -18.66 -37.96 24.60
C ARG C 449 -17.54 -38.51 23.72
N ILE C 450 -16.45 -38.95 24.33
CA ILE C 450 -15.35 -39.56 23.60
C ILE C 450 -15.84 -40.82 22.88
N ILE C 451 -16.59 -41.64 23.61
CA ILE C 451 -17.17 -42.85 23.03
C ILE C 451 -18.08 -42.49 21.86
N ASP C 452 -19.06 -41.61 22.10
CA ASP C 452 -20.01 -41.22 21.08
C ASP C 452 -19.33 -40.55 19.89
N ASP C 453 -18.30 -39.75 20.17
CA ASP C 453 -17.55 -39.10 19.10
C ASP C 453 -16.89 -40.11 18.20
N LEU C 454 -16.34 -41.17 18.79
CA LEU C 454 -15.75 -42.26 18.01
C LEU C 454 -16.83 -42.88 17.13
N ALA C 455 -17.98 -43.18 17.73
CA ALA C 455 -19.12 -43.71 17.00
C ALA C 455 -19.57 -42.73 15.91
N LYS C 456 -19.56 -41.46 16.24
CA LYS C 456 -19.96 -40.41 15.31
C LYS C 456 -19.03 -40.37 14.10
N ILE C 457 -17.72 -40.35 14.35
CA ILE C 457 -16.73 -40.24 13.29
C ILE C 457 -16.73 -41.47 12.39
N GLU C 458 -16.78 -42.66 13.00
CA GLU C 458 -16.78 -43.90 12.22
C GLU C 458 -17.94 -43.94 11.23
N ALA C 459 -19.06 -43.32 11.59
CA ALA C 459 -20.18 -43.18 10.67
C ALA C 459 -19.81 -42.24 9.53
N GLU C 460 -19.13 -41.14 9.86
CA GLU C 460 -18.70 -40.17 8.86
C GLU C 460 -17.67 -40.77 7.90
N ILE C 461 -16.75 -41.58 8.45
CA ILE C 461 -15.71 -42.20 7.64
C ILE C 461 -16.33 -43.12 6.58
N ALA C 462 -17.36 -43.86 6.99
CA ALA C 462 -18.05 -44.78 6.08
C ALA C 462 -18.78 -44.00 4.98
N ASP C 463 -19.40 -42.90 5.37
CA ASP C 463 -20.06 -42.02 4.40
C ASP C 463 -19.03 -41.52 3.38
N LEU C 464 -17.90 -41.02 3.87
CA LEU C 464 -16.86 -40.48 3.01
C LEU C 464 -16.29 -41.53 2.08
N GLU C 465 -16.00 -42.72 2.61
CA GLU C 465 -15.53 -43.84 1.79
C GLU C 465 -16.56 -44.16 0.70
N ASP C 466 -17.83 -44.09 1.06
CA ASP C 466 -18.91 -44.38 0.13
C ASP C 466 -18.94 -43.36 -1.02
N ILE C 467 -18.73 -42.10 -0.70
CA ILE C 467 -18.74 -41.04 -1.71
C ILE C 467 -17.64 -41.30 -2.74
N LEU C 468 -16.44 -41.62 -2.25
CA LEU C 468 -15.30 -41.87 -3.14
C LEU C 468 -15.54 -43.08 -4.05
N ALA C 469 -16.35 -44.02 -3.58
CA ALA C 469 -16.61 -45.26 -4.30
C ALA C 469 -17.72 -45.11 -5.34
N LYS C 470 -18.47 -44.01 -5.26
CA LYS C 470 -19.65 -43.80 -6.10
C LYS C 470 -19.54 -42.49 -6.88
N PRO C 471 -19.21 -42.57 -8.18
CA PRO C 471 -19.17 -41.35 -9.00
C PRO C 471 -20.53 -40.64 -9.05
N GLU C 472 -21.60 -41.40 -8.88
CA GLU C 472 -22.95 -40.85 -8.87
C GLU C 472 -23.11 -39.82 -7.76
N ARG C 473 -22.67 -40.17 -6.56
CA ARG C 473 -22.77 -39.26 -5.42
C ARG C 473 -21.92 -38.01 -5.64
N GLN C 474 -20.73 -38.21 -6.20
CA GLN C 474 -19.82 -37.10 -6.47
C GLN C 474 -20.48 -36.07 -7.36
N ARG C 475 -21.08 -36.54 -8.45
CA ARG C 475 -21.82 -35.67 -9.37
C ARG C 475 -23.01 -35.03 -8.67
N GLY C 476 -23.70 -35.80 -7.84
CA GLY C 476 -24.84 -35.30 -7.08
C GLY C 476 -24.47 -34.16 -6.17
N ILE C 477 -23.30 -34.27 -5.54
CA ILE C 477 -22.79 -33.23 -4.64
C ILE C 477 -22.53 -31.94 -5.40
N VAL C 478 -21.89 -32.05 -6.56
CA VAL C 478 -21.61 -30.87 -7.38
C VAL C 478 -22.93 -30.18 -7.74
N ARG C 479 -23.89 -31.00 -8.19
CA ARG C 479 -25.21 -30.50 -8.53
C ARG C 479 -25.89 -29.79 -7.37
N ASP C 480 -26.00 -30.50 -6.25
CA ASP C 480 -26.73 -29.98 -5.09
C ASP C 480 -26.08 -28.72 -4.53
N GLU C 481 -24.76 -28.74 -4.41
CA GLU C 481 -24.04 -27.60 -3.88
C GLU C 481 -24.12 -26.40 -4.82
N LEU C 482 -23.99 -26.65 -6.12
CA LEU C 482 -24.11 -25.59 -7.11
C LEU C 482 -25.51 -25.00 -7.12
N ALA C 483 -26.52 -25.88 -7.07
CA ALA C 483 -27.91 -25.46 -7.07
C ALA C 483 -28.19 -24.51 -5.90
N GLU C 484 -27.66 -24.86 -4.74
CA GLU C 484 -27.77 -24.02 -3.56
C GLU C 484 -27.16 -22.63 -3.83
N ILE C 485 -26.02 -22.60 -4.50
CA ILE C 485 -25.36 -21.32 -4.83
C ILE C 485 -26.19 -20.49 -5.79
N VAL C 486 -26.74 -21.15 -6.81
CA VAL C 486 -27.54 -20.45 -7.81
C VAL C 486 -28.84 -19.92 -7.21
N ASP C 487 -29.48 -20.72 -6.36
CA ASP C 487 -30.70 -20.30 -5.71
C ASP C 487 -30.45 -19.06 -4.87
N ARG C 488 -29.24 -18.98 -4.31
CA ARG C 488 -28.89 -17.92 -3.39
C ARG C 488 -28.36 -16.67 -4.10
N HIS C 489 -27.54 -16.86 -5.13
CA HIS C 489 -26.84 -15.74 -5.77
C HIS C 489 -27.18 -15.54 -7.24
N GLY C 490 -28.06 -16.37 -7.78
CA GLY C 490 -28.47 -16.24 -9.17
C GLY C 490 -29.42 -15.07 -9.36
N ASP C 491 -29.37 -14.45 -10.53
CA ASP C 491 -30.24 -13.31 -10.84
C ASP C 491 -30.89 -13.41 -12.23
N ASP C 492 -31.81 -12.50 -12.49
CA ASP C 492 -32.49 -12.43 -13.79
C ASP C 492 -31.52 -12.12 -14.92
N ARG C 493 -31.95 -12.42 -16.13
CA ARG C 493 -31.21 -12.03 -17.32
C ARG C 493 -31.35 -10.53 -17.51
N ARG C 494 -30.27 -9.89 -17.94
CA ARG C 494 -30.27 -8.44 -18.16
C ARG C 494 -30.31 -8.12 -19.65
N THR C 495 -29.43 -8.75 -20.42
CA THR C 495 -29.40 -8.54 -21.86
C THR C 495 -30.55 -9.31 -22.52
N ARG C 496 -31.40 -8.58 -23.25
CA ARG C 496 -32.52 -9.17 -23.96
C ARG C 496 -32.11 -9.67 -25.34
N ILE C 497 -32.52 -10.88 -25.68
CA ILE C 497 -32.21 -11.48 -26.98
C ILE C 497 -33.40 -11.40 -27.93
N ILE C 498 -33.19 -10.74 -29.08
CA ILE C 498 -34.22 -10.59 -30.09
C ILE C 498 -33.74 -11.09 -31.44
N ALA C 499 -34.67 -11.28 -32.37
CA ALA C 499 -34.34 -11.76 -33.71
C ALA C 499 -34.06 -10.59 -34.63
N ILE C 500 -33.66 -10.89 -35.87
CA ILE C 500 -33.32 -9.85 -36.84
C ILE C 500 -34.53 -8.96 -37.13
N ASN D 2 40.45 11.12 -30.20
CA ASN D 2 39.02 11.40 -30.14
C ASN D 2 38.52 11.55 -28.71
N ALA D 3 37.93 12.70 -28.43
CA ALA D 3 37.39 12.99 -27.11
C ALA D 3 36.15 13.88 -27.24
N LEU D 4 35.22 13.75 -26.30
CA LEU D 4 33.97 14.51 -26.34
C LEU D 4 33.58 14.98 -24.94
N VAL D 5 32.98 16.17 -24.88
CA VAL D 5 32.60 16.79 -23.62
C VAL D 5 31.43 16.06 -22.95
N ARG D 6 31.53 15.90 -21.65
CA ARG D 6 30.46 15.33 -20.84
C ARG D 6 29.67 16.46 -20.18
N ARG D 7 28.39 16.22 -19.93
CA ARG D 7 27.54 17.26 -19.35
C ARG D 7 27.92 17.52 -17.90
N LYS D 8 28.00 18.80 -17.54
CA LYS D 8 28.31 19.21 -16.19
C LYS D 8 27.67 20.57 -15.87
N SER D 9 26.52 20.54 -15.20
CA SER D 9 25.81 21.75 -14.79
C SER D 9 25.59 22.70 -15.95
N GLY D 15 23.27 19.92 -23.64
CA GLY D 15 22.75 19.43 -24.91
C GLY D 15 22.60 17.92 -24.94
N LEU D 16 22.39 17.33 -23.76
CA LEU D 16 22.21 15.89 -23.64
C LEU D 16 20.97 15.61 -22.79
N PRO D 17 20.45 14.36 -22.83
CA PRO D 17 19.23 14.03 -22.09
C PRO D 17 19.30 14.35 -20.60
N GLY D 18 18.20 14.85 -20.05
CA GLY D 18 18.15 15.23 -18.64
C GLY D 18 18.30 14.04 -17.72
N LYS D 19 17.88 12.87 -18.18
CA LYS D 19 17.95 11.66 -17.38
C LYS D 19 19.37 11.09 -17.32
N LEU D 20 20.20 11.49 -18.27
CA LEU D 20 21.57 10.96 -18.37
C LEU D 20 22.47 11.44 -17.23
N ALA D 21 23.02 10.48 -16.50
CA ALA D 21 24.07 10.77 -15.51
C ALA D 21 25.42 10.42 -16.14
N ASP D 22 26.01 11.40 -16.82
CA ASP D 22 27.19 11.16 -17.63
C ASP D 22 28.42 10.85 -16.78
N CYS D 23 29.45 10.30 -17.42
CA CYS D 23 30.71 10.01 -16.75
C CYS D 23 31.65 11.22 -16.85
N ARG D 24 32.83 11.13 -16.24
CA ARG D 24 33.77 12.24 -16.26
C ARG D 24 34.81 12.09 -17.37
N SER D 25 35.18 10.85 -17.67
CA SER D 25 36.18 10.58 -18.71
C SER D 25 35.68 10.98 -20.09
N THR D 26 36.48 11.78 -20.78
CA THR D 26 36.13 12.28 -22.11
C THR D 26 36.55 11.32 -23.23
N ASP D 27 37.10 10.17 -22.86
CA ASP D 27 37.55 9.17 -23.84
C ASP D 27 36.48 8.08 -24.03
N PRO D 28 35.85 8.03 -25.21
CA PRO D 28 34.83 7.00 -25.46
C PRO D 28 35.37 5.58 -25.33
N ARG D 29 36.64 5.38 -25.69
CA ARG D 29 37.27 4.07 -25.63
C ARG D 29 37.26 3.52 -24.21
N LYS D 30 37.36 4.42 -23.24
CA LYS D 30 37.38 4.06 -21.82
C LYS D 30 36.02 4.25 -21.14
N SER D 31 35.07 4.87 -21.85
CA SER D 31 33.77 5.19 -21.27
C SER D 31 32.75 4.08 -21.48
N GLU D 32 31.75 4.03 -20.59
CA GLU D 32 30.69 3.04 -20.63
C GLU D 32 29.32 3.68 -20.38
N LEU D 33 28.32 3.26 -21.14
CA LEU D 33 26.94 3.69 -20.91
C LEU D 33 26.08 2.52 -20.44
N TYR D 34 25.59 2.62 -19.20
CA TYR D 34 24.67 1.63 -18.66
C TYR D 34 23.23 2.05 -18.91
N VAL D 35 22.58 1.36 -19.85
CA VAL D 35 21.17 1.57 -20.13
C VAL D 35 20.34 0.71 -19.17
N VAL D 36 19.66 1.37 -18.24
CA VAL D 36 19.04 0.69 -17.11
C VAL D 36 17.51 0.74 -17.15
N GLU D 37 16.88 -0.36 -16.74
CA GLU D 37 15.44 -0.45 -16.65
C GLU D 37 14.92 0.14 -15.33
N GLY D 38 14.19 1.25 -15.42
CA GLY D 38 13.51 1.81 -14.27
C GLY D 38 14.25 2.94 -13.58
N ASP D 39 13.49 3.83 -12.95
CA ASP D 39 14.06 4.99 -12.27
C ASP D 39 14.80 4.59 -11.00
N SER D 40 14.25 3.61 -10.27
CA SER D 40 14.87 3.15 -9.04
C SER D 40 16.25 2.57 -9.29
N ALA D 41 16.31 1.58 -10.19
CA ALA D 41 17.57 0.93 -10.52
C ALA D 41 18.56 1.93 -11.07
N GLY D 42 18.08 2.84 -11.92
CA GLY D 42 18.93 3.86 -12.50
C GLY D 42 19.49 4.76 -11.41
N GLY D 43 18.66 5.04 -10.40
CA GLY D 43 19.07 5.83 -9.26
C GLY D 43 20.18 5.15 -8.48
N SER D 44 20.00 3.87 -8.20
CA SER D 44 20.99 3.09 -7.47
C SER D 44 22.29 2.96 -8.27
N ALA D 45 22.16 2.77 -9.58
CA ALA D 45 23.33 2.65 -10.46
C ALA D 45 24.13 3.94 -10.44
N LYS D 46 23.42 5.06 -10.51
CA LYS D 46 24.06 6.37 -10.48
C LYS D 46 24.90 6.54 -9.23
N SER D 47 24.52 5.86 -8.16
CA SER D 47 25.21 5.97 -6.88
C SER D 47 26.35 4.97 -6.74
N GLY D 48 26.13 3.75 -7.21
CA GLY D 48 27.10 2.68 -7.06
C GLY D 48 28.14 2.64 -8.17
N ARG D 49 27.89 3.37 -9.25
CA ARG D 49 28.79 3.37 -10.40
C ARG D 49 30.16 3.95 -10.07
N ASP D 50 31.08 3.78 -11.01
CA ASP D 50 32.31 4.55 -11.05
C ASP D 50 32.08 5.73 -12.00
N SER D 51 31.82 6.90 -11.42
CA SER D 51 31.45 8.08 -12.20
C SER D 51 32.54 8.50 -13.20
N MET D 52 33.74 7.94 -13.05
CA MET D 52 34.84 8.27 -13.94
C MET D 52 34.61 7.71 -15.35
N PHE D 53 34.20 6.45 -15.42
CA PHE D 53 34.10 5.74 -16.69
C PHE D 53 32.70 5.23 -17.02
N GLN D 54 31.79 5.30 -16.05
CA GLN D 54 30.46 4.74 -16.21
C GLN D 54 29.36 5.80 -16.16
N ALA D 55 28.54 5.83 -17.20
CA ALA D 55 27.38 6.72 -17.27
C ALA D 55 26.10 5.89 -17.17
N ILE D 56 25.04 6.52 -16.67
CA ILE D 56 23.76 5.84 -16.50
C ILE D 56 22.66 6.56 -17.27
N LEU D 57 21.93 5.79 -18.08
CA LEU D 57 20.75 6.31 -18.77
C LEU D 57 19.54 5.46 -18.41
N PRO D 58 18.76 5.90 -17.40
CA PRO D 58 17.57 5.13 -17.05
C PRO D 58 16.48 5.24 -18.11
N LEU D 59 15.93 4.09 -18.50
CA LEU D 59 14.81 4.04 -19.43
C LEU D 59 13.56 3.69 -18.65
N ARG D 60 12.49 4.46 -18.88
CA ARG D 60 11.24 4.25 -18.17
C ARG D 60 10.19 3.62 -19.06
N GLY D 61 9.65 2.50 -18.58
CA GLY D 61 8.59 1.81 -19.28
C GLY D 61 9.07 0.98 -20.45
N LYS D 62 8.15 0.25 -21.06
CA LYS D 62 8.48 -0.56 -22.23
C LYS D 62 8.86 0.34 -23.39
N ILE D 63 9.99 0.03 -24.02
CA ILE D 63 10.48 0.79 -25.16
C ILE D 63 9.59 0.57 -26.38
N ILE D 64 9.45 1.63 -27.18
CA ILE D 64 8.62 1.55 -28.36
C ILE D 64 9.25 0.60 -29.38
N ASN D 65 8.40 -0.24 -29.97
CA ASN D 65 8.83 -1.21 -30.96
C ASN D 65 9.04 -0.54 -32.31
N VAL D 66 10.30 -0.35 -32.68
CA VAL D 66 10.63 0.35 -33.92
C VAL D 66 10.31 -0.49 -35.14
N GLU D 67 10.09 -1.78 -34.94
CA GLU D 67 9.70 -2.68 -36.02
C GLU D 67 8.25 -2.42 -36.43
N LYS D 68 7.39 -2.14 -35.46
CA LYS D 68 5.96 -1.93 -35.73
C LYS D 68 5.61 -0.48 -36.00
N ALA D 69 6.09 0.43 -35.15
CA ALA D 69 5.76 1.85 -35.27
C ALA D 69 6.51 2.50 -36.44
N ARG D 70 5.86 3.47 -37.09
CA ARG D 70 6.51 4.22 -38.15
C ARG D 70 7.61 5.11 -37.58
N ILE D 71 8.58 5.45 -38.42
CA ILE D 71 9.81 6.12 -37.98
C ILE D 71 9.53 7.46 -37.31
N ASP D 72 8.62 8.24 -37.87
CA ASP D 72 8.33 9.56 -37.32
C ASP D 72 7.84 9.46 -35.89
N ARG D 73 7.04 8.44 -35.60
CA ARG D 73 6.53 8.24 -34.26
C ARG D 73 7.64 7.79 -33.31
N VAL D 74 8.56 6.98 -33.83
CA VAL D 74 9.68 6.50 -33.04
C VAL D 74 10.62 7.64 -32.63
N LEU D 75 10.85 8.57 -33.54
CA LEU D 75 11.75 9.69 -33.26
C LEU D 75 11.14 10.69 -32.29
N LYS D 76 9.81 10.64 -32.15
CA LYS D 76 9.11 11.51 -31.22
C LYS D 76 9.09 10.93 -29.82
N ASN D 77 9.41 9.65 -29.69
CA ASN D 77 9.46 8.98 -28.41
C ASN D 77 10.63 9.48 -27.56
N THR D 78 10.32 9.96 -26.35
CA THR D 78 11.34 10.56 -25.49
C THR D 78 12.46 9.59 -25.12
N GLU D 79 12.13 8.33 -24.90
CA GLU D 79 13.12 7.35 -24.48
C GLU D 79 14.08 7.01 -25.62
N VAL D 80 13.55 6.88 -26.83
CA VAL D 80 14.39 6.59 -27.99
C VAL D 80 15.32 7.78 -28.25
N GLN D 81 14.76 8.99 -28.17
CA GLN D 81 15.54 10.21 -28.34
C GLN D 81 16.68 10.25 -27.33
N ALA D 82 16.41 9.82 -26.10
CA ALA D 82 17.42 9.80 -25.05
C ALA D 82 18.57 8.87 -25.42
N ILE D 83 18.23 7.69 -25.92
CA ILE D 83 19.24 6.71 -26.31
C ILE D 83 20.07 7.21 -27.49
N ILE D 84 19.39 7.63 -28.56
CA ILE D 84 20.08 8.13 -29.74
C ILE D 84 20.98 9.30 -29.40
N THR D 85 20.46 10.23 -28.59
CA THR D 85 21.22 11.42 -28.22
C THR D 85 22.42 11.07 -27.34
N ALA D 86 22.22 10.14 -26.41
CA ALA D 86 23.29 9.76 -25.48
C ALA D 86 24.41 9.01 -26.19
N LEU D 87 24.03 8.17 -27.17
CA LEU D 87 25.03 7.41 -27.92
C LEU D 87 25.80 8.33 -28.86
N GLY D 88 25.20 9.47 -29.21
CA GLY D 88 25.87 10.48 -30.01
C GLY D 88 25.87 10.20 -31.50
N THR D 89 25.80 8.93 -31.85
CA THR D 89 25.76 8.53 -33.24
C THR D 89 24.41 8.87 -33.83
N GLY D 90 24.36 9.02 -35.15
CA GLY D 90 23.10 9.19 -35.84
C GLY D 90 22.38 7.85 -35.93
N ILE D 91 21.49 7.75 -36.91
CA ILE D 91 20.76 6.51 -37.17
C ILE D 91 20.67 6.26 -38.67
N HIS D 92 20.54 4.98 -39.03
CA HIS D 92 20.40 4.58 -40.43
C HIS D 92 21.59 5.09 -41.26
N ASP D 93 21.31 5.85 -42.32
CA ASP D 93 22.35 6.28 -43.24
C ASP D 93 23.27 7.34 -42.65
N GLU D 94 22.77 8.08 -41.67
CA GLU D 94 23.56 9.13 -41.03
C GLU D 94 24.34 8.61 -39.83
N PHE D 95 24.48 7.29 -39.73
CA PHE D 95 25.25 6.67 -38.66
C PHE D 95 26.75 6.93 -38.85
N ASP D 96 27.40 7.43 -37.81
CA ASP D 96 28.84 7.70 -37.83
C ASP D 96 29.49 7.21 -36.54
N ILE D 97 30.10 6.03 -36.60
CA ILE D 97 30.67 5.40 -35.41
C ILE D 97 31.77 6.24 -34.76
N GLY D 98 32.36 7.15 -35.53
CA GLY D 98 33.39 8.03 -35.01
C GLY D 98 32.90 8.93 -33.90
N LYS D 99 31.58 9.18 -33.89
CA LYS D 99 30.97 10.07 -32.91
C LYS D 99 30.37 9.32 -31.73
N LEU D 100 30.64 8.01 -31.66
CA LEU D 100 30.17 7.18 -30.55
C LEU D 100 30.77 7.64 -29.23
N ARG D 101 29.90 7.99 -28.28
CA ARG D 101 30.34 8.57 -27.02
C ARG D 101 30.74 7.53 -25.97
N TYR D 102 30.34 6.27 -26.20
CA TYR D 102 30.71 5.18 -25.30
C TYR D 102 31.00 3.90 -26.09
N HIS D 103 32.17 3.32 -25.90
CA HIS D 103 32.55 2.08 -26.60
C HIS D 103 32.01 0.82 -25.92
N LYS D 104 31.31 1.00 -24.80
CA LYS D 104 30.59 -0.09 -24.16
C LYS D 104 29.17 0.36 -23.84
N ILE D 105 28.21 -0.30 -24.48
CA ILE D 105 26.80 -0.01 -24.26
C ILE D 105 26.20 -1.22 -23.55
N VAL D 106 26.12 -1.13 -22.22
CA VAL D 106 25.62 -2.22 -21.40
C VAL D 106 24.13 -2.07 -21.15
N LEU D 107 23.35 -3.02 -21.67
CA LEU D 107 21.93 -3.08 -21.38
C LEU D 107 21.73 -3.84 -20.07
N MET D 108 21.11 -3.19 -19.09
CA MET D 108 20.87 -3.81 -17.80
C MET D 108 19.38 -3.75 -17.44
N ALA D 109 18.73 -4.90 -17.53
CA ALA D 109 17.31 -5.03 -17.23
C ALA D 109 17.10 -6.06 -16.13
N ASP D 110 15.89 -6.11 -15.59
CA ASP D 110 15.57 -7.08 -14.54
C ASP D 110 15.76 -8.49 -15.07
N ALA D 111 16.09 -9.41 -14.17
CA ALA D 111 16.23 -10.81 -14.55
C ALA D 111 14.86 -11.42 -14.85
N ASP D 112 13.80 -10.70 -14.50
CA ASP D 112 12.45 -11.21 -14.73
C ASP D 112 12.10 -11.18 -16.21
N VAL D 113 10.89 -11.63 -16.50
CA VAL D 113 10.44 -11.79 -17.86
C VAL D 113 10.30 -10.47 -18.63
N ASP D 114 9.93 -9.41 -17.91
CA ASP D 114 9.73 -8.11 -18.53
C ASP D 114 11.07 -7.45 -18.89
N GLY D 115 12.12 -7.82 -18.18
CA GLY D 115 13.46 -7.35 -18.52
C GLY D 115 13.91 -7.95 -19.83
N GLN D 116 13.61 -9.24 -20.02
CA GLN D 116 13.93 -9.91 -21.27
C GLN D 116 13.23 -9.21 -22.43
N HIS D 117 11.98 -8.81 -22.22
CA HIS D 117 11.20 -8.14 -23.25
C HIS D 117 11.83 -6.79 -23.62
N ILE D 118 12.22 -6.02 -22.62
CA ILE D 118 12.86 -4.73 -22.87
C ILE D 118 14.17 -4.90 -23.62
N SER D 119 14.88 -6.00 -23.34
CA SER D 119 16.11 -6.31 -24.03
C SER D 119 15.86 -6.47 -25.53
N THR D 120 14.83 -7.24 -25.89
CA THR D 120 14.52 -7.48 -27.29
C THR D 120 14.11 -6.19 -27.99
N LEU D 121 13.45 -5.30 -27.26
CA LEU D 121 13.01 -4.02 -27.82
C LEU D 121 14.21 -3.10 -28.04
N LEU D 122 15.15 -3.09 -27.10
CA LEU D 122 16.37 -2.32 -27.25
C LEU D 122 17.26 -2.88 -28.37
N LEU D 123 17.42 -4.20 -28.38
CA LEU D 123 18.20 -4.87 -29.41
C LEU D 123 17.59 -4.63 -30.79
N THR D 124 16.26 -4.52 -30.85
CA THR D 124 15.57 -4.24 -32.10
C THR D 124 15.84 -2.81 -32.54
N LEU D 125 15.84 -1.88 -31.59
CA LEU D 125 16.20 -0.50 -31.87
C LEU D 125 17.63 -0.43 -32.41
N LEU D 126 18.55 -1.07 -31.71
CA LEU D 126 19.96 -1.03 -32.09
C LEU D 126 20.21 -1.68 -33.45
N PHE D 127 19.62 -2.84 -33.70
CA PHE D 127 19.86 -3.56 -34.95
C PHE D 127 19.30 -2.83 -36.16
N ARG D 128 18.21 -2.08 -35.97
CA ARG D 128 17.53 -1.42 -37.09
C ARG D 128 18.04 0.00 -37.34
N PHE D 129 18.45 0.69 -36.28
CA PHE D 129 18.82 2.10 -36.40
C PHE D 129 20.34 2.29 -36.36
N MET D 130 21.03 1.42 -35.63
CA MET D 130 22.45 1.61 -35.34
C MET D 130 23.19 0.27 -35.35
N ARG D 131 23.03 -0.48 -36.44
CA ARG D 131 23.52 -1.85 -36.51
C ARG D 131 25.03 -2.00 -36.24
N PRO D 132 25.85 -1.08 -36.77
CA PRO D 132 27.30 -1.24 -36.57
C PRO D 132 27.74 -1.34 -35.10
N LEU D 133 26.94 -0.80 -34.18
CA LEU D 133 27.25 -0.90 -32.76
C LEU D 133 27.25 -2.36 -32.32
N ILE D 134 26.39 -3.17 -32.92
CA ILE D 134 26.34 -4.59 -32.63
C ILE D 134 27.47 -5.33 -33.33
N GLU D 135 27.69 -4.99 -34.59
CA GLU D 135 28.71 -5.66 -35.41
C GLU D 135 30.11 -5.46 -34.84
N ASN D 136 30.36 -4.29 -34.25
CA ASN D 136 31.68 -3.96 -33.72
C ASN D 136 31.81 -4.26 -32.23
N GLY D 137 30.84 -4.97 -31.68
CA GLY D 137 30.92 -5.45 -30.31
C GLY D 137 30.89 -4.37 -29.24
N HIS D 138 30.10 -3.32 -29.46
CA HIS D 138 29.94 -2.26 -28.48
C HIS D 138 28.73 -2.50 -27.57
N VAL D 139 27.92 -3.51 -27.92
CA VAL D 139 26.70 -3.81 -27.17
C VAL D 139 26.90 -5.01 -26.25
N PHE D 140 26.54 -4.82 -24.99
CA PHE D 140 26.65 -5.89 -24.00
C PHE D 140 25.36 -6.05 -23.21
N LEU D 141 25.23 -7.20 -22.54
CA LEU D 141 24.10 -7.47 -21.67
C LEU D 141 24.62 -7.79 -20.27
N ALA D 142 24.19 -7.00 -19.29
CA ALA D 142 24.54 -7.24 -17.90
C ALA D 142 23.62 -8.32 -17.34
N GLN D 143 24.21 -9.28 -16.62
CA GLN D 143 23.43 -10.33 -15.97
C GLN D 143 23.25 -10.03 -14.49
N PRO D 144 22.05 -9.59 -14.09
CA PRO D 144 21.90 -9.24 -12.67
C PRO D 144 21.93 -10.46 -11.78
N PRO D 145 22.23 -10.27 -10.48
CA PRO D 145 22.16 -11.39 -9.55
C PRO D 145 20.72 -11.81 -9.28
N LEU D 146 20.52 -13.05 -8.86
CA LEU D 146 19.20 -13.54 -8.50
C LEU D 146 19.10 -13.74 -7.00
N TYR D 147 20.24 -14.07 -6.37
CA TYR D 147 20.26 -14.36 -4.95
C TYR D 147 21.44 -13.70 -4.25
N LYS D 148 21.23 -13.40 -2.97
CA LYS D 148 22.29 -12.93 -2.10
C LYS D 148 22.30 -13.79 -0.84
N LEU D 149 23.33 -14.61 -0.70
CA LEU D 149 23.48 -15.46 0.48
C LEU D 149 24.11 -14.66 1.61
N LYS D 150 23.40 -14.54 2.73
CA LYS D 150 23.86 -13.76 3.86
C LYS D 150 24.34 -14.65 5.01
N TRP D 151 25.60 -15.06 4.94
CA TRP D 151 26.19 -15.92 5.96
C TRP D 151 26.30 -15.16 7.27
N GLN D 152 26.19 -15.88 8.38
CA GLN D 152 26.16 -15.24 9.70
C GLN D 152 27.44 -14.50 10.03
N ARG D 153 28.57 -15.09 9.63
CA ARG D 153 29.87 -14.56 10.01
C ARG D 153 30.71 -14.17 8.80
N SER D 154 30.47 -14.83 7.67
CA SER D 154 31.28 -14.63 6.47
C SER D 154 30.72 -13.52 5.59
N ASP D 155 31.50 -13.12 4.60
CA ASP D 155 31.04 -12.14 3.61
C ASP D 155 29.87 -12.72 2.82
N PRO D 156 28.93 -11.85 2.41
CA PRO D 156 27.79 -12.33 1.63
C PRO D 156 28.19 -12.70 0.20
N GLU D 157 27.55 -13.72 -0.36
CA GLU D 157 27.84 -14.16 -1.72
C GLU D 157 26.62 -13.94 -2.60
N PHE D 158 26.86 -13.65 -3.88
CA PHE D 158 25.80 -13.45 -4.85
C PHE D 158 25.75 -14.61 -5.83
N ALA D 159 24.55 -14.99 -6.24
CA ALA D 159 24.35 -16.06 -7.20
C ALA D 159 23.53 -15.56 -8.37
N TYR D 160 23.87 -16.02 -9.57
CA TYR D 160 23.20 -15.58 -10.80
C TYR D 160 22.30 -16.66 -11.40
N SER D 161 22.11 -17.75 -10.67
CA SER D 161 21.21 -18.82 -11.09
C SER D 161 20.83 -19.69 -9.89
N ASP D 162 19.79 -20.49 -10.06
CA ASP D 162 19.36 -21.41 -9.00
C ASP D 162 20.46 -22.42 -8.70
N ARG D 163 21.16 -22.85 -9.75
CA ARG D 163 22.23 -23.83 -9.60
C ARG D 163 23.36 -23.27 -8.77
N GLU D 164 23.81 -22.07 -9.11
CA GLU D 164 24.91 -21.44 -8.39
C GLU D 164 24.53 -21.20 -6.93
N ARG D 165 23.26 -20.85 -6.69
CA ARG D 165 22.76 -20.69 -5.33
C ARG D 165 22.96 -22.00 -4.57
N ASP D 166 22.50 -23.11 -5.17
CA ASP D 166 22.61 -24.42 -4.55
C ASP D 166 24.06 -24.79 -4.30
N GLY D 167 24.93 -24.46 -5.26
CA GLY D 167 26.35 -24.77 -5.16
C GLY D 167 27.01 -24.00 -4.04
N LEU D 168 26.79 -22.69 -4.01
CA LEU D 168 27.39 -21.85 -3.00
C LEU D 168 26.83 -22.17 -1.61
N LEU D 169 25.56 -22.55 -1.55
CA LEU D 169 24.95 -22.96 -0.30
C LEU D 169 25.61 -24.23 0.22
N GLU D 170 25.73 -25.22 -0.66
CA GLU D 170 26.34 -26.50 -0.30
C GLU D 170 27.79 -26.32 0.14
N ALA D 171 28.55 -25.56 -0.63
CA ALA D 171 29.97 -25.35 -0.35
C ALA D 171 30.16 -24.68 1.01
N GLY D 172 29.40 -23.61 1.25
CA GLY D 172 29.51 -22.87 2.48
C GLY D 172 29.19 -23.74 3.70
N LEU D 173 28.09 -24.48 3.61
CA LEU D 173 27.68 -25.35 4.69
C LEU D 173 28.73 -26.41 4.95
N LYS D 174 29.28 -26.94 3.86
CA LYS D 174 30.33 -27.95 3.95
C LYS D 174 31.59 -27.35 4.58
N ALA D 175 31.77 -26.04 4.36
CA ALA D 175 32.92 -25.32 4.88
C ALA D 175 32.73 -24.91 6.34
N GLY D 176 31.56 -25.19 6.90
CA GLY D 176 31.29 -24.91 8.30
C GLY D 176 30.62 -23.56 8.53
N LYS D 177 30.30 -22.85 7.46
CA LYS D 177 29.58 -21.59 7.57
C LYS D 177 28.12 -21.85 7.86
N LYS D 178 27.40 -20.82 8.30
CA LYS D 178 25.99 -20.97 8.66
C LYS D 178 25.16 -19.77 8.21
N ILE D 179 23.91 -20.05 7.82
CA ILE D 179 22.96 -19.00 7.45
C ILE D 179 21.72 -19.10 8.31
N ASN D 180 21.13 -17.95 8.60
CA ASN D 180 19.82 -17.90 9.26
C ASN D 180 18.73 -18.41 8.31
N LYS D 181 17.69 -19.00 8.89
CA LYS D 181 16.57 -19.51 8.12
C LYS D 181 15.48 -18.46 7.94
N GLU D 182 15.69 -17.28 8.53
CA GLU D 182 14.75 -16.17 8.40
C GLU D 182 15.21 -15.17 7.36
N ASP D 183 16.23 -14.38 7.69
CA ASP D 183 16.84 -13.47 6.72
C ASP D 183 17.34 -14.29 5.54
N GLY D 184 18.31 -15.16 5.82
CA GLY D 184 18.76 -16.17 4.89
C GLY D 184 19.19 -15.70 3.52
N ILE D 185 18.67 -16.36 2.49
CA ILE D 185 18.99 -16.04 1.11
C ILE D 185 17.98 -15.04 0.55
N GLN D 186 18.43 -13.81 0.34
CA GLN D 186 17.59 -12.79 -0.28
C GLN D 186 17.46 -13.06 -1.77
N ARG D 187 16.24 -12.99 -2.28
CA ARG D 187 15.98 -13.19 -3.70
C ARG D 187 15.68 -11.85 -4.38
N TYR D 188 16.46 -11.52 -5.41
CA TYR D 188 16.21 -10.31 -6.18
C TYR D 188 15.14 -10.59 -7.20
N LYS D 189 14.15 -9.70 -7.26
CA LYS D 189 13.09 -9.80 -8.24
C LYS D 189 13.19 -8.68 -9.28
N GLY D 190 14.25 -7.88 -9.17
CA GLY D 190 14.48 -6.78 -10.10
C GLY D 190 15.60 -5.88 -9.62
N LEU D 191 16.16 -5.11 -10.54
CA LEU D 191 17.24 -4.17 -10.22
C LEU D 191 16.80 -3.12 -9.20
N GLY D 192 15.51 -2.78 -9.23
CA GLY D 192 14.97 -1.74 -8.38
C GLY D 192 15.03 -2.06 -6.89
N GLU D 193 15.16 -3.35 -6.58
CA GLU D 193 15.21 -3.80 -5.19
C GLU D 193 16.61 -3.72 -4.60
N MET D 194 17.60 -3.50 -5.46
CA MET D 194 18.99 -3.45 -5.04
C MET D 194 19.39 -2.05 -4.62
N ASP D 195 20.38 -1.96 -3.74
CA ASP D 195 20.97 -0.67 -3.38
C ASP D 195 22.21 -0.40 -4.24
N ALA D 196 22.87 0.72 -3.98
CA ALA D 196 24.03 1.12 -4.78
C ALA D 196 25.17 0.11 -4.68
N LYS D 197 25.49 -0.31 -3.47
CA LYS D 197 26.60 -1.23 -3.23
C LYS D 197 26.40 -2.55 -3.96
N GLU D 198 25.20 -3.12 -3.82
CA GLU D 198 24.87 -4.40 -4.43
C GLU D 198 25.01 -4.37 -5.95
N LEU D 199 24.58 -3.28 -6.57
CA LEU D 199 24.68 -3.15 -8.01
C LEU D 199 26.14 -3.08 -8.44
N TRP D 200 26.95 -2.35 -7.68
CA TRP D 200 28.38 -2.26 -7.98
C TRP D 200 29.02 -3.63 -7.93
N GLU D 201 28.76 -4.36 -6.85
CA GLU D 201 29.45 -5.61 -6.59
C GLU D 201 28.92 -6.81 -7.39
N THR D 202 28.02 -6.57 -8.33
CA THR D 202 27.43 -7.67 -9.11
C THR D 202 27.27 -7.35 -10.60
N THR D 203 27.15 -6.07 -10.96
CA THR D 203 26.88 -5.71 -12.35
C THR D 203 27.72 -4.57 -12.91
N MET D 204 28.38 -3.80 -12.03
CA MET D 204 29.09 -2.59 -12.49
C MET D 204 30.60 -2.64 -12.20
N ASP D 205 31.00 -3.37 -11.17
CA ASP D 205 32.41 -3.55 -10.90
C ASP D 205 33.02 -4.35 -12.04
N PRO D 206 33.93 -3.74 -12.83
CA PRO D 206 34.47 -4.44 -14.00
C PRO D 206 35.28 -5.69 -13.66
N SER D 207 35.66 -5.84 -12.40
CA SER D 207 36.45 -6.99 -11.96
C SER D 207 35.57 -8.15 -11.47
N VAL D 208 34.24 -7.94 -11.46
CA VAL D 208 33.31 -8.93 -10.93
C VAL D 208 32.04 -9.07 -11.77
N ARG D 209 31.75 -8.07 -12.59
CA ARG D 209 30.53 -8.06 -13.38
C ARG D 209 30.51 -9.18 -14.43
N VAL D 210 29.32 -9.71 -14.67
CA VAL D 210 29.11 -10.75 -15.68
C VAL D 210 28.44 -10.14 -16.91
N LEU D 211 29.24 -9.80 -17.93
CA LEU D 211 28.71 -9.23 -19.15
C LEU D 211 28.69 -10.24 -20.30
N ARG D 212 27.71 -10.10 -21.19
CA ARG D 212 27.64 -10.87 -22.41
C ARG D 212 27.69 -9.95 -23.61
N GLN D 213 28.63 -10.19 -24.51
CA GLN D 213 28.79 -9.36 -25.70
C GLN D 213 27.89 -9.85 -26.84
N VAL D 214 27.01 -8.98 -27.32
CA VAL D 214 26.10 -9.34 -28.39
C VAL D 214 26.86 -9.47 -29.70
N THR D 215 26.78 -10.67 -30.30
CA THR D 215 27.42 -10.96 -31.57
C THR D 215 26.39 -11.05 -32.69
N LEU D 216 26.82 -10.68 -33.90
CA LEU D 216 25.97 -10.78 -35.09
C LEU D 216 26.66 -11.59 -36.17
N ASP D 217 26.23 -12.83 -36.34
CA ASP D 217 26.83 -13.70 -37.34
C ASP D 217 26.13 -13.54 -38.69
N ASP D 218 24.96 -14.14 -38.84
CA ASP D 218 24.20 -14.07 -40.08
C ASP D 218 23.24 -12.89 -40.06
N ALA D 219 23.56 -11.86 -40.83
CA ALA D 219 22.77 -10.63 -40.85
C ALA D 219 21.40 -10.87 -41.46
N ALA D 220 21.35 -11.67 -42.53
CA ALA D 220 20.10 -11.96 -43.22
C ALA D 220 19.16 -12.77 -42.33
N ALA D 221 19.72 -13.74 -41.62
CA ALA D 221 18.95 -14.57 -40.69
C ALA D 221 18.41 -13.71 -39.56
N ALA D 222 19.25 -12.82 -39.05
CA ALA D 222 18.85 -11.91 -37.97
C ALA D 222 17.70 -11.03 -38.44
N ASP D 223 17.83 -10.47 -39.63
CA ASP D 223 16.80 -9.64 -40.23
C ASP D 223 15.46 -10.36 -40.23
N GLU D 224 15.47 -11.63 -40.59
CA GLU D 224 14.24 -12.43 -40.66
C GLU D 224 13.65 -12.67 -39.28
N LEU D 225 14.50 -13.04 -38.33
CA LEU D 225 14.05 -13.33 -36.97
C LEU D 225 13.45 -12.09 -36.32
N PHE D 226 14.11 -10.95 -36.51
CA PHE D 226 13.61 -9.69 -35.97
C PHE D 226 12.23 -9.36 -36.53
N SER D 227 12.06 -9.55 -37.84
CA SER D 227 10.80 -9.25 -38.49
C SER D 227 9.68 -10.18 -38.04
N ILE D 228 10.00 -11.46 -37.83
CA ILE D 228 9.00 -12.42 -37.38
C ILE D 228 8.54 -12.09 -35.96
N LEU D 229 9.50 -11.96 -35.05
CA LEU D 229 9.20 -11.76 -33.64
C LEU D 229 8.63 -10.37 -33.34
N MET D 230 9.17 -9.35 -34.00
CA MET D 230 8.85 -7.97 -33.66
C MET D 230 7.93 -7.28 -34.68
N GLY D 231 7.69 -7.91 -35.81
CA GLY D 231 6.95 -7.30 -36.90
C GLY D 231 5.45 -7.17 -36.67
N GLU D 232 4.74 -6.68 -37.68
CA GLU D 232 3.30 -6.48 -37.59
C GLU D 232 2.53 -7.78 -37.80
N ASP D 233 3.17 -8.75 -38.47
CA ASP D 233 2.55 -10.03 -38.77
C ASP D 233 2.36 -10.89 -37.51
N VAL D 234 1.13 -10.96 -37.01
CA VAL D 234 0.85 -11.73 -35.81
C VAL D 234 0.94 -13.23 -36.07
N ASP D 235 0.34 -13.67 -37.17
CA ASP D 235 0.30 -15.09 -37.51
C ASP D 235 1.69 -15.69 -37.54
N ALA D 236 2.61 -15.00 -38.22
CA ALA D 236 3.99 -15.46 -38.32
C ALA D 236 4.60 -15.62 -36.94
N ARG D 237 4.33 -14.64 -36.07
CA ARG D 237 4.84 -14.67 -34.70
C ARG D 237 4.20 -15.79 -33.89
N ARG D 238 2.90 -15.96 -34.04
CA ARG D 238 2.18 -17.01 -33.32
C ARG D 238 2.73 -18.39 -33.71
N SER D 239 2.86 -18.65 -35.01
CA SER D 239 3.33 -19.96 -35.45
C SER D 239 4.79 -20.18 -35.07
N PHE D 240 5.59 -19.11 -35.06
CA PHE D 240 6.99 -19.23 -34.67
C PHE D 240 7.13 -19.63 -33.21
N ILE D 241 6.33 -19.01 -32.34
CA ILE D 241 6.39 -19.31 -30.92
C ILE D 241 5.91 -20.73 -30.63
N THR D 242 4.78 -21.11 -31.19
CA THR D 242 4.25 -22.46 -30.97
C THR D 242 5.22 -23.51 -31.51
N ARG D 243 6.00 -23.14 -32.53
CA ARG D 243 6.94 -24.07 -33.16
C ARG D 243 8.22 -24.24 -32.36
N ASN D 244 8.71 -23.16 -31.75
CA ASN D 244 10.05 -23.13 -31.18
C ASN D 244 10.10 -23.00 -29.66
N ALA D 245 8.97 -22.68 -29.04
CA ALA D 245 8.94 -22.55 -27.59
C ALA D 245 9.14 -23.91 -26.92
N LYS D 246 8.70 -24.96 -27.61
CA LYS D 246 8.84 -26.33 -27.12
C LYS D 246 10.29 -26.72 -26.92
N ASP D 247 11.20 -26.04 -27.63
CA ASP D 247 12.61 -26.43 -27.67
C ASP D 247 13.53 -25.29 -27.21
N VAL D 248 12.99 -24.36 -26.44
CA VAL D 248 13.77 -23.22 -25.99
C VAL D 248 14.83 -23.66 -24.97
N ARG D 249 14.50 -24.68 -24.20
CA ARG D 249 15.40 -25.21 -23.18
C ARG D 249 16.64 -25.86 -23.77
N PHE D 250 16.52 -26.37 -24.99
CA PHE D 250 17.55 -27.23 -25.57
C PHE D 250 18.38 -26.52 -26.64
N LEU D 251 18.43 -25.21 -26.58
CA LEU D 251 19.18 -24.43 -27.57
C LEU D 251 20.68 -24.54 -27.35
N ASP D 252 21.09 -24.75 -26.10
CA ASP D 252 22.50 -24.78 -25.72
C ASP D 252 22.95 -26.16 -25.21
N VAL D 253 22.10 -27.16 -25.32
CA VAL D 253 22.44 -28.51 -24.88
C VAL D 253 23.43 -29.15 -25.84
MG MG I . -9.53 15.00 4.82
MG MG J . 10.82 -6.07 -13.27
C01 GFN K . -2.82 22.52 -7.04
C02 GFN K . -1.71 21.56 -7.50
C03 GFN K . -1.75 20.30 -6.63
N04 GFN K . -0.77 19.36 -7.09
C05 GFN K . -0.86 19.02 -8.47
C06 GFN K . -0.91 20.27 -9.34
N07 GFN K . -1.88 21.22 -8.88
C08 GFN K . -0.43 18.26 -6.17
C09 GFN K . 0.92 17.93 -6.06
C10 GFN K . 1.33 16.90 -5.20
C11 GFN K . 0.38 16.19 -4.43
C12 GFN K . -0.97 16.50 -4.52
C13 GFN K . -1.37 17.56 -5.40
O14 GFN K . -2.74 17.91 -5.54
C15 GFN K . -3.37 17.16 -6.58
N16 GFN K . -1.85 15.76 -3.73
C17 GFN K . -1.40 14.78 -2.92
C18 GFN K . -0.05 14.46 -2.82
C19 GFN K . 0.87 15.17 -3.58
O20 GFN K . 2.06 14.92 -3.52
C21 GFN K . 0.32 13.34 -1.86
O22 GFN K . -0.59 12.62 -1.38
O23 GFN K . 1.53 13.16 -1.52
C24 GFN K . -3.27 15.97 -3.71
C25 GFN K . -4.23 17.03 -3.17
C26 GFN K . -4.01 15.74 -2.40
F27 GFN K . 1.84 18.59 -6.78
H011 GFN K . -3.70 22.09 -7.16
H012 GFN K . -2.77 23.34 -7.56
H013 GFN K . -2.69 22.73 -6.09
H021 GFN K . -0.84 21.99 -7.37
H032 GFN K . -2.64 19.92 -6.71
H031 GFN K . -1.56 20.54 -5.70
H051 GFN K . -1.68 18.48 -8.62
H052 GFN K . -0.08 18.48 -8.73
H062 GFN K . -1.13 20.02 -10.26
H061 GFN K . -0.02 20.69 -9.33
H071 GFN K . -1.82 21.99 -9.39
H101 GFN K . 2.28 16.68 -5.13
H151 GFN K . -3.41 17.70 -7.41
H153 GFN K . -4.29 16.93 -6.31
H152 GFN K . -2.87 16.34 -6.76
H171 GFN K . -2.05 14.28 -2.38
H241 GFN K . -3.70 15.47 -4.43
H252 GFN K . -5.08 17.10 -3.64
H251 GFN K . -3.81 17.82 -2.79
H262 GFN K . -4.74 15.08 -2.45
H261 GFN K . -3.49 15.83 -1.58
MG MG L . 3.34 13.88 -2.09
MG MG M . -0.56 2.95 -14.06
C01 GFN N . 7.97 6.77 -21.25
C02 GFN N . 6.80 7.37 -20.46
C03 GFN N . 6.44 6.45 -19.30
N04 GFN N . 5.43 7.05 -18.46
C05 GFN N . 5.70 8.39 -18.03
C06 GFN N . 6.14 9.27 -19.20
N07 GFN N . 7.17 8.67 -19.99
C08 GFN N . 4.73 6.21 -17.49
C09 GFN N . 3.35 6.35 -17.42
C10 GFN N . 2.61 5.59 -16.52
C11 GFN N . 3.25 4.64 -15.69
C12 GFN N . 4.62 4.46 -15.75
C13 GFN N . 5.38 5.26 -16.67
O14 GFN N . 6.78 5.14 -16.78
C15 GFN N . 7.45 6.05 -15.89
N16 GFN N . 5.18 3.51 -14.89
C17 GFN N . 4.42 2.79 -14.05
C18 GFN N . 3.04 2.94 -13.98
C19 GFN N . 2.43 3.88 -14.81
O20 GFN N . 1.23 4.05 -14.77
C21 GFN N . 2.25 2.09 -13.01
O22 GFN N . 1.01 1.90 -13.18
O23 GFN N . 2.83 1.54 -12.03
C24 GFN N . 6.59 3.22 -14.87
C25 GFN N . 7.62 2.54 -15.76
C26 GFN N . 7.01 1.78 -14.61
F27 GFN N . 2.75 7.25 -18.20
H011 GFN N . 8.75 6.69 -20.67
H012 GFN N . 8.17 7.34 -22.02
H013 GFN N . 7.71 5.86 -21.57
H021 GFN N . 6.02 7.45 -21.05
H032 GFN N . 7.25 6.29 -18.78
H031 GFN N . 6.09 5.59 -19.65
H051 GFN N . 6.43 8.36 -17.36
H052 GFN N . 4.90 8.77 -17.63
H062 GFN N . 6.46 10.13 -18.86
H061 GFN N . 5.36 9.43 -19.77
H071 GFN N . 7.37 9.20 -20.71
H101 GFN N . 1.64 5.70 -16.47
H151 GFN N . 7.75 6.83 -16.39
H153 GFN N . 8.21 5.59 -15.48
H152 GFN N . 6.82 6.32 -15.17
H171 GFN N . 4.85 2.12 -13.47
H241 GFN N . 7.04 3.81 -14.23
H252 GFN N . 8.56 2.83 -15.63
H251 GFN N . 7.31 2.30 -16.66
H262 GFN N . 7.59 1.63 -13.83
H261 GFN N . 6.37 1.08 -14.87
#